data_3UCI
# 
_entry.id   3UCI 
# 
_audit_conform.dict_name       mmcif_pdbx.dic 
_audit_conform.dict_version    5.398 
_audit_conform.dict_location   http://mmcif.pdb.org/dictionaries/ascii/mmcif_pdbx.dic 
# 
loop_
_database_2.database_id 
_database_2.database_code 
_database_2.pdbx_database_accession 
_database_2.pdbx_DOI 
PDB   3UCI         pdb_00003uci 10.2210/pdb3uci/pdb 
RCSB  RCSB068581   ?            ?                   
WWPDB D_1000068581 ?            ?                   
# 
loop_
_pdbx_audit_revision_history.ordinal 
_pdbx_audit_revision_history.data_content_type 
_pdbx_audit_revision_history.major_revision 
_pdbx_audit_revision_history.minor_revision 
_pdbx_audit_revision_history.revision_date 
1 'Structure model' 1 0 2012-11-21 
2 'Structure model' 1 1 2023-11-01 
3 'Structure model' 1 2 2024-11-13 
# 
_pdbx_audit_revision_details.ordinal             1 
_pdbx_audit_revision_details.revision_ordinal    1 
_pdbx_audit_revision_details.data_content_type   'Structure model' 
_pdbx_audit_revision_details.provider            repository 
_pdbx_audit_revision_details.type                'Initial release' 
_pdbx_audit_revision_details.description         ? 
_pdbx_audit_revision_details.details             ? 
# 
loop_
_pdbx_audit_revision_group.ordinal 
_pdbx_audit_revision_group.revision_ordinal 
_pdbx_audit_revision_group.data_content_type 
_pdbx_audit_revision_group.group 
1 2 'Structure model' 'Data collection'        
2 2 'Structure model' 'Database references'    
3 2 'Structure model' 'Refinement description' 
4 3 'Structure model' 'Structure summary'      
# 
loop_
_pdbx_audit_revision_category.ordinal 
_pdbx_audit_revision_category.revision_ordinal 
_pdbx_audit_revision_category.data_content_type 
_pdbx_audit_revision_category.category 
1 2 'Structure model' chem_comp_atom                
2 2 'Structure model' chem_comp_bond                
3 2 'Structure model' database_2                    
4 2 'Structure model' pdbx_initial_refinement_model 
5 2 'Structure model' struct_ref_seq_dif            
6 3 'Structure model' pdbx_entry_details            
7 3 'Structure model' pdbx_modification_feature     
# 
loop_
_pdbx_audit_revision_item.ordinal 
_pdbx_audit_revision_item.revision_ordinal 
_pdbx_audit_revision_item.data_content_type 
_pdbx_audit_revision_item.item 
1 2 'Structure model' '_database_2.pdbx_DOI'                
2 2 'Structure model' '_database_2.pdbx_database_accession' 
3 2 'Structure model' '_struct_ref_seq_dif.details'         
# 
_pdbx_database_status.status_code                     REL 
_pdbx_database_status.entry_id                        3UCI 
_pdbx_database_status.recvd_initial_deposition_date   2011-10-27 
_pdbx_database_status.deposit_site                    RCSB 
_pdbx_database_status.process_site                    PDBJ 
_pdbx_database_status.status_code_sf                  REL 
_pdbx_database_status.status_code_mr                  ? 
_pdbx_database_status.SG_entry                        ? 
_pdbx_database_status.status_code_cs                  ? 
_pdbx_database_status.pdb_format_compatible           Y 
_pdbx_database_status.status_code_nmr_data            ? 
_pdbx_database_status.methods_development_category    ? 
# 
loop_
_audit_author.name 
_audit_author.pdbx_ordinal 
'Shiu, J.H.'   1 
'Chen, C.Y.'   2 
'Chen, Y.C.'   3 
'Chang, Y.T.'  4 
'Chang, Y.S.'  5 
'Huang, C.H.'  6 
'Chuang, W.J.' 7 
# 
_citation.id                        primary 
_citation.title                     'Design of Integrin AlphaVbeta3-Specific Disintegrin for Cancer Therapy' 
_citation.journal_abbrev            'To be Published' 
_citation.journal_volume            ? 
_citation.page_first                ? 
_citation.page_last                 ? 
_citation.year                      ? 
_citation.journal_id_ASTM           ? 
_citation.country                   ? 
_citation.journal_id_ISSN           ? 
_citation.journal_id_CSD            0353 
_citation.book_publisher            ? 
_citation.pdbx_database_id_PubMed   ? 
_citation.pdbx_database_id_DOI      ? 
# 
loop_
_citation_author.citation_id 
_citation_author.name 
_citation_author.ordinal 
_citation_author.identifier_ORCID 
primary 'Shiu, J.H.'   1 ? 
primary 'Chen, C.Y.'   2 ? 
primary 'Chen, Y.C.'   3 ? 
primary 'Chang, Y.T.'  4 ? 
primary 'Chang, Y.S.'  5 ? 
primary 'Huang, C.H.'  6 ? 
primary 'Chuang, W.J.' 7 ? 
# 
loop_
_entity.id 
_entity.type 
_entity.src_method 
_entity.pdbx_description 
_entity.formula_weight 
_entity.pdbx_number_of_molecules 
_entity.pdbx_ec 
_entity.pdbx_mutation 
_entity.pdbx_fragment 
_entity.details 
1 polymer man disintegrin 7847.845 1   ? 'P48A, G50L, M52D, P53L' ? ? 
2 water   nat water       18.015   102 ? ?                        ? ? 
# 
_entity_name_com.entity_id   1 
_entity_name_com.name        'Disintegrin rhodostomin, RHO, Disintegrin kistrin, Platelet aggregation activation inhibitor' 
# 
_entity_poly.entity_id                      1 
_entity_poly.type                           'polypeptide(L)' 
_entity_poly.nstd_linkage                   no 
_entity_poly.nstd_monomer                   no 
_entity_poly.pdbx_seq_one_letter_code       EAEFGKECDCSSPENPCCDAATCKLRPGAQCGEGLCCEQCKFSRAGKICRIARLDDLDDRCTGQSADCPRYH 
_entity_poly.pdbx_seq_one_letter_code_can   EAEFGKECDCSSPENPCCDAATCKLRPGAQCGEGLCCEQCKFSRAGKICRIARLDDLDDRCTGQSADCPRYH 
_entity_poly.pdbx_strand_id                 A 
_entity_poly.pdbx_target_identifier         ? 
# 
_pdbx_entity_nonpoly.entity_id   2 
_pdbx_entity_nonpoly.name        water 
_pdbx_entity_nonpoly.comp_id     HOH 
# 
loop_
_entity_poly_seq.entity_id 
_entity_poly_seq.num 
_entity_poly_seq.mon_id 
_entity_poly_seq.hetero 
1 1  GLU n 
1 2  ALA n 
1 3  GLU n 
1 4  PHE n 
1 5  GLY n 
1 6  LYS n 
1 7  GLU n 
1 8  CYS n 
1 9  ASP n 
1 10 CYS n 
1 11 SER n 
1 12 SER n 
1 13 PRO n 
1 14 GLU n 
1 15 ASN n 
1 16 PRO n 
1 17 CYS n 
1 18 CYS n 
1 19 ASP n 
1 20 ALA n 
1 21 ALA n 
1 22 THR n 
1 23 CYS n 
1 24 LYS n 
1 25 LEU n 
1 26 ARG n 
1 27 PRO n 
1 28 GLY n 
1 29 ALA n 
1 30 GLN n 
1 31 CYS n 
1 32 GLY n 
1 33 GLU n 
1 34 GLY n 
1 35 LEU n 
1 36 CYS n 
1 37 CYS n 
1 38 GLU n 
1 39 GLN n 
1 40 CYS n 
1 41 LYS n 
1 42 PHE n 
1 43 SER n 
1 44 ARG n 
1 45 ALA n 
1 46 GLY n 
1 47 LYS n 
1 48 ILE n 
1 49 CYS n 
1 50 ARG n 
1 51 ILE n 
1 52 ALA n 
1 53 ARG n 
1 54 LEU n 
1 55 ASP n 
1 56 ASP n 
1 57 LEU n 
1 58 ASP n 
1 59 ASP n 
1 60 ARG n 
1 61 CYS n 
1 62 THR n 
1 63 GLY n 
1 64 GLN n 
1 65 SER n 
1 66 ALA n 
1 67 ASP n 
1 68 CYS n 
1 69 PRO n 
1 70 ARG n 
1 71 TYR n 
1 72 HIS n 
# 
_entity_src_gen.entity_id                          1 
_entity_src_gen.pdbx_src_id                        1 
_entity_src_gen.pdbx_alt_source_flag               sample 
_entity_src_gen.pdbx_seq_type                      ? 
_entity_src_gen.pdbx_beg_seq_num                   ? 
_entity_src_gen.pdbx_end_seq_num                   ? 
_entity_src_gen.gene_src_common_name               'Malayan pit viper' 
_entity_src_gen.gene_src_genus                     ? 
_entity_src_gen.pdbx_gene_src_gene                 RHOD 
_entity_src_gen.gene_src_species                   ? 
_entity_src_gen.gene_src_strain                    ? 
_entity_src_gen.gene_src_tissue                    ? 
_entity_src_gen.gene_src_tissue_fraction           ? 
_entity_src_gen.gene_src_details                   ? 
_entity_src_gen.pdbx_gene_src_fragment             ? 
_entity_src_gen.pdbx_gene_src_scientific_name      'Calloselasma rhodostoma' 
_entity_src_gen.pdbx_gene_src_ncbi_taxonomy_id     8717 
_entity_src_gen.pdbx_gene_src_variant              ? 
_entity_src_gen.pdbx_gene_src_cell_line            ? 
_entity_src_gen.pdbx_gene_src_atcc                 ? 
_entity_src_gen.pdbx_gene_src_organ                ? 
_entity_src_gen.pdbx_gene_src_organelle            ? 
_entity_src_gen.pdbx_gene_src_cell                 ? 
_entity_src_gen.pdbx_gene_src_cellular_location    ? 
_entity_src_gen.host_org_common_name               ? 
_entity_src_gen.pdbx_host_org_scientific_name      'Pichia pastoris' 
_entity_src_gen.pdbx_host_org_ncbi_taxonomy_id     4922 
_entity_src_gen.host_org_genus                     ? 
_entity_src_gen.pdbx_host_org_gene                 ? 
_entity_src_gen.pdbx_host_org_organ                ? 
_entity_src_gen.host_org_species                   ? 
_entity_src_gen.pdbx_host_org_tissue               ? 
_entity_src_gen.pdbx_host_org_tissue_fraction      ? 
_entity_src_gen.pdbx_host_org_strain               X33 
_entity_src_gen.pdbx_host_org_variant              ? 
_entity_src_gen.pdbx_host_org_cell_line            ? 
_entity_src_gen.pdbx_host_org_atcc                 ? 
_entity_src_gen.pdbx_host_org_culture_collection   ? 
_entity_src_gen.pdbx_host_org_cell                 ? 
_entity_src_gen.pdbx_host_org_organelle            ? 
_entity_src_gen.pdbx_host_org_cellular_location    ? 
_entity_src_gen.pdbx_host_org_vector_type          plasmid 
_entity_src_gen.pdbx_host_org_vector               ? 
_entity_src_gen.host_org_details                   ? 
_entity_src_gen.expression_system_id               ? 
_entity_src_gen.plasmid_name                       pPICZa 
_entity_src_gen.plasmid_details                    ? 
_entity_src_gen.pdbx_description                   ? 
# 
loop_
_chem_comp.id 
_chem_comp.type 
_chem_comp.mon_nstd_flag 
_chem_comp.name 
_chem_comp.pdbx_synonyms 
_chem_comp.formula 
_chem_comp.formula_weight 
ALA 'L-peptide linking' y ALANINE         ? 'C3 H7 N O2'     89.093  
ARG 'L-peptide linking' y ARGININE        ? 'C6 H15 N4 O2 1' 175.209 
ASN 'L-peptide linking' y ASPARAGINE      ? 'C4 H8 N2 O3'    132.118 
ASP 'L-peptide linking' y 'ASPARTIC ACID' ? 'C4 H7 N O4'     133.103 
CYS 'L-peptide linking' y CYSTEINE        ? 'C3 H7 N O2 S'   121.158 
GLN 'L-peptide linking' y GLUTAMINE       ? 'C5 H10 N2 O3'   146.144 
GLU 'L-peptide linking' y 'GLUTAMIC ACID' ? 'C5 H9 N O4'     147.129 
GLY 'peptide linking'   y GLYCINE         ? 'C2 H5 N O2'     75.067  
HIS 'L-peptide linking' y HISTIDINE       ? 'C6 H10 N3 O2 1' 156.162 
HOH non-polymer         . WATER           ? 'H2 O'           18.015  
ILE 'L-peptide linking' y ISOLEUCINE      ? 'C6 H13 N O2'    131.173 
LEU 'L-peptide linking' y LEUCINE         ? 'C6 H13 N O2'    131.173 
LYS 'L-peptide linking' y LYSINE          ? 'C6 H15 N2 O2 1' 147.195 
MET 'L-peptide linking' y METHIONINE      ? 'C5 H11 N O2 S'  149.211 
PHE 'L-peptide linking' y PHENYLALANINE   ? 'C9 H11 N O2'    165.189 
PRO 'L-peptide linking' y PROLINE         ? 'C5 H9 N O2'     115.130 
SER 'L-peptide linking' y SERINE          ? 'C3 H7 N O3'     105.093 
THR 'L-peptide linking' y THREONINE       ? 'C4 H9 N O3'     119.119 
TYR 'L-peptide linking' y TYROSINE        ? 'C9 H11 N O3'    181.189 
# 
loop_
_pdbx_poly_seq_scheme.asym_id 
_pdbx_poly_seq_scheme.entity_id 
_pdbx_poly_seq_scheme.seq_id 
_pdbx_poly_seq_scheme.mon_id 
_pdbx_poly_seq_scheme.ndb_seq_num 
_pdbx_poly_seq_scheme.pdb_seq_num 
_pdbx_poly_seq_scheme.auth_seq_num 
_pdbx_poly_seq_scheme.pdb_mon_id 
_pdbx_poly_seq_scheme.auth_mon_id 
_pdbx_poly_seq_scheme.pdb_strand_id 
_pdbx_poly_seq_scheme.pdb_ins_code 
_pdbx_poly_seq_scheme.hetero 
A 1 1  GLU 1  -4 -4 GLU GLU A . n 
A 1 2  ALA 2  -3 -3 ALA ALA A . n 
A 1 3  GLU 3  -2 -2 GLU GLU A . n 
A 1 4  PHE 4  -1 -1 PHE PHE A . n 
A 1 5  GLY 5  1  1  GLY GLY A . n 
A 1 6  LYS 6  2  2  LYS LYS A . n 
A 1 7  GLU 7  3  3  GLU GLU A . n 
A 1 8  CYS 8  4  4  CYS CYS A . n 
A 1 9  ASP 9  5  5  ASP ASP A . n 
A 1 10 CYS 10 6  6  CYS CYS A . n 
A 1 11 SER 11 7  7  SER SER A . n 
A 1 12 SER 12 8  8  SER SER A . n 
A 1 13 PRO 13 9  9  PRO PRO A . n 
A 1 14 GLU 14 10 10 GLU GLU A . n 
A 1 15 ASN 15 11 11 ASN ASN A . n 
A 1 16 PRO 16 12 12 PRO PRO A . n 
A 1 17 CYS 17 13 13 CYS CYS A . n 
A 1 18 CYS 18 14 14 CYS CYS A . n 
A 1 19 ASP 19 15 15 ASP ASP A . n 
A 1 20 ALA 20 16 16 ALA ALA A . n 
A 1 21 ALA 21 17 17 ALA ALA A . n 
A 1 22 THR 22 18 18 THR THR A . n 
A 1 23 CYS 23 19 19 CYS CYS A . n 
A 1 24 LYS 24 20 20 LYS LYS A . n 
A 1 25 LEU 25 21 21 LEU LEU A . n 
A 1 26 ARG 26 22 22 ARG ARG A . n 
A 1 27 PRO 27 23 23 PRO PRO A . n 
A 1 28 GLY 28 24 24 GLY GLY A . n 
A 1 29 ALA 29 25 25 ALA ALA A . n 
A 1 30 GLN 30 26 26 GLN GLN A . n 
A 1 31 CYS 31 27 27 CYS CYS A . n 
A 1 32 GLY 32 28 28 GLY GLY A . n 
A 1 33 GLU 33 29 29 GLU GLU A . n 
A 1 34 GLY 34 30 30 GLY GLY A . n 
A 1 35 LEU 35 31 31 LEU LEU A . n 
A 1 36 CYS 36 32 32 CYS CYS A . n 
A 1 37 CYS 37 33 33 CYS CYS A . n 
A 1 38 GLU 38 34 34 GLU GLU A . n 
A 1 39 GLN 39 35 35 GLN GLN A . n 
A 1 40 CYS 40 36 36 CYS CYS A . n 
A 1 41 LYS 41 37 37 LYS LYS A . n 
A 1 42 PHE 42 38 38 PHE PHE A . n 
A 1 43 SER 43 39 39 SER SER A . n 
A 1 44 ARG 44 40 40 ARG ARG A . n 
A 1 45 ALA 45 41 41 ALA ALA A . n 
A 1 46 GLY 46 42 42 GLY GLY A . n 
A 1 47 LYS 47 43 43 LYS LYS A . n 
A 1 48 ILE 48 44 44 ILE ILE A . n 
A 1 49 CYS 49 45 45 CYS CYS A . n 
A 1 50 ARG 50 46 46 ARG ARG A . n 
A 1 51 ILE 51 47 47 ILE ILE A . n 
A 1 52 ALA 52 48 48 ALA ALA A . n 
A 1 53 ARG 53 49 49 ARG ARG A . n 
A 1 54 LEU 54 50 50 LEU LEU A . n 
A 1 55 ASP 55 51 51 ASP ASP A . n 
A 1 56 ASP 56 52 52 ASP ASP A . n 
A 1 57 LEU 57 53 53 LEU LEU A . n 
A 1 58 ASP 58 54 54 ASP ASP A . n 
A 1 59 ASP 59 55 55 ASP ASP A . n 
A 1 60 ARG 60 56 56 ARG ARG A . n 
A 1 61 CYS 61 57 57 CYS CYS A . n 
A 1 62 THR 62 58 58 THR THR A . n 
A 1 63 GLY 63 59 59 GLY GLY A . n 
A 1 64 GLN 64 60 60 GLN GLN A . n 
A 1 65 SER 65 61 61 SER SER A . n 
A 1 66 ALA 66 62 62 ALA ALA A . n 
A 1 67 ASP 67 63 63 ASP ASP A . n 
A 1 68 CYS 68 64 64 CYS CYS A . n 
A 1 69 PRO 69 65 65 PRO PRO A . n 
A 1 70 ARG 70 66 66 ARG ARG A . n 
A 1 71 TYR 71 67 67 TYR TYR A . n 
A 1 72 HIS 72 68 68 HIS HIS A . n 
# 
loop_
_pdbx_nonpoly_scheme.asym_id 
_pdbx_nonpoly_scheme.entity_id 
_pdbx_nonpoly_scheme.mon_id 
_pdbx_nonpoly_scheme.ndb_seq_num 
_pdbx_nonpoly_scheme.pdb_seq_num 
_pdbx_nonpoly_scheme.auth_seq_num 
_pdbx_nonpoly_scheme.pdb_mon_id 
_pdbx_nonpoly_scheme.auth_mon_id 
_pdbx_nonpoly_scheme.pdb_strand_id 
_pdbx_nonpoly_scheme.pdb_ins_code 
B 2 HOH 1   69  69  HOH HOH A . 
B 2 HOH 2   70  70  HOH HOH A . 
B 2 HOH 3   71  71  HOH HOH A . 
B 2 HOH 4   72  72  HOH HOH A . 
B 2 HOH 5   73  73  HOH HOH A . 
B 2 HOH 6   74  74  HOH HOH A . 
B 2 HOH 7   75  75  HOH HOH A . 
B 2 HOH 8   76  76  HOH HOH A . 
B 2 HOH 9   77  77  HOH HOH A . 
B 2 HOH 10  78  78  HOH HOH A . 
B 2 HOH 11  79  79  HOH HOH A . 
B 2 HOH 12  80  80  HOH HOH A . 
B 2 HOH 13  81  81  HOH HOH A . 
B 2 HOH 14  82  82  HOH HOH A . 
B 2 HOH 15  83  83  HOH HOH A . 
B 2 HOH 16  84  84  HOH HOH A . 
B 2 HOH 17  85  85  HOH HOH A . 
B 2 HOH 18  86  86  HOH HOH A . 
B 2 HOH 19  87  87  HOH HOH A . 
B 2 HOH 20  88  88  HOH HOH A . 
B 2 HOH 21  89  89  HOH HOH A . 
B 2 HOH 22  90  90  HOH HOH A . 
B 2 HOH 23  91  91  HOH HOH A . 
B 2 HOH 24  92  92  HOH HOH A . 
B 2 HOH 25  93  93  HOH HOH A . 
B 2 HOH 26  94  94  HOH HOH A . 
B 2 HOH 27  95  95  HOH HOH A . 
B 2 HOH 28  96  96  HOH HOH A . 
B 2 HOH 29  97  97  HOH HOH A . 
B 2 HOH 30  98  98  HOH HOH A . 
B 2 HOH 31  99  99  HOH HOH A . 
B 2 HOH 32  100 100 HOH HOH A . 
B 2 HOH 33  101 101 HOH HOH A . 
B 2 HOH 34  102 102 HOH HOH A . 
B 2 HOH 35  103 1   HOH HOH A . 
B 2 HOH 36  104 2   HOH HOH A . 
B 2 HOH 37  105 3   HOH HOH A . 
B 2 HOH 38  106 4   HOH HOH A . 
B 2 HOH 39  107 5   HOH HOH A . 
B 2 HOH 40  108 6   HOH HOH A . 
B 2 HOH 41  109 7   HOH HOH A . 
B 2 HOH 42  110 8   HOH HOH A . 
B 2 HOH 43  111 9   HOH HOH A . 
B 2 HOH 44  112 10  HOH HOH A . 
B 2 HOH 45  113 11  HOH HOH A . 
B 2 HOH 46  114 12  HOH HOH A . 
B 2 HOH 47  115 13  HOH HOH A . 
B 2 HOH 48  116 14  HOH HOH A . 
B 2 HOH 49  117 15  HOH HOH A . 
B 2 HOH 50  118 16  HOH HOH A . 
B 2 HOH 51  119 17  HOH HOH A . 
B 2 HOH 52  120 18  HOH HOH A . 
B 2 HOH 53  121 19  HOH HOH A . 
B 2 HOH 54  122 20  HOH HOH A . 
B 2 HOH 55  123 21  HOH HOH A . 
B 2 HOH 56  124 22  HOH HOH A . 
B 2 HOH 57  125 23  HOH HOH A . 
B 2 HOH 58  126 24  HOH HOH A . 
B 2 HOH 59  127 25  HOH HOH A . 
B 2 HOH 60  128 26  HOH HOH A . 
B 2 HOH 61  129 27  HOH HOH A . 
B 2 HOH 62  130 28  HOH HOH A . 
B 2 HOH 63  131 29  HOH HOH A . 
B 2 HOH 64  132 30  HOH HOH A . 
B 2 HOH 65  133 31  HOH HOH A . 
B 2 HOH 66  134 32  HOH HOH A . 
B 2 HOH 67  135 33  HOH HOH A . 
B 2 HOH 68  136 34  HOH HOH A . 
B 2 HOH 69  137 35  HOH HOH A . 
B 2 HOH 70  138 36  HOH HOH A . 
B 2 HOH 71  139 37  HOH HOH A . 
B 2 HOH 72  140 38  HOH HOH A . 
B 2 HOH 73  141 39  HOH HOH A . 
B 2 HOH 74  142 40  HOH HOH A . 
B 2 HOH 75  143 41  HOH HOH A . 
B 2 HOH 76  144 42  HOH HOH A . 
B 2 HOH 77  145 43  HOH HOH A . 
B 2 HOH 78  146 44  HOH HOH A . 
B 2 HOH 79  147 45  HOH HOH A . 
B 2 HOH 80  148 46  HOH HOH A . 
B 2 HOH 81  149 47  HOH HOH A . 
B 2 HOH 82  150 48  HOH HOH A . 
B 2 HOH 83  151 49  HOH HOH A . 
B 2 HOH 84  152 50  HOH HOH A . 
B 2 HOH 85  153 51  HOH HOH A . 
B 2 HOH 86  154 52  HOH HOH A . 
B 2 HOH 87  155 53  HOH HOH A . 
B 2 HOH 88  156 54  HOH HOH A . 
B 2 HOH 89  157 55  HOH HOH A . 
B 2 HOH 90  158 56  HOH HOH A . 
B 2 HOH 91  159 57  HOH HOH A . 
B 2 HOH 92  160 58  HOH HOH A . 
B 2 HOH 93  161 59  HOH HOH A . 
B 2 HOH 94  162 60  HOH HOH A . 
B 2 HOH 95  163 61  HOH HOH A . 
B 2 HOH 96  164 62  HOH HOH A . 
B 2 HOH 97  165 63  HOH HOH A . 
B 2 HOH 98  166 64  HOH HOH A . 
B 2 HOH 99  167 65  HOH HOH A . 
B 2 HOH 100 168 66  HOH HOH A . 
B 2 HOH 101 169 67  HOH HOH A . 
B 2 HOH 102 170 68  HOH HOH A . 
# 
loop_
_software.name 
_software.classification 
_software.version 
_software.citation_id 
_software.pdbx_ordinal 
HKL-2000 'data collection' .        ? 1 
CNS      refinement        .        ? 2 
REFMAC   refinement        5.5.0109 ? 3 
HKL-2000 'data reduction'  .        ? 4 
HKL-2000 'data scaling'    .        ? 5 
CNS      phasing           .        ? 6 
# 
_cell.entry_id           3UCI 
_cell.length_a           26.221 
_cell.length_b           33.437 
_cell.length_c           73.253 
_cell.angle_alpha        90.00 
_cell.angle_beta         90.00 
_cell.angle_gamma        90.00 
_cell.Z_PDB              4 
_cell.pdbx_unique_axis   ? 
_cell.length_a_esd       ? 
_cell.length_b_esd       ? 
_cell.length_c_esd       ? 
_cell.angle_alpha_esd    ? 
_cell.angle_beta_esd     ? 
_cell.angle_gamma_esd    ? 
# 
_symmetry.entry_id                         3UCI 
_symmetry.space_group_name_H-M             'P 21 21 21' 
_symmetry.pdbx_full_space_group_name_H-M   ? 
_symmetry.cell_setting                     ? 
_symmetry.Int_Tables_number                19 
_symmetry.space_group_name_Hall            ? 
# 
_exptl.entry_id          3UCI 
_exptl.method            'X-RAY DIFFRACTION' 
_exptl.crystals_number   1 
# 
_exptl_crystal.id                    1 
_exptl_crystal.density_meas          ? 
_exptl_crystal.density_Matthews      2.05 
_exptl_crystal.density_percent_sol   39.88 
_exptl_crystal.description           ? 
_exptl_crystal.F_000                 ? 
_exptl_crystal.preparation           ? 
# 
_exptl_crystal_grow.crystal_id      1 
_exptl_crystal_grow.method          'VAPOR DIFFUSION, HANGING DROP' 
_exptl_crystal_grow.temp            293 
_exptl_crystal_grow.temp_details    ? 
_exptl_crystal_grow.pH              8.5 
_exptl_crystal_grow.pdbx_details    
;0.1M Tris-HCl, 0.8M sodium citrate tribasic dihydrate, 0.24M lithium sulfide, 0.5% glycerol, pH 8.5, VAPOR DIFFUSION, HANGING DROP, temperature 293K
;
_exptl_crystal_grow.pdbx_pH_range   ? 
# 
_diffrn.id                     1 
_diffrn.ambient_temp           100 
_diffrn.ambient_temp_details   ? 
_diffrn.crystal_id             1 
# 
_diffrn_detector.diffrn_id              1 
_diffrn_detector.detector               CCD 
_diffrn_detector.type                   'ADSC QUANTUM 315r' 
_diffrn_detector.pdbx_collection_date   2010-07-09 
_diffrn_detector.details                'Vertically Collimating Premirror, Toroidal Focusing Mirror' 
# 
_diffrn_radiation.diffrn_id                        1 
_diffrn_radiation.wavelength_id                    1 
_diffrn_radiation.pdbx_monochromatic_or_laue_m_l   M 
_diffrn_radiation.monochromator                    'LN2-Cooled Fixed-Exit Double Crystal Si(111) Monochromator' 
_diffrn_radiation.pdbx_diffrn_protocol             'SINGLE WAVELENGTH' 
_diffrn_radiation.pdbx_scattering_type             x-ray 
# 
_diffrn_radiation_wavelength.id           1 
_diffrn_radiation_wavelength.wavelength   1.0000 
_diffrn_radiation_wavelength.wt           1.0 
# 
_diffrn_source.diffrn_id                   1 
_diffrn_source.source                      SYNCHROTRON 
_diffrn_source.type                        'NSRRC BEAMLINE BL13B1' 
_diffrn_source.pdbx_synchrotron_site       NSRRC 
_diffrn_source.pdbx_synchrotron_beamline   BL13B1 
_diffrn_source.pdbx_wavelength             ? 
_diffrn_source.pdbx_wavelength_list        1.0000 
# 
_reflns.entry_id                     3UCI 
_reflns.observed_criterion_sigma_I   1 
_reflns.observed_criterion_sigma_F   0 
_reflns.d_resolution_low             30 
_reflns.d_resolution_high            1.35 
_reflns.number_obs                   14629 
_reflns.number_all                   14777 
_reflns.percent_possible_obs         99.0 
_reflns.pdbx_Rmerge_I_obs            0.055 
_reflns.pdbx_Rsym_value              ? 
_reflns.pdbx_netI_over_sigmaI        34.15 
_reflns.B_iso_Wilson_estimate        22.4 
_reflns.pdbx_redundancy              6.5 
_reflns.R_free_details               ? 
_reflns.limit_h_max                  ? 
_reflns.limit_h_min                  ? 
_reflns.limit_k_max                  ? 
_reflns.limit_k_min                  ? 
_reflns.limit_l_max                  ? 
_reflns.limit_l_min                  ? 
_reflns.observed_criterion_F_max     ? 
_reflns.observed_criterion_F_min     ? 
_reflns.pdbx_chi_squared             ? 
_reflns.pdbx_scaling_rejects         ? 
_reflns.pdbx_ordinal                 1 
_reflns.pdbx_diffrn_id               1 
# 
_reflns_shell.d_res_high                  1.35 
_reflns_shell.d_res_low                   1.40 
_reflns_shell.percent_possible_all        100 
_reflns_shell.Rmerge_I_obs                0.559 
_reflns_shell.pdbx_Rsym_value             ? 
_reflns_shell.meanI_over_sigI_obs         4.76 
_reflns_shell.pdbx_redundancy             6.6 
_reflns_shell.percent_possible_obs        ? 
_reflns_shell.number_unique_all           1438 
_reflns_shell.number_measured_all         ? 
_reflns_shell.number_measured_obs         ? 
_reflns_shell.number_unique_obs           ? 
_reflns_shell.pdbx_chi_squared            ? 
_reflns_shell.pdbx_rejects                ? 
_reflns_shell.pdbx_netI_over_sigmaI_obs   ? 
_reflns_shell.number_possible             ? 
_reflns_shell.Rmerge_F_all                ? 
_reflns_shell.Rmerge_F_obs                ? 
_reflns_shell.Rmerge_I_all                ? 
_reflns_shell.meanI_over_sigI_all         ? 
_reflns_shell.pdbx_Rrim_I_all             ? 
_reflns_shell.pdbx_Rpim_I_all             ? 
_reflns_shell.pdbx_ordinal                1 
_reflns_shell.pdbx_diffrn_id              1 
# 
_refine.entry_id                                 3UCI 
_refine.ls_number_reflns_obs                     14516 
_refine.ls_number_reflns_all                     ? 
_refine.pdbx_ls_sigma_I                          ? 
_refine.pdbx_ls_sigma_F                          ? 
_refine.pdbx_data_cutoff_high_absF               ? 
_refine.pdbx_data_cutoff_low_absF                ? 
_refine.pdbx_data_cutoff_high_rms_absF           ? 
_refine.ls_d_res_low                             20.00 
_refine.ls_d_res_high                            1.35 
_refine.ls_percent_reflns_obs                    98.49 
_refine.ls_R_factor_obs                          0.14729 
_refine.ls_R_factor_all                          ? 
_refine.ls_R_factor_R_work                       0.14506 
_refine.ls_R_factor_R_free                       0.18924 
_refine.ls_R_factor_R_free_error                 ? 
_refine.ls_R_factor_R_free_error_details         ? 
_refine.ls_percent_reflns_R_free                 5.1 
_refine.ls_number_reflns_R_free                  737 
_refine.ls_number_parameters                     ? 
_refine.ls_number_restraints                     ? 
_refine.occupancy_min                            ? 
_refine.occupancy_max                            ? 
_refine.correlation_coeff_Fo_to_Fc               0.973 
_refine.correlation_coeff_Fo_to_Fc_free          0.950 
_refine.B_iso_mean                               19.435 
_refine.aniso_B[1][1]                            -0.45 
_refine.aniso_B[2][2]                            0.04 
_refine.aniso_B[3][3]                            0.42 
_refine.aniso_B[1][2]                            0.00 
_refine.aniso_B[1][3]                            0.00 
_refine.aniso_B[2][3]                            0.00 
_refine.solvent_model_details                    MASK 
_refine.solvent_model_param_ksol                 ? 
_refine.solvent_model_param_bsol                 ? 
_refine.pdbx_solvent_vdw_probe_radii             1.40 
_refine.pdbx_solvent_ion_probe_radii             0.80 
_refine.pdbx_solvent_shrinkage_radii             0.80 
_refine.pdbx_ls_cross_valid_method               THROUGHOUT 
_refine.details                                  'HYDROGENS HAVE BEEN ADDED IN THE RIDING POSITIONS' 
_refine.pdbx_starting_model                      1J2L 
_refine.pdbx_method_to_determine_struct          'MOLECULAR REPLACEMENT' 
_refine.pdbx_isotropic_thermal_model             'Isotropic with TLS' 
_refine.pdbx_stereochemistry_target_values       'MAXIMUM LIKELIHOOD' 
_refine.pdbx_stereochem_target_val_spec_case     ? 
_refine.pdbx_R_Free_selection_details            RANDOM 
_refine.pdbx_overall_ESU_R_Free                  0.056 
_refine.overall_SU_ML                            0.028 
_refine.pdbx_overall_phase_error                 ? 
_refine.overall_SU_B                             1.468 
_refine.overall_SU_R_Cruickshank_DPI             ? 
_refine.ls_redundancy_reflns_obs                 ? 
_refine.B_iso_min                                ? 
_refine.B_iso_max                                ? 
_refine.overall_SU_R_free                        ? 
_refine.ls_wR_factor_R_free                      ? 
_refine.ls_wR_factor_R_work                      ? 
_refine.overall_FOM_free_R_set                   ? 
_refine.overall_FOM_work_R_set                   ? 
_refine.pdbx_diffrn_id                           1 
_refine.pdbx_refine_id                           'X-RAY DIFFRACTION' 
_refine.pdbx_overall_ESU_R                       ? 
_refine.pdbx_TLS_residual_ADP_flag               ? 
_refine.pdbx_overall_SU_R_free_Cruickshank_DPI   ? 
_refine.pdbx_overall_SU_R_Blow_DPI               ? 
_refine.pdbx_overall_SU_R_free_Blow_DPI          ? 
# 
_refine_hist.pdbx_refine_id                   'X-RAY DIFFRACTION' 
_refine_hist.cycle_id                         LAST 
_refine_hist.pdbx_number_atoms_protein        536 
_refine_hist.pdbx_number_atoms_nucleic_acid   0 
_refine_hist.pdbx_number_atoms_ligand         0 
_refine_hist.number_atoms_solvent             102 
_refine_hist.number_atoms_total               638 
_refine_hist.d_res_high                       1.35 
_refine_hist.d_res_low                        20.00 
# 
loop_
_refine_ls_restr.type 
_refine_ls_restr.dev_ideal 
_refine_ls_restr.dev_ideal_target 
_refine_ls_restr.weight 
_refine_ls_restr.number 
_refine_ls_restr.pdbx_restraint_function 
_refine_ls_restr.pdbx_refine_id 
r_bond_refined_d       0.026  0.021  ? 549 ? 'X-RAY DIFFRACTION' 
r_angle_refined_deg    2.284  1.976  ? 739 ? 'X-RAY DIFFRACTION' 
r_dihedral_angle_1_deg 6.115  5.000  ? 71  ? 'X-RAY DIFFRACTION' 
r_dihedral_angle_2_deg 36.621 24.074 ? 27  ? 'X-RAY DIFFRACTION' 
r_dihedral_angle_3_deg 12.125 15.000 ? 94  ? 'X-RAY DIFFRACTION' 
r_dihedral_angle_4_deg 19.769 15.000 ? 6   ? 'X-RAY DIFFRACTION' 
r_chiral_restr         0.131  0.200  ? 74  ? 'X-RAY DIFFRACTION' 
r_gen_planes_refined   0.012  0.021  ? 426 ? 'X-RAY DIFFRACTION' 
r_mcbond_it            2.680  1.500  ? 357 ? 'X-RAY DIFFRACTION' 
r_mcangle_it           3.867  2.000  ? 564 ? 'X-RAY DIFFRACTION' 
r_scbond_it            5.944  3.000  ? 192 ? 'X-RAY DIFFRACTION' 
r_scangle_it           8.580  4.500  ? 175 ? 'X-RAY DIFFRACTION' 
r_rigid_bond_restr     3.011  3.000  ? 549 ? 'X-RAY DIFFRACTION' 
# 
_refine_ls_shell.pdbx_refine_id                   'X-RAY DIFFRACTION' 
_refine_ls_shell.pdbx_total_number_of_bins_used   20 
_refine_ls_shell.d_res_high                       1.351 
_refine_ls_shell.d_res_low                        1.386 
_refine_ls_shell.number_reflns_R_work             1007 
_refine_ls_shell.R_factor_R_work                  0.257 
_refine_ls_shell.percent_reflns_obs               98.06 
_refine_ls_shell.R_factor_R_free                  0.260 
_refine_ls_shell.R_factor_R_free_error            ? 
_refine_ls_shell.percent_reflns_R_free            ? 
_refine_ls_shell.number_reflns_R_free             56 
_refine_ls_shell.number_reflns_all                ? 
_refine_ls_shell.R_factor_all                     ? 
_refine_ls_shell.number_reflns_obs                1063 
_refine_ls_shell.redundancy_reflns_obs            ? 
# 
_struct.entry_id                  3UCI 
_struct.title                     'Crystal structure of Rhodostomin ARLDDL mutant' 
_struct.pdbx_model_details        ? 
_struct.pdbx_CASP_flag            ? 
_struct.pdbx_model_type_details   ? 
# 
_struct_keywords.entry_id        3UCI 
_struct_keywords.pdbx_keywords   TOXIN 
_struct_keywords.text            'disintegrin, integrin alphaVbeta3, TOXIN' 
# 
loop_
_struct_asym.id 
_struct_asym.pdbx_blank_PDB_chainid_flag 
_struct_asym.pdbx_modified 
_struct_asym.entity_id 
_struct_asym.details 
A N N 1 ? 
B N N 2 ? 
# 
_struct_ref.id                         1 
_struct_ref.db_name                    UNP 
_struct_ref.db_code                    VMRH_AGKRH 
_struct_ref.pdbx_db_accession          P30403 
_struct_ref.entity_id                  1 
_struct_ref.pdbx_seq_one_letter_code   GKECDCSSPENPCCDAATCKLRPGAQCGEGLCCEQCKFSRAGKICRIPRGDMPDDRCTGQSADCPRYH 
_struct_ref.pdbx_align_begin           408 
_struct_ref.pdbx_db_isoform            ? 
# 
_struct_ref_seq.align_id                      1 
_struct_ref_seq.ref_id                        1 
_struct_ref_seq.pdbx_PDB_id_code              3UCI 
_struct_ref_seq.pdbx_strand_id                A 
_struct_ref_seq.seq_align_beg                 5 
_struct_ref_seq.pdbx_seq_align_beg_ins_code   ? 
_struct_ref_seq.seq_align_end                 72 
_struct_ref_seq.pdbx_seq_align_end_ins_code   ? 
_struct_ref_seq.pdbx_db_accession             P30403 
_struct_ref_seq.db_align_beg                  408 
_struct_ref_seq.pdbx_db_align_beg_ins_code    ? 
_struct_ref_seq.db_align_end                  475 
_struct_ref_seq.pdbx_db_align_end_ins_code    ? 
_struct_ref_seq.pdbx_auth_seq_align_beg       1 
_struct_ref_seq.pdbx_auth_seq_align_end       68 
# 
loop_
_struct_ref_seq_dif.align_id 
_struct_ref_seq_dif.pdbx_pdb_id_code 
_struct_ref_seq_dif.mon_id 
_struct_ref_seq_dif.pdbx_pdb_strand_id 
_struct_ref_seq_dif.seq_num 
_struct_ref_seq_dif.pdbx_pdb_ins_code 
_struct_ref_seq_dif.pdbx_seq_db_name 
_struct_ref_seq_dif.pdbx_seq_db_accession_code 
_struct_ref_seq_dif.db_mon_id 
_struct_ref_seq_dif.pdbx_seq_db_seq_num 
_struct_ref_seq_dif.details 
_struct_ref_seq_dif.pdbx_auth_seq_num 
_struct_ref_seq_dif.pdbx_ordinal 
1 3UCI GLU A 1  ? UNP P30403 ?   ?   'expression tag'      -4 1 
1 3UCI ALA A 2  ? UNP P30403 ?   ?   'expression tag'      -3 2 
1 3UCI GLU A 3  ? UNP P30403 ?   ?   'expression tag'      -2 3 
1 3UCI PHE A 4  ? UNP P30403 ?   ?   'expression tag'      -1 4 
1 3UCI ALA A 52 ? UNP P30403 PRO 455 'engineered mutation' 48 5 
1 3UCI LEU A 54 ? UNP P30403 GLY 457 'engineered mutation' 50 6 
1 3UCI ASP A 56 ? UNP P30403 MET 459 'engineered mutation' 52 7 
1 3UCI LEU A 57 ? UNP P30403 PRO 460 'engineered mutation' 53 8 
# 
_pdbx_struct_assembly.id                   1 
_pdbx_struct_assembly.details              author_and_software_defined_assembly 
_pdbx_struct_assembly.method_details       PISA 
_pdbx_struct_assembly.oligomeric_details   monomeric 
_pdbx_struct_assembly.oligomeric_count     1 
# 
_pdbx_struct_assembly_gen.assembly_id       1 
_pdbx_struct_assembly_gen.oper_expression   1 
_pdbx_struct_assembly_gen.asym_id_list      A,B 
# 
_pdbx_struct_oper_list.id                   1 
_pdbx_struct_oper_list.type                 'identity operation' 
_pdbx_struct_oper_list.name                 1_555 
_pdbx_struct_oper_list.symmetry_operation   x,y,z 
_pdbx_struct_oper_list.matrix[1][1]         1.0000000000 
_pdbx_struct_oper_list.matrix[1][2]         0.0000000000 
_pdbx_struct_oper_list.matrix[1][3]         0.0000000000 
_pdbx_struct_oper_list.vector[1]            0.0000000000 
_pdbx_struct_oper_list.matrix[2][1]         0.0000000000 
_pdbx_struct_oper_list.matrix[2][2]         1.0000000000 
_pdbx_struct_oper_list.matrix[2][3]         0.0000000000 
_pdbx_struct_oper_list.vector[2]            0.0000000000 
_pdbx_struct_oper_list.matrix[3][1]         0.0000000000 
_pdbx_struct_oper_list.matrix[3][2]         0.0000000000 
_pdbx_struct_oper_list.matrix[3][3]         1.0000000000 
_pdbx_struct_oper_list.vector[3]            0.0000000000 
# 
_struct_biol.id        1 
_struct_biol.details   ? 
# 
_struct_conf.conf_type_id            HELX_P 
_struct_conf.id                      HELX_P1 
_struct_conf.pdbx_PDB_helix_id       1 
_struct_conf.beg_label_comp_id       GLU 
_struct_conf.beg_label_asym_id       A 
_struct_conf.beg_label_seq_id        3 
_struct_conf.pdbx_beg_PDB_ins_code   ? 
_struct_conf.end_label_comp_id       CYS 
_struct_conf.end_label_asym_id       A 
_struct_conf.end_label_seq_id        8 
_struct_conf.pdbx_end_PDB_ins_code   ? 
_struct_conf.beg_auth_comp_id        GLU 
_struct_conf.beg_auth_asym_id        A 
_struct_conf.beg_auth_seq_id         -2 
_struct_conf.end_auth_comp_id        CYS 
_struct_conf.end_auth_asym_id        A 
_struct_conf.end_auth_seq_id         4 
_struct_conf.pdbx_PDB_helix_class    5 
_struct_conf.details                 ? 
_struct_conf.pdbx_PDB_helix_length   6 
# 
_struct_conf_type.id          HELX_P 
_struct_conf_type.criteria    ? 
_struct_conf_type.reference   ? 
# 
loop_
_struct_conn.id 
_struct_conn.conn_type_id 
_struct_conn.pdbx_leaving_atom_flag 
_struct_conn.pdbx_PDB_id 
_struct_conn.ptnr1_label_asym_id 
_struct_conn.ptnr1_label_comp_id 
_struct_conn.ptnr1_label_seq_id 
_struct_conn.ptnr1_label_atom_id 
_struct_conn.pdbx_ptnr1_label_alt_id 
_struct_conn.pdbx_ptnr1_PDB_ins_code 
_struct_conn.pdbx_ptnr1_standard_comp_id 
_struct_conn.ptnr1_symmetry 
_struct_conn.ptnr2_label_asym_id 
_struct_conn.ptnr2_label_comp_id 
_struct_conn.ptnr2_label_seq_id 
_struct_conn.ptnr2_label_atom_id 
_struct_conn.pdbx_ptnr2_label_alt_id 
_struct_conn.pdbx_ptnr2_PDB_ins_code 
_struct_conn.ptnr1_auth_asym_id 
_struct_conn.ptnr1_auth_comp_id 
_struct_conn.ptnr1_auth_seq_id 
_struct_conn.ptnr2_auth_asym_id 
_struct_conn.ptnr2_auth_comp_id 
_struct_conn.ptnr2_auth_seq_id 
_struct_conn.ptnr2_symmetry 
_struct_conn.pdbx_ptnr3_label_atom_id 
_struct_conn.pdbx_ptnr3_label_seq_id 
_struct_conn.pdbx_ptnr3_label_comp_id 
_struct_conn.pdbx_ptnr3_label_asym_id 
_struct_conn.pdbx_ptnr3_label_alt_id 
_struct_conn.pdbx_ptnr3_PDB_ins_code 
_struct_conn.details 
_struct_conn.pdbx_dist_value 
_struct_conn.pdbx_value_order 
_struct_conn.pdbx_role 
disulf1 disulf ? ? A CYS 8  SG ? ? ? 1_555 A CYS 23 SG ? ? A CYS 4  A CYS 19 1_555 ? ? ? ? ? ? ? 2.023 ? ? 
disulf2 disulf ? ? A CYS 10 SG ? ? ? 1_555 A CYS 18 SG ? ? A CYS 6  A CYS 14 1_555 ? ? ? ? ? ? ? 2.129 ? ? 
disulf3 disulf ? ? A CYS 17 SG ? ? ? 1_555 A CYS 40 SG ? ? A CYS 13 A CYS 36 1_555 ? ? ? ? ? ? ? 1.976 ? ? 
disulf4 disulf ? ? A CYS 31 SG ? ? ? 1_555 A CYS 37 SG ? ? A CYS 27 A CYS 33 1_555 ? ? ? ? ? ? ? 2.076 ? ? 
disulf5 disulf ? ? A CYS 36 SG ? ? ? 1_555 A CYS 61 SG ? ? A CYS 32 A CYS 57 1_555 ? ? ? ? ? ? ? 2.082 ? ? 
disulf6 disulf ? ? A CYS 49 SG ? ? ? 1_555 A CYS 68 SG ? ? A CYS 45 A CYS 64 1_555 ? ? ? ? ? ? ? 2.046 ? ? 
# 
_struct_conn_type.id          disulf 
_struct_conn_type.criteria    ? 
_struct_conn_type.reference   ? 
# 
loop_
_pdbx_modification_feature.ordinal 
_pdbx_modification_feature.label_comp_id 
_pdbx_modification_feature.label_asym_id 
_pdbx_modification_feature.label_seq_id 
_pdbx_modification_feature.label_alt_id 
_pdbx_modification_feature.modified_residue_label_comp_id 
_pdbx_modification_feature.modified_residue_label_asym_id 
_pdbx_modification_feature.modified_residue_label_seq_id 
_pdbx_modification_feature.modified_residue_label_alt_id 
_pdbx_modification_feature.auth_comp_id 
_pdbx_modification_feature.auth_asym_id 
_pdbx_modification_feature.auth_seq_id 
_pdbx_modification_feature.PDB_ins_code 
_pdbx_modification_feature.symmetry 
_pdbx_modification_feature.modified_residue_auth_comp_id 
_pdbx_modification_feature.modified_residue_auth_asym_id 
_pdbx_modification_feature.modified_residue_auth_seq_id 
_pdbx_modification_feature.modified_residue_PDB_ins_code 
_pdbx_modification_feature.modified_residue_symmetry 
_pdbx_modification_feature.comp_id_linking_atom 
_pdbx_modification_feature.modified_residue_id_linking_atom 
_pdbx_modification_feature.modified_residue_id 
_pdbx_modification_feature.ref_pcm_id 
_pdbx_modification_feature.ref_comp_id 
_pdbx_modification_feature.type 
_pdbx_modification_feature.category 
1 CYS A 8  ? CYS A 23 ? CYS A 4  ? 1_555 CYS A 19 ? 1_555 SG SG . . . None 'Disulfide bridge' 
2 CYS A 10 ? CYS A 18 ? CYS A 6  ? 1_555 CYS A 14 ? 1_555 SG SG . . . None 'Disulfide bridge' 
3 CYS A 17 ? CYS A 40 ? CYS A 13 ? 1_555 CYS A 36 ? 1_555 SG SG . . . None 'Disulfide bridge' 
4 CYS A 31 ? CYS A 37 ? CYS A 27 ? 1_555 CYS A 33 ? 1_555 SG SG . . . None 'Disulfide bridge' 
5 CYS A 36 ? CYS A 61 ? CYS A 32 ? 1_555 CYS A 57 ? 1_555 SG SG . . . None 'Disulfide bridge' 
6 CYS A 49 ? CYS A 68 ? CYS A 45 ? 1_555 CYS A 64 ? 1_555 SG SG . . . None 'Disulfide bridge' 
# 
loop_
_struct_sheet.id 
_struct_sheet.type 
_struct_sheet.number_strands 
_struct_sheet.details 
A ? 2 ? 
B ? 2 ? 
# 
loop_
_struct_sheet_order.sheet_id 
_struct_sheet_order.range_id_1 
_struct_sheet_order.range_id_2 
_struct_sheet_order.offset 
_struct_sheet_order.sense 
A 1 2 ? anti-parallel 
B 1 2 ? anti-parallel 
# 
loop_
_struct_sheet_range.sheet_id 
_struct_sheet_range.id 
_struct_sheet_range.beg_label_comp_id 
_struct_sheet_range.beg_label_asym_id 
_struct_sheet_range.beg_label_seq_id 
_struct_sheet_range.pdbx_beg_PDB_ins_code 
_struct_sheet_range.end_label_comp_id 
_struct_sheet_range.end_label_asym_id 
_struct_sheet_range.end_label_seq_id 
_struct_sheet_range.pdbx_end_PDB_ins_code 
_struct_sheet_range.beg_auth_comp_id 
_struct_sheet_range.beg_auth_asym_id 
_struct_sheet_range.beg_auth_seq_id 
_struct_sheet_range.end_auth_comp_id 
_struct_sheet_range.end_auth_asym_id 
_struct_sheet_range.end_auth_seq_id 
A 1 CYS A 37 ? GLU A 38 ? CYS A 33 GLU A 34 
A 2 LYS A 41 ? PHE A 42 ? LYS A 37 PHE A 38 
B 1 ILE A 48 ? ARG A 50 ? ILE A 44 ARG A 46 
B 2 ASP A 59 ? ARG A 60 ? ASP A 55 ARG A 56 
# 
loop_
_pdbx_struct_sheet_hbond.sheet_id 
_pdbx_struct_sheet_hbond.range_id_1 
_pdbx_struct_sheet_hbond.range_id_2 
_pdbx_struct_sheet_hbond.range_1_label_atom_id 
_pdbx_struct_sheet_hbond.range_1_label_comp_id 
_pdbx_struct_sheet_hbond.range_1_label_asym_id 
_pdbx_struct_sheet_hbond.range_1_label_seq_id 
_pdbx_struct_sheet_hbond.range_1_PDB_ins_code 
_pdbx_struct_sheet_hbond.range_1_auth_atom_id 
_pdbx_struct_sheet_hbond.range_1_auth_comp_id 
_pdbx_struct_sheet_hbond.range_1_auth_asym_id 
_pdbx_struct_sheet_hbond.range_1_auth_seq_id 
_pdbx_struct_sheet_hbond.range_2_label_atom_id 
_pdbx_struct_sheet_hbond.range_2_label_comp_id 
_pdbx_struct_sheet_hbond.range_2_label_asym_id 
_pdbx_struct_sheet_hbond.range_2_label_seq_id 
_pdbx_struct_sheet_hbond.range_2_PDB_ins_code 
_pdbx_struct_sheet_hbond.range_2_auth_atom_id 
_pdbx_struct_sheet_hbond.range_2_auth_comp_id 
_pdbx_struct_sheet_hbond.range_2_auth_asym_id 
_pdbx_struct_sheet_hbond.range_2_auth_seq_id 
A 1 2 N GLU A 38 ? N GLU A 34 O LYS A 41 ? O LYS A 37 
B 1 2 N CYS A 49 ? N CYS A 45 O ASP A 59 ? O ASP A 55 
# 
_pdbx_entry_details.entry_id                   3UCI 
_pdbx_entry_details.compound_details           ? 
_pdbx_entry_details.source_details             ? 
_pdbx_entry_details.nonpolymer_details         ? 
_pdbx_entry_details.sequence_details           ? 
_pdbx_entry_details.has_ligand_of_interest     ? 
_pdbx_entry_details.has_protein_modification   Y 
# 
_pdbx_validate_close_contact.id               1 
_pdbx_validate_close_contact.PDB_model_num    1 
_pdbx_validate_close_contact.auth_atom_id_1   CE 
_pdbx_validate_close_contact.auth_asym_id_1   A 
_pdbx_validate_close_contact.auth_comp_id_1   LYS 
_pdbx_validate_close_contact.auth_seq_id_1    43 
_pdbx_validate_close_contact.PDB_ins_code_1   ? 
_pdbx_validate_close_contact.label_alt_id_1   ? 
_pdbx_validate_close_contact.auth_atom_id_2   O 
_pdbx_validate_close_contact.auth_asym_id_2   A 
_pdbx_validate_close_contact.auth_comp_id_2   HOH 
_pdbx_validate_close_contact.auth_seq_id_2    101 
_pdbx_validate_close_contact.PDB_ins_code_2   ? 
_pdbx_validate_close_contact.label_alt_id_2   ? 
_pdbx_validate_close_contact.dist             2.11 
# 
loop_
_pdbx_validate_rmsd_bond.id 
_pdbx_validate_rmsd_bond.PDB_model_num 
_pdbx_validate_rmsd_bond.auth_atom_id_1 
_pdbx_validate_rmsd_bond.auth_asym_id_1 
_pdbx_validate_rmsd_bond.auth_comp_id_1 
_pdbx_validate_rmsd_bond.auth_seq_id_1 
_pdbx_validate_rmsd_bond.PDB_ins_code_1 
_pdbx_validate_rmsd_bond.label_alt_id_1 
_pdbx_validate_rmsd_bond.auth_atom_id_2 
_pdbx_validate_rmsd_bond.auth_asym_id_2 
_pdbx_validate_rmsd_bond.auth_comp_id_2 
_pdbx_validate_rmsd_bond.auth_seq_id_2 
_pdbx_validate_rmsd_bond.PDB_ins_code_2 
_pdbx_validate_rmsd_bond.label_alt_id_2 
_pdbx_validate_rmsd_bond.bond_value 
_pdbx_validate_rmsd_bond.bond_target_value 
_pdbx_validate_rmsd_bond.bond_deviation 
_pdbx_validate_rmsd_bond.bond_standard_deviation 
_pdbx_validate_rmsd_bond.linker_flag 
1 1 CD A GLU -4 ? ? OE2 A GLU -4 ? ? 1.165 1.252 -0.087 0.011 N 
2 1 CD A GLU 3  ? ? OE2 A GLU 3  ? ? 1.182 1.252 -0.070 0.011 N 
# 
_pdbx_validate_torsion.id              1 
_pdbx_validate_torsion.PDB_model_num   1 
_pdbx_validate_torsion.auth_comp_id    ALA 
_pdbx_validate_torsion.auth_asym_id    A 
_pdbx_validate_torsion.auth_seq_id     48 
_pdbx_validate_torsion.PDB_ins_code    ? 
_pdbx_validate_torsion.label_alt_id    ? 
_pdbx_validate_torsion.phi             -101.42 
_pdbx_validate_torsion.psi             -169.23 
# 
_pdbx_refine_tls.pdbx_refine_id   'X-RAY DIFFRACTION' 
_pdbx_refine_tls.id               1 
_pdbx_refine_tls.details          ? 
_pdbx_refine_tls.method           refined 
_pdbx_refine_tls.origin_x         -0.2585 
_pdbx_refine_tls.origin_y         -0.9908 
_pdbx_refine_tls.origin_z         0.2313 
_pdbx_refine_tls.T[1][1]          0.0106 
_pdbx_refine_tls.T[2][2]          0.0181 
_pdbx_refine_tls.T[3][3]          0.0159 
_pdbx_refine_tls.T[1][2]          0.0010 
_pdbx_refine_tls.T[1][3]          0.0041 
_pdbx_refine_tls.T[2][3]          0.0012 
_pdbx_refine_tls.L[1][1]          0.0292 
_pdbx_refine_tls.L[2][2]          0.3919 
_pdbx_refine_tls.L[3][3]          0.0313 
_pdbx_refine_tls.L[1][2]          -0.1832 
_pdbx_refine_tls.L[1][3]          0.0259 
_pdbx_refine_tls.L[2][3]          -0.0696 
_pdbx_refine_tls.S[1][1]          0.0054 
_pdbx_refine_tls.S[1][2]          0.0048 
_pdbx_refine_tls.S[1][3]          -0.0133 
_pdbx_refine_tls.S[2][1]          -0.0156 
_pdbx_refine_tls.S[2][2]          -0.0073 
_pdbx_refine_tls.S[2][3]          0.0420 
_pdbx_refine_tls.S[3][1]          0.0084 
_pdbx_refine_tls.S[3][2]          -0.0105 
_pdbx_refine_tls.S[3][3]          0.0017 
# 
_pdbx_refine_tls_group.pdbx_refine_id      'X-RAY DIFFRACTION' 
_pdbx_refine_tls_group.id                  1 
_pdbx_refine_tls_group.refine_tls_id       1 
_pdbx_refine_tls_group.beg_auth_asym_id    A 
_pdbx_refine_tls_group.beg_auth_seq_id     -4 
_pdbx_refine_tls_group.beg_label_asym_id   ? 
_pdbx_refine_tls_group.beg_label_seq_id    ? 
_pdbx_refine_tls_group.end_auth_asym_id    A 
_pdbx_refine_tls_group.end_auth_seq_id     68 
_pdbx_refine_tls_group.end_label_asym_id   ? 
_pdbx_refine_tls_group.end_label_seq_id    ? 
_pdbx_refine_tls_group.selection           ? 
_pdbx_refine_tls_group.selection_details   ? 
# 
loop_
_chem_comp_atom.comp_id 
_chem_comp_atom.atom_id 
_chem_comp_atom.type_symbol 
_chem_comp_atom.pdbx_aromatic_flag 
_chem_comp_atom.pdbx_stereo_config 
_chem_comp_atom.pdbx_ordinal 
ALA N    N N N 1   
ALA CA   C N S 2   
ALA C    C N N 3   
ALA O    O N N 4   
ALA CB   C N N 5   
ALA OXT  O N N 6   
ALA H    H N N 7   
ALA H2   H N N 8   
ALA HA   H N N 9   
ALA HB1  H N N 10  
ALA HB2  H N N 11  
ALA HB3  H N N 12  
ALA HXT  H N N 13  
ARG N    N N N 14  
ARG CA   C N S 15  
ARG C    C N N 16  
ARG O    O N N 17  
ARG CB   C N N 18  
ARG CG   C N N 19  
ARG CD   C N N 20  
ARG NE   N N N 21  
ARG CZ   C N N 22  
ARG NH1  N N N 23  
ARG NH2  N N N 24  
ARG OXT  O N N 25  
ARG H    H N N 26  
ARG H2   H N N 27  
ARG HA   H N N 28  
ARG HB2  H N N 29  
ARG HB3  H N N 30  
ARG HG2  H N N 31  
ARG HG3  H N N 32  
ARG HD2  H N N 33  
ARG HD3  H N N 34  
ARG HE   H N N 35  
ARG HH11 H N N 36  
ARG HH12 H N N 37  
ARG HH21 H N N 38  
ARG HH22 H N N 39  
ARG HXT  H N N 40  
ASN N    N N N 41  
ASN CA   C N S 42  
ASN C    C N N 43  
ASN O    O N N 44  
ASN CB   C N N 45  
ASN CG   C N N 46  
ASN OD1  O N N 47  
ASN ND2  N N N 48  
ASN OXT  O N N 49  
ASN H    H N N 50  
ASN H2   H N N 51  
ASN HA   H N N 52  
ASN HB2  H N N 53  
ASN HB3  H N N 54  
ASN HD21 H N N 55  
ASN HD22 H N N 56  
ASN HXT  H N N 57  
ASP N    N N N 58  
ASP CA   C N S 59  
ASP C    C N N 60  
ASP O    O N N 61  
ASP CB   C N N 62  
ASP CG   C N N 63  
ASP OD1  O N N 64  
ASP OD2  O N N 65  
ASP OXT  O N N 66  
ASP H    H N N 67  
ASP H2   H N N 68  
ASP HA   H N N 69  
ASP HB2  H N N 70  
ASP HB3  H N N 71  
ASP HD2  H N N 72  
ASP HXT  H N N 73  
CYS N    N N N 74  
CYS CA   C N R 75  
CYS C    C N N 76  
CYS O    O N N 77  
CYS CB   C N N 78  
CYS SG   S N N 79  
CYS OXT  O N N 80  
CYS H    H N N 81  
CYS H2   H N N 82  
CYS HA   H N N 83  
CYS HB2  H N N 84  
CYS HB3  H N N 85  
CYS HG   H N N 86  
CYS HXT  H N N 87  
GLN N    N N N 88  
GLN CA   C N S 89  
GLN C    C N N 90  
GLN O    O N N 91  
GLN CB   C N N 92  
GLN CG   C N N 93  
GLN CD   C N N 94  
GLN OE1  O N N 95  
GLN NE2  N N N 96  
GLN OXT  O N N 97  
GLN H    H N N 98  
GLN H2   H N N 99  
GLN HA   H N N 100 
GLN HB2  H N N 101 
GLN HB3  H N N 102 
GLN HG2  H N N 103 
GLN HG3  H N N 104 
GLN HE21 H N N 105 
GLN HE22 H N N 106 
GLN HXT  H N N 107 
GLU N    N N N 108 
GLU CA   C N S 109 
GLU C    C N N 110 
GLU O    O N N 111 
GLU CB   C N N 112 
GLU CG   C N N 113 
GLU CD   C N N 114 
GLU OE1  O N N 115 
GLU OE2  O N N 116 
GLU OXT  O N N 117 
GLU H    H N N 118 
GLU H2   H N N 119 
GLU HA   H N N 120 
GLU HB2  H N N 121 
GLU HB3  H N N 122 
GLU HG2  H N N 123 
GLU HG3  H N N 124 
GLU HE2  H N N 125 
GLU HXT  H N N 126 
GLY N    N N N 127 
GLY CA   C N N 128 
GLY C    C N N 129 
GLY O    O N N 130 
GLY OXT  O N N 131 
GLY H    H N N 132 
GLY H2   H N N 133 
GLY HA2  H N N 134 
GLY HA3  H N N 135 
GLY HXT  H N N 136 
HIS N    N N N 137 
HIS CA   C N S 138 
HIS C    C N N 139 
HIS O    O N N 140 
HIS CB   C N N 141 
HIS CG   C Y N 142 
HIS ND1  N Y N 143 
HIS CD2  C Y N 144 
HIS CE1  C Y N 145 
HIS NE2  N Y N 146 
HIS OXT  O N N 147 
HIS H    H N N 148 
HIS H2   H N N 149 
HIS HA   H N N 150 
HIS HB2  H N N 151 
HIS HB3  H N N 152 
HIS HD1  H N N 153 
HIS HD2  H N N 154 
HIS HE1  H N N 155 
HIS HE2  H N N 156 
HIS HXT  H N N 157 
HOH O    O N N 158 
HOH H1   H N N 159 
HOH H2   H N N 160 
ILE N    N N N 161 
ILE CA   C N S 162 
ILE C    C N N 163 
ILE O    O N N 164 
ILE CB   C N S 165 
ILE CG1  C N N 166 
ILE CG2  C N N 167 
ILE CD1  C N N 168 
ILE OXT  O N N 169 
ILE H    H N N 170 
ILE H2   H N N 171 
ILE HA   H N N 172 
ILE HB   H N N 173 
ILE HG12 H N N 174 
ILE HG13 H N N 175 
ILE HG21 H N N 176 
ILE HG22 H N N 177 
ILE HG23 H N N 178 
ILE HD11 H N N 179 
ILE HD12 H N N 180 
ILE HD13 H N N 181 
ILE HXT  H N N 182 
LEU N    N N N 183 
LEU CA   C N S 184 
LEU C    C N N 185 
LEU O    O N N 186 
LEU CB   C N N 187 
LEU CG   C N N 188 
LEU CD1  C N N 189 
LEU CD2  C N N 190 
LEU OXT  O N N 191 
LEU H    H N N 192 
LEU H2   H N N 193 
LEU HA   H N N 194 
LEU HB2  H N N 195 
LEU HB3  H N N 196 
LEU HG   H N N 197 
LEU HD11 H N N 198 
LEU HD12 H N N 199 
LEU HD13 H N N 200 
LEU HD21 H N N 201 
LEU HD22 H N N 202 
LEU HD23 H N N 203 
LEU HXT  H N N 204 
LYS N    N N N 205 
LYS CA   C N S 206 
LYS C    C N N 207 
LYS O    O N N 208 
LYS CB   C N N 209 
LYS CG   C N N 210 
LYS CD   C N N 211 
LYS CE   C N N 212 
LYS NZ   N N N 213 
LYS OXT  O N N 214 
LYS H    H N N 215 
LYS H2   H N N 216 
LYS HA   H N N 217 
LYS HB2  H N N 218 
LYS HB3  H N N 219 
LYS HG2  H N N 220 
LYS HG3  H N N 221 
LYS HD2  H N N 222 
LYS HD3  H N N 223 
LYS HE2  H N N 224 
LYS HE3  H N N 225 
LYS HZ1  H N N 226 
LYS HZ2  H N N 227 
LYS HZ3  H N N 228 
LYS HXT  H N N 229 
MET N    N N N 230 
MET CA   C N S 231 
MET C    C N N 232 
MET O    O N N 233 
MET CB   C N N 234 
MET CG   C N N 235 
MET SD   S N N 236 
MET CE   C N N 237 
MET OXT  O N N 238 
MET H    H N N 239 
MET H2   H N N 240 
MET HA   H N N 241 
MET HB2  H N N 242 
MET HB3  H N N 243 
MET HG2  H N N 244 
MET HG3  H N N 245 
MET HE1  H N N 246 
MET HE2  H N N 247 
MET HE3  H N N 248 
MET HXT  H N N 249 
PHE N    N N N 250 
PHE CA   C N S 251 
PHE C    C N N 252 
PHE O    O N N 253 
PHE CB   C N N 254 
PHE CG   C Y N 255 
PHE CD1  C Y N 256 
PHE CD2  C Y N 257 
PHE CE1  C Y N 258 
PHE CE2  C Y N 259 
PHE CZ   C Y N 260 
PHE OXT  O N N 261 
PHE H    H N N 262 
PHE H2   H N N 263 
PHE HA   H N N 264 
PHE HB2  H N N 265 
PHE HB3  H N N 266 
PHE HD1  H N N 267 
PHE HD2  H N N 268 
PHE HE1  H N N 269 
PHE HE2  H N N 270 
PHE HZ   H N N 271 
PHE HXT  H N N 272 
PRO N    N N N 273 
PRO CA   C N S 274 
PRO C    C N N 275 
PRO O    O N N 276 
PRO CB   C N N 277 
PRO CG   C N N 278 
PRO CD   C N N 279 
PRO OXT  O N N 280 
PRO H    H N N 281 
PRO HA   H N N 282 
PRO HB2  H N N 283 
PRO HB3  H N N 284 
PRO HG2  H N N 285 
PRO HG3  H N N 286 
PRO HD2  H N N 287 
PRO HD3  H N N 288 
PRO HXT  H N N 289 
SER N    N N N 290 
SER CA   C N S 291 
SER C    C N N 292 
SER O    O N N 293 
SER CB   C N N 294 
SER OG   O N N 295 
SER OXT  O N N 296 
SER H    H N N 297 
SER H2   H N N 298 
SER HA   H N N 299 
SER HB2  H N N 300 
SER HB3  H N N 301 
SER HG   H N N 302 
SER HXT  H N N 303 
THR N    N N N 304 
THR CA   C N S 305 
THR C    C N N 306 
THR O    O N N 307 
THR CB   C N R 308 
THR OG1  O N N 309 
THR CG2  C N N 310 
THR OXT  O N N 311 
THR H    H N N 312 
THR H2   H N N 313 
THR HA   H N N 314 
THR HB   H N N 315 
THR HG1  H N N 316 
THR HG21 H N N 317 
THR HG22 H N N 318 
THR HG23 H N N 319 
THR HXT  H N N 320 
TYR N    N N N 321 
TYR CA   C N S 322 
TYR C    C N N 323 
TYR O    O N N 324 
TYR CB   C N N 325 
TYR CG   C Y N 326 
TYR CD1  C Y N 327 
TYR CD2  C Y N 328 
TYR CE1  C Y N 329 
TYR CE2  C Y N 330 
TYR CZ   C Y N 331 
TYR OH   O N N 332 
TYR OXT  O N N 333 
TYR H    H N N 334 
TYR H2   H N N 335 
TYR HA   H N N 336 
TYR HB2  H N N 337 
TYR HB3  H N N 338 
TYR HD1  H N N 339 
TYR HD2  H N N 340 
TYR HE1  H N N 341 
TYR HE2  H N N 342 
TYR HH   H N N 343 
TYR HXT  H N N 344 
# 
loop_
_chem_comp_bond.comp_id 
_chem_comp_bond.atom_id_1 
_chem_comp_bond.atom_id_2 
_chem_comp_bond.value_order 
_chem_comp_bond.pdbx_aromatic_flag 
_chem_comp_bond.pdbx_stereo_config 
_chem_comp_bond.pdbx_ordinal 
ALA N   CA   sing N N 1   
ALA N   H    sing N N 2   
ALA N   H2   sing N N 3   
ALA CA  C    sing N N 4   
ALA CA  CB   sing N N 5   
ALA CA  HA   sing N N 6   
ALA C   O    doub N N 7   
ALA C   OXT  sing N N 8   
ALA CB  HB1  sing N N 9   
ALA CB  HB2  sing N N 10  
ALA CB  HB3  sing N N 11  
ALA OXT HXT  sing N N 12  
ARG N   CA   sing N N 13  
ARG N   H    sing N N 14  
ARG N   H2   sing N N 15  
ARG CA  C    sing N N 16  
ARG CA  CB   sing N N 17  
ARG CA  HA   sing N N 18  
ARG C   O    doub N N 19  
ARG C   OXT  sing N N 20  
ARG CB  CG   sing N N 21  
ARG CB  HB2  sing N N 22  
ARG CB  HB3  sing N N 23  
ARG CG  CD   sing N N 24  
ARG CG  HG2  sing N N 25  
ARG CG  HG3  sing N N 26  
ARG CD  NE   sing N N 27  
ARG CD  HD2  sing N N 28  
ARG CD  HD3  sing N N 29  
ARG NE  CZ   sing N N 30  
ARG NE  HE   sing N N 31  
ARG CZ  NH1  sing N N 32  
ARG CZ  NH2  doub N N 33  
ARG NH1 HH11 sing N N 34  
ARG NH1 HH12 sing N N 35  
ARG NH2 HH21 sing N N 36  
ARG NH2 HH22 sing N N 37  
ARG OXT HXT  sing N N 38  
ASN N   CA   sing N N 39  
ASN N   H    sing N N 40  
ASN N   H2   sing N N 41  
ASN CA  C    sing N N 42  
ASN CA  CB   sing N N 43  
ASN CA  HA   sing N N 44  
ASN C   O    doub N N 45  
ASN C   OXT  sing N N 46  
ASN CB  CG   sing N N 47  
ASN CB  HB2  sing N N 48  
ASN CB  HB3  sing N N 49  
ASN CG  OD1  doub N N 50  
ASN CG  ND2  sing N N 51  
ASN ND2 HD21 sing N N 52  
ASN ND2 HD22 sing N N 53  
ASN OXT HXT  sing N N 54  
ASP N   CA   sing N N 55  
ASP N   H    sing N N 56  
ASP N   H2   sing N N 57  
ASP CA  C    sing N N 58  
ASP CA  CB   sing N N 59  
ASP CA  HA   sing N N 60  
ASP C   O    doub N N 61  
ASP C   OXT  sing N N 62  
ASP CB  CG   sing N N 63  
ASP CB  HB2  sing N N 64  
ASP CB  HB3  sing N N 65  
ASP CG  OD1  doub N N 66  
ASP CG  OD2  sing N N 67  
ASP OD2 HD2  sing N N 68  
ASP OXT HXT  sing N N 69  
CYS N   CA   sing N N 70  
CYS N   H    sing N N 71  
CYS N   H2   sing N N 72  
CYS CA  C    sing N N 73  
CYS CA  CB   sing N N 74  
CYS CA  HA   sing N N 75  
CYS C   O    doub N N 76  
CYS C   OXT  sing N N 77  
CYS CB  SG   sing N N 78  
CYS CB  HB2  sing N N 79  
CYS CB  HB3  sing N N 80  
CYS SG  HG   sing N N 81  
CYS OXT HXT  sing N N 82  
GLN N   CA   sing N N 83  
GLN N   H    sing N N 84  
GLN N   H2   sing N N 85  
GLN CA  C    sing N N 86  
GLN CA  CB   sing N N 87  
GLN CA  HA   sing N N 88  
GLN C   O    doub N N 89  
GLN C   OXT  sing N N 90  
GLN CB  CG   sing N N 91  
GLN CB  HB2  sing N N 92  
GLN CB  HB3  sing N N 93  
GLN CG  CD   sing N N 94  
GLN CG  HG2  sing N N 95  
GLN CG  HG3  sing N N 96  
GLN CD  OE1  doub N N 97  
GLN CD  NE2  sing N N 98  
GLN NE2 HE21 sing N N 99  
GLN NE2 HE22 sing N N 100 
GLN OXT HXT  sing N N 101 
GLU N   CA   sing N N 102 
GLU N   H    sing N N 103 
GLU N   H2   sing N N 104 
GLU CA  C    sing N N 105 
GLU CA  CB   sing N N 106 
GLU CA  HA   sing N N 107 
GLU C   O    doub N N 108 
GLU C   OXT  sing N N 109 
GLU CB  CG   sing N N 110 
GLU CB  HB2  sing N N 111 
GLU CB  HB3  sing N N 112 
GLU CG  CD   sing N N 113 
GLU CG  HG2  sing N N 114 
GLU CG  HG3  sing N N 115 
GLU CD  OE1  doub N N 116 
GLU CD  OE2  sing N N 117 
GLU OE2 HE2  sing N N 118 
GLU OXT HXT  sing N N 119 
GLY N   CA   sing N N 120 
GLY N   H    sing N N 121 
GLY N   H2   sing N N 122 
GLY CA  C    sing N N 123 
GLY CA  HA2  sing N N 124 
GLY CA  HA3  sing N N 125 
GLY C   O    doub N N 126 
GLY C   OXT  sing N N 127 
GLY OXT HXT  sing N N 128 
HIS N   CA   sing N N 129 
HIS N   H    sing N N 130 
HIS N   H2   sing N N 131 
HIS CA  C    sing N N 132 
HIS CA  CB   sing N N 133 
HIS CA  HA   sing N N 134 
HIS C   O    doub N N 135 
HIS C   OXT  sing N N 136 
HIS CB  CG   sing N N 137 
HIS CB  HB2  sing N N 138 
HIS CB  HB3  sing N N 139 
HIS CG  ND1  sing Y N 140 
HIS CG  CD2  doub Y N 141 
HIS ND1 CE1  doub Y N 142 
HIS ND1 HD1  sing N N 143 
HIS CD2 NE2  sing Y N 144 
HIS CD2 HD2  sing N N 145 
HIS CE1 NE2  sing Y N 146 
HIS CE1 HE1  sing N N 147 
HIS NE2 HE2  sing N N 148 
HIS OXT HXT  sing N N 149 
HOH O   H1   sing N N 150 
HOH O   H2   sing N N 151 
ILE N   CA   sing N N 152 
ILE N   H    sing N N 153 
ILE N   H2   sing N N 154 
ILE CA  C    sing N N 155 
ILE CA  CB   sing N N 156 
ILE CA  HA   sing N N 157 
ILE C   O    doub N N 158 
ILE C   OXT  sing N N 159 
ILE CB  CG1  sing N N 160 
ILE CB  CG2  sing N N 161 
ILE CB  HB   sing N N 162 
ILE CG1 CD1  sing N N 163 
ILE CG1 HG12 sing N N 164 
ILE CG1 HG13 sing N N 165 
ILE CG2 HG21 sing N N 166 
ILE CG2 HG22 sing N N 167 
ILE CG2 HG23 sing N N 168 
ILE CD1 HD11 sing N N 169 
ILE CD1 HD12 sing N N 170 
ILE CD1 HD13 sing N N 171 
ILE OXT HXT  sing N N 172 
LEU N   CA   sing N N 173 
LEU N   H    sing N N 174 
LEU N   H2   sing N N 175 
LEU CA  C    sing N N 176 
LEU CA  CB   sing N N 177 
LEU CA  HA   sing N N 178 
LEU C   O    doub N N 179 
LEU C   OXT  sing N N 180 
LEU CB  CG   sing N N 181 
LEU CB  HB2  sing N N 182 
LEU CB  HB3  sing N N 183 
LEU CG  CD1  sing N N 184 
LEU CG  CD2  sing N N 185 
LEU CG  HG   sing N N 186 
LEU CD1 HD11 sing N N 187 
LEU CD1 HD12 sing N N 188 
LEU CD1 HD13 sing N N 189 
LEU CD2 HD21 sing N N 190 
LEU CD2 HD22 sing N N 191 
LEU CD2 HD23 sing N N 192 
LEU OXT HXT  sing N N 193 
LYS N   CA   sing N N 194 
LYS N   H    sing N N 195 
LYS N   H2   sing N N 196 
LYS CA  C    sing N N 197 
LYS CA  CB   sing N N 198 
LYS CA  HA   sing N N 199 
LYS C   O    doub N N 200 
LYS C   OXT  sing N N 201 
LYS CB  CG   sing N N 202 
LYS CB  HB2  sing N N 203 
LYS CB  HB3  sing N N 204 
LYS CG  CD   sing N N 205 
LYS CG  HG2  sing N N 206 
LYS CG  HG3  sing N N 207 
LYS CD  CE   sing N N 208 
LYS CD  HD2  sing N N 209 
LYS CD  HD3  sing N N 210 
LYS CE  NZ   sing N N 211 
LYS CE  HE2  sing N N 212 
LYS CE  HE3  sing N N 213 
LYS NZ  HZ1  sing N N 214 
LYS NZ  HZ2  sing N N 215 
LYS NZ  HZ3  sing N N 216 
LYS OXT HXT  sing N N 217 
MET N   CA   sing N N 218 
MET N   H    sing N N 219 
MET N   H2   sing N N 220 
MET CA  C    sing N N 221 
MET CA  CB   sing N N 222 
MET CA  HA   sing N N 223 
MET C   O    doub N N 224 
MET C   OXT  sing N N 225 
MET CB  CG   sing N N 226 
MET CB  HB2  sing N N 227 
MET CB  HB3  sing N N 228 
MET CG  SD   sing N N 229 
MET CG  HG2  sing N N 230 
MET CG  HG3  sing N N 231 
MET SD  CE   sing N N 232 
MET CE  HE1  sing N N 233 
MET CE  HE2  sing N N 234 
MET CE  HE3  sing N N 235 
MET OXT HXT  sing N N 236 
PHE N   CA   sing N N 237 
PHE N   H    sing N N 238 
PHE N   H2   sing N N 239 
PHE CA  C    sing N N 240 
PHE CA  CB   sing N N 241 
PHE CA  HA   sing N N 242 
PHE C   O    doub N N 243 
PHE C   OXT  sing N N 244 
PHE CB  CG   sing N N 245 
PHE CB  HB2  sing N N 246 
PHE CB  HB3  sing N N 247 
PHE CG  CD1  doub Y N 248 
PHE CG  CD2  sing Y N 249 
PHE CD1 CE1  sing Y N 250 
PHE CD1 HD1  sing N N 251 
PHE CD2 CE2  doub Y N 252 
PHE CD2 HD2  sing N N 253 
PHE CE1 CZ   doub Y N 254 
PHE CE1 HE1  sing N N 255 
PHE CE2 CZ   sing Y N 256 
PHE CE2 HE2  sing N N 257 
PHE CZ  HZ   sing N N 258 
PHE OXT HXT  sing N N 259 
PRO N   CA   sing N N 260 
PRO N   CD   sing N N 261 
PRO N   H    sing N N 262 
PRO CA  C    sing N N 263 
PRO CA  CB   sing N N 264 
PRO CA  HA   sing N N 265 
PRO C   O    doub N N 266 
PRO C   OXT  sing N N 267 
PRO CB  CG   sing N N 268 
PRO CB  HB2  sing N N 269 
PRO CB  HB3  sing N N 270 
PRO CG  CD   sing N N 271 
PRO CG  HG2  sing N N 272 
PRO CG  HG3  sing N N 273 
PRO CD  HD2  sing N N 274 
PRO CD  HD3  sing N N 275 
PRO OXT HXT  sing N N 276 
SER N   CA   sing N N 277 
SER N   H    sing N N 278 
SER N   H2   sing N N 279 
SER CA  C    sing N N 280 
SER CA  CB   sing N N 281 
SER CA  HA   sing N N 282 
SER C   O    doub N N 283 
SER C   OXT  sing N N 284 
SER CB  OG   sing N N 285 
SER CB  HB2  sing N N 286 
SER CB  HB3  sing N N 287 
SER OG  HG   sing N N 288 
SER OXT HXT  sing N N 289 
THR N   CA   sing N N 290 
THR N   H    sing N N 291 
THR N   H2   sing N N 292 
THR CA  C    sing N N 293 
THR CA  CB   sing N N 294 
THR CA  HA   sing N N 295 
THR C   O    doub N N 296 
THR C   OXT  sing N N 297 
THR CB  OG1  sing N N 298 
THR CB  CG2  sing N N 299 
THR CB  HB   sing N N 300 
THR OG1 HG1  sing N N 301 
THR CG2 HG21 sing N N 302 
THR CG2 HG22 sing N N 303 
THR CG2 HG23 sing N N 304 
THR OXT HXT  sing N N 305 
TYR N   CA   sing N N 306 
TYR N   H    sing N N 307 
TYR N   H2   sing N N 308 
TYR CA  C    sing N N 309 
TYR CA  CB   sing N N 310 
TYR CA  HA   sing N N 311 
TYR C   O    doub N N 312 
TYR C   OXT  sing N N 313 
TYR CB  CG   sing N N 314 
TYR CB  HB2  sing N N 315 
TYR CB  HB3  sing N N 316 
TYR CG  CD1  doub Y N 317 
TYR CG  CD2  sing Y N 318 
TYR CD1 CE1  sing Y N 319 
TYR CD1 HD1  sing N N 320 
TYR CD2 CE2  doub Y N 321 
TYR CD2 HD2  sing N N 322 
TYR CE1 CZ   doub Y N 323 
TYR CE1 HE1  sing N N 324 
TYR CE2 CZ   sing Y N 325 
TYR CE2 HE2  sing N N 326 
TYR CZ  OH   sing N N 327 
TYR OH  HH   sing N N 328 
TYR OXT HXT  sing N N 329 
# 
_pdbx_initial_refinement_model.id               1 
_pdbx_initial_refinement_model.entity_id_list   ? 
_pdbx_initial_refinement_model.type             'experimental model' 
_pdbx_initial_refinement_model.source_name      PDB 
_pdbx_initial_refinement_model.accession_code   1J2L 
_pdbx_initial_refinement_model.details          ? 
# 
_atom_sites.entry_id                    3UCI 
_atom_sites.fract_transf_matrix[1][1]   0.02755884 
_atom_sites.fract_transf_matrix[1][2]   -0.00149919 
_atom_sites.fract_transf_matrix[1][3]   -0.02631908 
_atom_sites.fract_transf_matrix[2][1]   0.01642857 
_atom_sites.fract_transf_matrix[2][2]   -0.01714779 
_atom_sites.fract_transf_matrix[2][3]   0.01817922 
_atom_sites.fract_transf_matrix[3][1]   -0.00572781 
_atom_sites.fract_transf_matrix[3][2]   -0.01117133 
_atom_sites.fract_transf_matrix[3][3]   -0.00536128 
_atom_sites.fract_transf_vector[1]      0.043595 
_atom_sites.fract_transf_vector[2]      -0.160469 
_atom_sites.fract_transf_vector[3]      -0.107107 
# 
loop_
_atom_type.symbol 
C 
N 
O 
S 
# 
loop_
_atom_site.group_PDB 
_atom_site.id 
_atom_site.type_symbol 
_atom_site.label_atom_id 
_atom_site.label_alt_id 
_atom_site.label_comp_id 
_atom_site.label_asym_id 
_atom_site.label_entity_id 
_atom_site.label_seq_id 
_atom_site.pdbx_PDB_ins_code 
_atom_site.Cartn_x 
_atom_site.Cartn_y 
_atom_site.Cartn_z 
_atom_site.occupancy 
_atom_site.B_iso_or_equiv 
_atom_site.pdbx_formal_charge 
_atom_site.auth_seq_id 
_atom_site.auth_comp_id 
_atom_site.auth_asym_id 
_atom_site.auth_atom_id 
_atom_site.pdbx_PDB_model_num 
ATOM   1   N N   . GLU A 1 1  ? -20.409 22.286  1.013   1.00 21.52 ? -4  GLU A N   1 
ATOM   2   C CA  . GLU A 1 1  ? -18.986 22.141  0.746   1.00 18.83 ? -4  GLU A CA  1 
ATOM   3   C C   . GLU A 1 1  ? -18.654 20.685  0.500   1.00 17.62 ? -4  GLU A C   1 
ATOM   4   O O   . GLU A 1 1  ? -19.204 19.833  1.106   1.00 17.99 ? -4  GLU A O   1 
ATOM   5   C CB  . GLU A 1 1  ? -18.167 22.596  1.946   1.00 19.22 ? -4  GLU A CB  1 
ATOM   6   C CG  . GLU A 1 1  ? -18.139 24.050  2.215   1.00 24.83 ? -4  GLU A CG  1 
ATOM   7   C CD  . GLU A 1 1  ? -17.154 24.385  3.304   1.00 24.16 ? -4  GLU A CD  1 
ATOM   8   O OE1 . GLU A 1 1  ? -16.480 23.543  3.825   1.00 29.38 ? -4  GLU A OE1 1 
ATOM   9   O OE2 . GLU A 1 1  ? -17.089 25.508  3.607   1.00 35.29 ? -4  GLU A OE2 1 
ATOM   10  N N   . ALA A 1 2  ? -17.682 20.459  -0.356  1.00 15.61 ? -3  ALA A N   1 
ATOM   11  C CA  . ALA A 1 2  ? -17.164 19.139  -0.628  1.00 16.06 ? -3  ALA A CA  1 
ATOM   12  C C   . ALA A 1 2  ? -16.473 18.511  0.558   1.00 14.96 ? -3  ALA A C   1 
ATOM   13  O O   . ALA A 1 2  ? -15.883 19.197  1.353   1.00 17.48 ? -3  ALA A O   1 
ATOM   14  C CB  . ALA A 1 2  ? -16.199 19.192  -1.790  1.00 19.00 ? -3  ALA A CB  1 
ATOM   15  N N   . GLU A 1 3  ? -16.605 17.203  0.679   1.00 16.50 ? -2  GLU A N   1 
ATOM   16  C CA  . GLU A 1 3  ? -15.829 16.434  1.615   1.00 17.97 ? -2  GLU A CA  1 
ATOM   17  C C   . GLU A 1 3  ? -14.625 15.821  0.892   1.00 17.28 ? -2  GLU A C   1 
ATOM   18  O O   . GLU A 1 3  ? -14.740 14.834  0.281   1.00 21.86 ? -2  GLU A O   1 
ATOM   19  C CB  . GLU A 1 3  ? -16.664 15.295  2.182   1.00 20.66 ? -2  GLU A CB  1 
ATOM   20  C CG  . GLU A 1 3  ? -17.763 15.704  3.047   1.00 25.32 ? -2  GLU A CG  1 
ATOM   21  C CD  . GLU A 1 3  ? -17.318 16.284  4.354   1.00 31.21 ? -2  GLU A CD  1 
ATOM   22  O OE1 . GLU A 1 3  ? -16.201 16.035  4.797   1.00 32.73 ? -2  GLU A OE1 1 
ATOM   23  O OE2 . GLU A 1 3  ? -18.115 17.008  4.954   1.00 37.50 ? -2  GLU A OE2 1 
ATOM   24  N N   . PHE A 1 4  ? -13.480 16.448  1.045   1.00 16.96 ? -1  PHE A N   1 
ATOM   25  C CA  . PHE A 1 4  ? -12.240 15.999  0.406   1.00 17.58 ? -1  PHE A CA  1 
ATOM   26  C C   . PHE A 1 4  ? -11.621 14.695  0.933   1.00 19.83 ? -1  PHE A C   1 
ATOM   27  O O   . PHE A 1 4  ? -10.940 14.002  0.243   1.00 20.41 ? -1  PHE A O   1 
ATOM   28  C CB  . PHE A 1 4  ? -11.265 17.149  0.361   1.00 20.56 ? -1  PHE A CB  1 
ATOM   29  C CG  . PHE A 1 4  ? -11.836 18.376  -0.277  1.00 17.88 ? -1  PHE A CG  1 
ATOM   30  C CD1 . PHE A 1 4  ? -12.220 19.450  0.458   1.00 18.03 ? -1  PHE A CD1 1 
ATOM   31  C CD2 . PHE A 1 4  ? -12.014 18.443  -1.628  1.00 18.93 ? -1  PHE A CD2 1 
ATOM   32  C CE1 . PHE A 1 4  ? -12.732 20.522  -0.100  1.00 18.66 ? -1  PHE A CE1 1 
ATOM   33  C CE2 . PHE A 1 4  ? -12.568 19.548  -2.190  1.00 18.97 ? -1  PHE A CE2 1 
ATOM   34  C CZ  . PHE A 1 4  ? -12.920 20.587  -1.420  1.00 17.09 ? -1  PHE A CZ  1 
ATOM   35  N N   . GLY A 1 5  ? -11.947 14.362  2.161   1.00 20.45 ? 1   GLY A N   1 
ATOM   36  C CA  . GLY A 1 5  ? -11.348 13.244  2.837   1.00 20.73 ? 1   GLY A CA  1 
ATOM   37  C C   . GLY A 1 5  ? -11.540 11.918  2.208   1.00 21.16 ? 1   GLY A C   1 
ATOM   38  O O   . GLY A 1 5  ? -10.720 11.103  2.322   1.00 20.56 ? 1   GLY A O   1 
ATOM   39  N N   . LYS A 1 6  ? -12.669 11.709  1.539   1.00 20.30 ? 2   LYS A N   1 
ATOM   40  C CA  . LYS A 1 6  ? -12.904 10.435  0.898   1.00 21.85 ? 2   LYS A CA  1 
ATOM   41  C C   . LYS A 1 6  ? -12.039 10.197  -0.319  1.00 21.36 ? 2   LYS A C   1 
ATOM   42  O O   . LYS A 1 6  ? -11.958 9.138   -0.790  1.00 24.08 ? 2   LYS A O   1 
ATOM   43  C CB  . LYS A 1 6  ? -14.396 10.220  0.537   1.00 24.27 ? 2   LYS A CB  1 
ATOM   44  C CG  . LYS A 1 6  ? -14.884 11.126  -0.552  1.00 23.51 ? 2   LYS A CG  1 
ATOM   45  C CD  . LYS A 1 6  ? -16.448 11.219  -0.557  1.00 21.38 ? 2   LYS A CD  1 
ATOM   46  C CE  . LYS A 1 6  ? -17.039 9.879   -0.792  1.00 22.38 ? 2   LYS A CE  1 
ATOM   47  N NZ  . LYS A 1 6  ? -18.548 9.928   -0.812  1.00 17.95 ? 2   LYS A NZ  1 
ATOM   48  N N   . GLU A 1 7  ? -11.415 11.236  -0.819  1.00 18.10 ? 3   GLU A N   1 
ATOM   49  C CA  . GLU A 1 7  ? -10.536 11.117  -1.955  1.00 16.30 ? 3   GLU A CA  1 
ATOM   50  C C   . GLU A 1 7  ? -9.040  10.910  -1.607  1.00 16.51 ? 3   GLU A C   1 
ATOM   51  O O   . GLU A 1 7  ? -8.233  10.797  -2.471  1.00 17.63 ? 3   GLU A O   1 
ATOM   52  C CB  . GLU A 1 7  ? -10.708 12.331  -2.842  1.00 15.79 ? 3   GLU A CB  1 
ATOM   53  C CG  . GLU A 1 7  ? -12.104 12.414  -3.405  1.00 18.74 ? 3   GLU A CG  1 
ATOM   54  C CD  . GLU A 1 7  ? -12.326 13.546  -4.320  1.00 16.50 ? 3   GLU A CD  1 
ATOM   55  O OE1 . GLU A 1 7  ? -11.593 13.723  -5.263  1.00 18.47 ? 3   GLU A OE1 1 
ATOM   56  O OE2 . GLU A 1 7  ? -13.249 14.238  -4.066  1.00 16.18 ? 3   GLU A OE2 1 
ATOM   57  N N   . CYS A 1 8  ? -8.711  10.914  -0.335  1.00 14.64 ? 4   CYS A N   1 
ATOM   58  C CA  . CYS A 1 8  ? -7.307  10.797  0.071   1.00 15.27 ? 4   CYS A CA  1 
ATOM   59  C C   . CYS A 1 8  ? -6.670  9.466   -0.239  1.00 15.12 ? 4   CYS A C   1 
ATOM   60  O O   . CYS A 1 8  ? -7.239  8.464   -0.033  1.00 17.46 ? 4   CYS A O   1 
ATOM   61  C CB  . CYS A 1 8  ? -7.144  11.055  1.569   1.00 15.64 ? 4   CYS A CB  1 
ATOM   62  S SG  . CYS A 1 8  ? -7.574  12.700  2.102   1.00 16.84 ? 4   CYS A SG  1 
ATOM   63  N N   . ASP A 1 9  ? -5.446  9.513   -0.734  1.00 14.32 ? 5   ASP A N   1 
ATOM   64  C CA  . ASP A 1 9  ? -4.540  8.398   -0.701  1.00 14.23 ? 5   ASP A CA  1 
ATOM   65  C C   . ASP A 1 9  ? -3.967  8.099   0.690   1.00 15.58 ? 5   ASP A C   1 
ATOM   66  O O   . ASP A 1 9  ? -3.737  6.985   1.017   1.00 18.50 ? 5   ASP A O   1 
ATOM   67  C CB  . ASP A 1 9  ? -3.395  8.534   -1.734  1.00 14.72 ? 5   ASP A CB  1 
ATOM   68  C CG  . ASP A 1 9  ? -3.878  8.663   -3.172  1.00 15.71 ? 5   ASP A CG  1 
ATOM   69  O OD1 . ASP A 1 9  ? -4.852  7.999   -3.492  1.00 20.78 ? 5   ASP A OD1 1 
ATOM   70  O OD2 . ASP A 1 9  ? -3.269  9.367   -3.929  1.00 14.30 ? 5   ASP A OD2 1 
ATOM   71  N N   . CYS A 1 10 ? -3.686  9.152   1.425   1.00 14.15 ? 6   CYS A N   1 
ATOM   72  C CA  . CYS A 1 10 ? -3.221  9.044   2.770   1.00 15.04 ? 6   CYS A CA  1 
ATOM   73  C C   . CYS A 1 10 ? -4.107  9.908   3.619   1.00 17.13 ? 6   CYS A C   1 
ATOM   74  O O   . CYS A 1 10 ? -4.219  11.035  3.428   1.00 19.76 ? 6   CYS A O   1 
ATOM   75  C CB  . CYS A 1 10 ? -1.804  9.611   2.947   1.00 14.85 ? 6   CYS A CB  1 
ATOM   76  S SG  . CYS A 1 10 ? -0.483  9.033   1.836   1.00 14.18 ? 6   CYS A SG  1 
ATOM   77  N N   . SER A 1 11 ? -4.683  9.319   4.599   1.00 19.40 ? 7   SER A N   1 
ATOM   78  C CA  . SER A 1 11 ? -5.532  10.091  5.500   1.00 20.80 ? 7   SER A CA  1 
ATOM   79  C C   . SER A 1 11 ? -4.835  11.118  6.386   1.00 19.85 ? 7   SER A C   1 
ATOM   80  O O   . SER A 1 11 ? -5.408  12.109  6.726   1.00 19.26 ? 7   SER A O   1 
ATOM   81  C CB  . SER A 1 11 ? -6.398  9.154   6.312   1.00 23.49 ? 7   SER A CB  1 
ATOM   82  O OG  . SER A 1 11 ? -5.598  8.160   6.883   1.00 28.27 ? 7   SER A OG  1 
ATOM   83  N N   . SER A 1 12 ? -3.611  10.823  6.774   1.00 18.17 ? 8   SER A N   1 
ATOM   84  C CA  . SER A 1 12 ? -2.851  11.693  7.629   1.00 17.80 ? 8   SER A CA  1 
ATOM   85  C C   . SER A 1 12 ? -2.032  12.705  6.857   1.00 16.49 ? 8   SER A C   1 
ATOM   86  O O   . SER A 1 12 ? -1.299  12.355  5.975   1.00 14.98 ? 8   SER A O   1 
ATOM   87  C CB  . SER A 1 12 ? -1.908  10.896  8.504   1.00 19.24 ? 8   SER A CB  1 
ATOM   88  O OG  . SER A 1 12 ? -1.030  11.766  9.189   1.00 20.71 ? 8   SER A OG  1 
ATOM   89  N N   . PRO A 1 13 ? -2.126  13.952  7.254   1.00 16.00 ? 9   PRO A N   1 
ATOM   90  C CA  . PRO A 1 13 ? -1.326  14.982  6.604   1.00 15.88 ? 9   PRO A CA  1 
ATOM   91  C C   . PRO A 1 13 ? 0.169   14.812  6.846   1.00 15.11 ? 9   PRO A C   1 
ATOM   92  O O   . PRO A 1 13 ? 0.910   15.432  6.174   1.00 15.69 ? 9   PRO A O   1 
ATOM   93  C CB  . PRO A 1 13 ? -1.824  16.273  7.226   1.00 17.73 ? 9   PRO A CB  1 
ATOM   94  C CG  . PRO A 1 13 ? -2.962  15.951  7.883   1.00 23.85 ? 9   PRO A CG  1 
ATOM   95  C CD  . PRO A 1 13 ? -3.052  14.556  8.224   1.00 19.08 ? 9   PRO A CD  1 
ATOM   96  N N   . GLU A 1 14 ? 0.544   13.998  7.813   1.00 14.96 ? 10  GLU A N   1 
ATOM   97  C CA  . GLU A 1 14 ? 1.934   13.770  8.123   1.00 14.77 ? 10  GLU A CA  1 
ATOM   98  C C   . GLU A 1 14 ? 2.556   12.595  7.379   1.00 13.82 ? 10  GLU A C   1 
ATOM   99  O O   . GLU A 1 14 ? 3.696   12.351  7.513   1.00 16.20 ? 10  GLU A O   1 
ATOM   100 C CB  . GLU A 1 14 ? 2.133   13.549  9.625   1.00 14.96 ? 10  GLU A CB  1 
ATOM   101 C CG  . GLU A 1 14 ? 1.481   14.532  10.564  1.00 18.24 ? 10  GLU A CG  1 
ATOM   102 C CD  . GLU A 1 14 ? 1.720   16.010  10.291  1.00 18.68 ? 10  GLU A CD  1 
ATOM   103 O OE1 . GLU A 1 14 ? 2.553   16.430  9.553   1.00 21.39 ? 10  GLU A OE1 1 
ATOM   104 O OE2 . GLU A 1 14 ? 1.004   16.749  10.896  1.00 22.96 ? 10  GLU A OE2 1 
ATOM   105 N N   . ASN A 1 15 ? 1.781   11.925  6.569   1.00 12.73 ? 11  ASN A N   1 
ATOM   106 C CA  . ASN A 1 15 ? 2.305   10.809  5.822   1.00 12.57 ? 11  ASN A CA  1 
ATOM   107 C C   . ASN A 1 15 ? 3.237   11.354  4.737   1.00 12.18 ? 11  ASN A C   1 
ATOM   108 O O   . ASN A 1 15 ? 2.825   12.090  3.917   1.00 12.22 ? 11  ASN A O   1 
ATOM   109 C CB  . ASN A 1 15 ? 1.146   10.023  5.171   1.00 12.48 ? 11  ASN A CB  1 
ATOM   110 C CG  . ASN A 1 15 ? 1.587   8.694   4.559   1.00 11.67 ? 11  ASN A CG  1 
ATOM   111 O OD1 . ASN A 1 15 ? 2.575   8.600   3.947   1.00 12.25 ? 11  ASN A OD1 1 
ATOM   112 N ND2 . ASN A 1 15 ? 0.777   7.696   4.720   1.00 12.24 ? 11  ASN A ND2 1 
ATOM   113 N N   . PRO A 1 16 ? 4.489   10.931  4.756   1.00 11.85 ? 12  PRO A N   1 
ATOM   114 C CA  . PRO A 1 16 ? 5.464   11.482  3.807   1.00 11.84 ? 12  PRO A CA  1 
ATOM   115 C C   . PRO A 1 16 ? 5.246   11.068  2.347   1.00 10.55 ? 12  PRO A C   1 
ATOM   116 O O   . PRO A 1 16 ? 5.827   11.628  1.484   1.00 12.91 ? 12  PRO A O   1 
ATOM   117 C CB  . PRO A 1 16 ? 6.796   10.952  4.350   1.00 13.33 ? 12  PRO A CB  1 
ATOM   118 C CG  . PRO A 1 16 ? 6.413   9.690   5.065   1.00 14.61 ? 12  PRO A CG  1 
ATOM   119 C CD  . PRO A 1 16 ? 5.128   10.016  5.721   1.00 12.89 ? 12  PRO A CD  1 
ATOM   120 N N   . CYS A 1 17 ? 4.444   10.031  2.153   1.00 9.94  ? 13  CYS A N   1 
ATOM   121 C CA  . CYS A 1 17 ? 4.138   9.491   0.839   1.00 10.48 ? 13  CYS A CA  1 
ATOM   122 C C   . CYS A 1 17 ? 3.180   10.357  0.028   1.00 10.82 ? 13  CYS A C   1 
ATOM   123 O O   . CYS A 1 17 ? 3.098   10.195  -1.108  1.00 11.46 ? 13  CYS A O   1 
ATOM   124 C CB  . CYS A 1 17 ? 3.573   8.073   0.916   1.00 11.41 ? 13  CYS A CB  1 
ATOM   125 S SG  . CYS A 1 17 ? 4.705   6.893   1.831   1.00 11.53 ? 13  CYS A SG  1 
ATOM   126 N N   . CYS A 1 18 ? 2.470   11.229  0.732   1.00 11.26 ? 14  CYS A N   1 
ATOM   127 C CA  . CYS A 1 18 ? 1.495   12.135  0.167   1.00 11.69 ? 14  CYS A CA  1 
ATOM   128 C C   . CYS A 1 18 ? 1.890   13.599  0.354   1.00 11.03 ? 14  CYS A C   1 
ATOM   129 O O   . CYS A 1 18 ? 2.677   13.943  1.138   1.00 12.00 ? 14  CYS A O   1 
ATOM   130 C CB  . CYS A 1 18 ? 0.109   11.911  0.780   1.00 12.40 ? 14  CYS A CB  1 
ATOM   131 S SG  . CYS A 1 18 ? -0.718  10.385  0.208   1.00 13.59 ? 14  CYS A SG  1 
ATOM   132 N N   . ASP A 1 19 ? 1.249   14.432  -0.442  1.00 12.75 ? 15  ASP A N   1 
ATOM   133 C CA  . ASP A 1 19 ? 1.300   15.845  -0.306  1.00 12.58 ? 15  ASP A CA  1 
ATOM   134 C C   . ASP A 1 19 ? 0.209   16.251  0.673   1.00 11.20 ? 15  ASP A C   1 
ATOM   135 O O   . ASP A 1 19 ? -0.880  15.904  0.504   1.00 11.72 ? 15  ASP A O   1 
ATOM   136 C CB  . ASP A 1 19 ? 1.087   16.450  -1.681  1.00 15.86 ? 15  ASP A CB  1 
ATOM   137 C CG  . ASP A 1 19 ? 0.816   17.890  -1.637  1.00 22.93 ? 15  ASP A CG  1 
ATOM   138 O OD1 . ASP A 1 19 ? -0.205  18.261  -2.104  1.00 39.12 ? 15  ASP A OD1 1 
ATOM   139 O OD2 . ASP A 1 19 ? 1.556   18.633  -1.124  1.00 36.98 ? 15  ASP A OD2 1 
ATOM   140 N N   . ALA A 1 20 ? 0.573   16.993  1.690   1.00 11.87 ? 16  ALA A N   1 
ATOM   141 C CA  . ALA A 1 20 ? -0.380  17.369  2.712   1.00 12.70 ? 16  ALA A CA  1 
ATOM   142 C C   . ALA A 1 20 ? -1.548  18.175  2.132   1.00 11.07 ? 16  ALA A C   1 
ATOM   143 O O   . ALA A 1 20 ? -2.614  18.010  2.561   1.00 11.93 ? 16  ALA A O   1 
ATOM   144 C CB  . ALA A 1 20 ? 0.284   18.130  3.842   1.00 14.48 ? 16  ALA A CB  1 
ATOM   145 N N   . ALA A 1 21 ? -1.271  19.025  1.157   1.00 11.33 ? 17  ALA A N   1 
ATOM   146 C CA  . ALA A 1 21 ? -2.287  19.903  0.600   1.00 12.03 ? 17  ALA A CA  1 
ATOM   147 C C   . ALA A 1 21 ? -3.452  19.149  -0.085  1.00 11.43 ? 17  ALA A C   1 
ATOM   148 O O   . ALA A 1 21 ? -4.565  19.536  -0.012  1.00 12.16 ? 17  ALA A O   1 
ATOM   149 C CB  . ALA A 1 21 ? -1.630  20.815  -0.354  1.00 12.24 ? 17  ALA A CB  1 
ATOM   150 N N   . THR A 1 22 ? -3.118  18.079  -0.784  1.00 12.41 ? 18  THR A N   1 
ATOM   151 C CA  . THR A 1 22 ? -4.080  17.283  -1.538  1.00 13.00 ? 18  THR A CA  1 
ATOM   152 C C   . THR A 1 22 ? -4.477  15.930  -0.953  1.00 12.82 ? 18  THR A C   1 
ATOM   153 O O   . THR A 1 22 ? -5.403  15.339  -1.387  1.00 13.94 ? 18  THR A O   1 
ATOM   154 C CB  . THR A 1 22 ? -3.547  17.021  -2.947  1.00 14.51 ? 18  THR A CB  1 
ATOM   155 O OG1 . THR A 1 22 ? -2.348  16.270  -2.868  1.00 14.07 ? 18  THR A OG1 1 
ATOM   156 C CG2 . THR A 1 22 ? -3.277  18.274  -3.663  1.00 17.68 ? 18  THR A CG2 1 
ATOM   157 N N   . CYS A 1 23 ? -3.684  15.451  -0.016  1.00 12.35 ? 19  CYS A N   1 
ATOM   158 C CA  . CYS A 1 23 ? -3.727  14.094  0.478   1.00 13.47 ? 19  CYS A CA  1 
ATOM   159 C C   . CYS A 1 23 ? -3.600  12.987  -0.601  1.00 12.50 ? 19  CYS A C   1 
ATOM   160 O O   . CYS A 1 23 ? -4.008  11.913  -0.409  1.00 14.85 ? 19  CYS A O   1 
ATOM   161 C CB  . CYS A 1 23 ? -4.855  13.850  1.464   1.00 15.36 ? 19  CYS A CB  1 
ATOM   162 S SG  . CYS A 1 23 ? -6.589  13.865  0.773   1.00 16.92 ? 19  CYS A SG  1 
ATOM   163 N N   . LYS A 1 24 ? -2.925  13.335  -1.672  1.00 12.80 ? 20  LYS A N   1 
ATOM   164 C CA  . LYS A 1 24 ? -2.631  12.425  -2.747  1.00 12.42 ? 20  LYS A CA  1 
ATOM   165 C C   . LYS A 1 24 ? -1.149  12.092  -2.767  1.00 11.90 ? 20  LYS A C   1 
ATOM   166 O O   . LYS A 1 24 ? -0.320  12.806  -2.341  1.00 12.85 ? 20  LYS A O   1 
ATOM   167 C CB  . LYS A 1 24 ? -3.028  13.017  -4.120  1.00 14.37 ? 20  LYS A CB  1 
ATOM   168 C CG  . LYS A 1 24 ? -4.519  13.287  -4.309  1.00 15.85 ? 20  LYS A CG  1 
ATOM   169 C CD  . LYS A 1 24 ? -5.359  12.021  -4.367  1.00 18.43 ? 20  LYS A CD  1 
ATOM   170 C CE  . LYS A 1 24 ? -6.697  12.252  -5.037  1.00 19.42 ? 20  LYS A CE  1 
ATOM   171 N NZ  . LYS A 1 24 ? -7.475  11.029  -4.997  1.00 22.10 ? 20  LYS A NZ  1 
ATOM   172 N N   . LEU A 1 25 ? -0.865  10.954  -3.351  1.00 12.62 ? 21  LEU A N   1 
ATOM   173 C CA  . LEU A 1 25 ? 0.495   10.480  -3.443  1.00 11.58 ? 21  LEU A CA  1 
ATOM   174 C C   . LEU A 1 25 ? 1.414   11.442  -4.188  1.00 11.64 ? 21  LEU A C   1 
ATOM   175 O O   . LEU A 1 25 ? 1.073   11.994  -5.175  1.00 14.04 ? 21  LEU A O   1 
ATOM   176 C CB  . LEU A 1 25 ? 0.519   9.136   -4.159  1.00 12.21 ? 21  LEU A CB  1 
ATOM   177 C CG  . LEU A 1 25 ? -0.112  7.954   -3.429  1.00 14.70 ? 21  LEU A CG  1 
ATOM   178 C CD1 . LEU A 1 25 ? -0.353  6.782   -4.348  1.00 16.37 ? 21  LEU A CD1 1 
ATOM   179 C CD2 . LEU A 1 25 ? 0.692   7.540   -2.179  1.00 14.99 ? 21  LEU A CD2 1 
ATOM   180 N N   . ARG A 1 26 ? 2.599   11.611  -3.656  1.00 12.24 ? 22  ARG A N   1 
ATOM   181 C CA  . ARG A 1 26 ? 3.632   12.422  -4.259  1.00 12.41 ? 22  ARG A CA  1 
ATOM   182 C C   . ARG A 1 26 ? 4.224   11.726  -5.484  1.00 13.14 ? 22  ARG A C   1 
ATOM   183 O O   . ARG A 1 26 ? 4.092   10.562  -5.633  1.00 13.26 ? 22  ARG A O   1 
ATOM   184 C CB  . ARG A 1 26 ? 4.732   12.702  -3.236  1.00 13.11 ? 22  ARG A CB  1 
ATOM   185 C CG  . ARG A 1 26 ? 4.398   13.713  -2.209  1.00 13.64 ? 22  ARG A CG  1 
ATOM   186 C CD  . ARG A 1 26 ? 5.373   13.699  -1.058  1.00 14.81 ? 22  ARG A CD  1 
ATOM   187 N NE  . ARG A 1 26 ? 6.698   14.201  -1.394  1.00 13.96 ? 22  ARG A NE  1 
ATOM   188 C CZ  . ARG A 1 26 ? 7.708   14.183  -0.567  1.00 13.88 ? 22  ARG A CZ  1 
ATOM   189 N NH1 . ARG A 1 26 ? 8.850   14.684  -0.917  1.00 14.05 ? 22  ARG A NH1 1 
ATOM   190 N NH2 . ARG A 1 26 ? 7.577   13.671  0.613   1.00 15.27 ? 22  ARG A NH2 1 
ATOM   191 N N   . PRO A 1 27 ? 4.896   12.492  -6.344  1.00 14.70 ? 23  PRO A N   1 
ATOM   192 C CA  . PRO A 1 27 ? 5.547   11.903  -7.498  1.00 15.86 ? 23  PRO A CA  1 
ATOM   193 C C   . PRO A 1 27 ? 6.543   10.849  -7.060  1.00 14.94 ? 23  PRO A C   1 
ATOM   194 O O   . PRO A 1 27 ? 7.362   11.049  -6.234  1.00 17.91 ? 23  PRO A O   1 
ATOM   195 C CB  . PRO A 1 27 ? 6.312   13.083  -8.113  1.00 17.64 ? 23  PRO A CB  1 
ATOM   196 C CG  . PRO A 1 27 ? 5.767   14.238  -7.582  1.00 19.41 ? 23  PRO A CG  1 
ATOM   197 C CD  . PRO A 1 27 ? 5.048   13.950  -6.318  1.00 16.07 ? 23  PRO A CD  1 
ATOM   198 N N   . GLY A 1 28 ? 6.364   9.700   -7.646  1.00 16.75 ? 24  GLY A N   1 
ATOM   199 C CA  . GLY A 1 28 ? 7.149   8.539   -7.338  1.00 18.38 ? 24  GLY A CA  1 
ATOM   200 C C   . GLY A 1 28 ? 6.584   7.654   -6.238  1.00 17.70 ? 24  GLY A C   1 
ATOM   201 O O   . GLY A 1 28 ? 6.957   6.539   -6.130  1.00 20.44 ? 24  GLY A O   1 
ATOM   202 N N   . ALA A 1 29 ? 5.638   8.145   -5.463  1.00 14.69 ? 25  ALA A N   1 
ATOM   203 C CA  . ALA A 1 29 ? 4.975   7.268   -4.491  1.00 14.22 ? 25  ALA A CA  1 
ATOM   204 C C   . ALA A 1 29 ? 3.890   6.426   -5.138  1.00 13.20 ? 25  ALA A C   1 
ATOM   205 O O   . ALA A 1 29 ? 3.061   6.927   -5.794  1.00 17.68 ? 25  ALA A O   1 
ATOM   206 C CB  . ALA A 1 29 ? 4.397   8.057   -3.378  1.00 13.35 ? 25  ALA A CB  1 
ATOM   207 N N   . GLN A 1 30 ? 3.939   5.133   -4.882  1.00 13.17 ? 26  GLN A N   1 
ATOM   208 C CA  . GLN A 1 30 ? 2.978   4.195   -5.344  1.00 13.19 ? 26  GLN A CA  1 
ATOM   209 C C   . GLN A 1 30 ? 1.901   3.859   -4.308  1.00 12.05 ? 26  GLN A C   1 
ATOM   210 O O   . GLN A 1 30 ? 0.882   3.368   -4.619  1.00 14.62 ? 26  GLN A O   1 
ATOM   211 C CB  . GLN A 1 30 ? 3.692   2.917   -5.753  1.00 14.58 ? 26  GLN A CB  1 
ATOM   212 C CG  . GLN A 1 30 ? 4.603   3.081   -6.966  1.00 14.11 ? 26  GLN A CG  1 
ATOM   213 C CD  . GLN A 1 30 ? 5.467   1.862   -7.266  1.00 15.96 ? 26  GLN A CD  1 
ATOM   214 O OE1 . GLN A 1 30 ? 6.079   1.309   -6.433  1.00 15.19 ? 26  GLN A OE1 1 
ATOM   215 N NE2 . GLN A 1 30 ? 5.529   1.519   -8.512  1.00 21.19 ? 26  GLN A NE2 1 
ATOM   216 N N   . CYS A 1 31 ? 2.228   4.107   -3.055  1.00 12.09 ? 27  CYS A N   1 
ATOM   217 C CA  . CYS A 1 31 ? 1.366   3.772   -1.932  1.00 11.63 ? 27  CYS A CA  1 
ATOM   218 C C   . CYS A 1 31 ? 1.773   4.530   -0.689  1.00 11.75 ? 27  CYS A C   1 
ATOM   219 O O   . CYS A 1 31 ? 2.827   5.027   -0.622  1.00 12.27 ? 27  CYS A O   1 
ATOM   220 C CB  . CYS A 1 31 ? 1.430   2.259   -1.696  1.00 12.46 ? 27  CYS A CB  1 
ATOM   221 S SG  . CYS A 1 31 ? 3.170   1.632   -1.443  1.00 12.89 ? 27  CYS A SG  1 
ATOM   222 N N   . GLY A 1 32 ? 0.880   4.599   0.288   1.00 12.30 ? 28  GLY A N   1 
ATOM   223 C CA  . GLY A 1 32 ? 1.188   5.163   1.578   1.00 14.04 ? 28  GLY A CA  1 
ATOM   224 C C   . GLY A 1 32 ? 0.877   4.312   2.787   1.00 11.76 ? 28  GLY A C   1 
ATOM   225 O O   . GLY A 1 32 ? 1.025   4.750   3.853   1.00 14.08 ? 28  GLY A O   1 
ATOM   226 N N   . GLU A 1 33 ? 0.398   3.118   2.533   1.00 11.67 ? 29  GLU A N   1 
ATOM   227 C CA  . GLU A 1 33 ? 0.056   2.165   3.555   1.00 12.65 ? 29  GLU A CA  1 
ATOM   228 C C   . GLU A 1 33 ? -0.032  0.792   2.912   1.00 12.30 ? 29  GLU A C   1 
ATOM   229 O O   . GLU A 1 33 ? -0.210  0.676   1.779   1.00 14.18 ? 29  GLU A O   1 
ATOM   230 C CB  . GLU A 1 33 ? -1.259  2.528   4.276   1.00 15.77 ? 29  GLU A CB  1 
ATOM   231 C CG  . GLU A 1 33 ? -2.424  2.438   3.488   1.00 23.75 ? 29  GLU A CG  1 
ATOM   232 C CD  . GLU A 1 33 ? -3.686  2.991   4.179   1.00 33.50 ? 29  GLU A CD  1 
ATOM   233 O OE1 . GLU A 1 33 ? -3.628  3.692   5.201   1.00 40.47 ? 29  GLU A OE1 1 
ATOM   234 O OE2 . GLU A 1 33 ? -4.716  2.691   3.649   1.00 44.74 ? 29  GLU A OE2 1 
ATOM   235 N N   . GLY A 1 34 ? 0.046   -0.225  3.743   1.00 14.33 ? 30  GLY A N   1 
ATOM   236 C CA  . GLY A 1 34 ? -0.213  -1.589  3.380   1.00 14.73 ? 30  GLY A CA  1 
ATOM   237 C C   . GLY A 1 34 ? 0.957   -2.518  3.623   1.00 12.54 ? 30  GLY A C   1 
ATOM   238 O O   . GLY A 1 34 ? 2.048   -2.140  3.683   1.00 13.55 ? 30  GLY A O   1 
ATOM   239 N N   . LEU A 1 35 ? 0.614   -3.795  3.730   1.00 14.18 ? 31  LEU A N   1 
ATOM   240 C CA  . LEU A 1 35 ? 1.571   -4.855  3.978   1.00 13.09 ? 31  LEU A CA  1 
ATOM   241 C C   . LEU A 1 35 ? 2.617   -4.989  2.860   1.00 13.82 ? 31  LEU A C   1 
ATOM   242 O O   . LEU A 1 35 ? 3.673   -5.446  3.085   1.00 14.08 ? 31  LEU A O   1 
ATOM   243 C CB  . LEU A 1 35 ? 0.851   -6.177  4.188   1.00 16.54 ? 31  LEU A CB  1 
ATOM   244 C CG  . LEU A 1 35 ? 0.096   -6.372  5.492   1.00 18.41 ? 31  LEU A CG  1 
ATOM   245 C CD1 . LEU A 1 35 ? -0.548  -7.703  5.486   1.00 20.75 ? 31  LEU A CD1 1 
ATOM   246 C CD2 . LEU A 1 35 ? 0.980   -6.230  6.625   1.00 28.27 ? 31  LEU A CD2 1 
ATOM   247 N N   . CYS A 1 36 ? 2.232   -4.599  1.670   1.00 12.79 ? 32  CYS A N   1 
ATOM   248 C CA  . CYS A 1 36 ? 3.086   -4.625  0.489   1.00 11.98 ? 32  CYS A CA  1 
ATOM   249 C C   . CYS A 1 36 ? 3.508   -3.233  0.023   1.00 10.37 ? 32  CYS A C   1 
ATOM   250 O O   . CYS A 1 36 ? 3.733   -3.020  -1.111  1.00 11.27 ? 32  CYS A O   1 
ATOM   251 C CB  . CYS A 1 36 ? 2.460   -5.426  -0.643  1.00 11.97 ? 32  CYS A CB  1 
ATOM   252 S SG  . CYS A 1 36 ? 2.234   -7.228  -0.220  1.00 12.71 ? 32  CYS A SG  1 
ATOM   253 N N   . CYS A 1 37 ? 3.584   -2.329  0.988   1.00 11.52 ? 33  CYS A N   1 
ATOM   254 C CA  . CYS A 1 37 ? 4.126   -1.007  0.784   1.00 11.16 ? 33  CYS A CA  1 
ATOM   255 C C   . CYS A 1 37 ? 5.346   -0.815  1.676   1.00 11.01 ? 33  CYS A C   1 
ATOM   256 O O   . CYS A 1 37 ? 5.311   -1.092  2.817   1.00 11.72 ? 33  CYS A O   1 
ATOM   257 C CB  . CYS A 1 37 ? 3.061   0.011   1.136   1.00 11.19 ? 33  CYS A CB  1 
ATOM   258 S SG  . CYS A 1 37 ? 3.432   1.732   0.614   1.00 12.11 ? 33  CYS A SG  1 
ATOM   259 N N   . GLU A 1 38 ? 6.421   -0.320  1.097   1.00 10.68 ? 34  GLU A N   1 
ATOM   260 C CA  . GLU A 1 38 ? 7.628   -0.023  1.844   1.00 11.06 ? 34  GLU A CA  1 
ATOM   261 C C   . GLU A 1 38 ? 8.237   1.285   1.332   1.00 10.83 ? 34  GLU A C   1 
ATOM   262 O O   . GLU A 1 38 ? 8.528   1.404   0.209   1.00 11.94 ? 34  GLU A O   1 
ATOM   263 C CB  . GLU A 1 38 ? 8.637   -1.183  1.787   1.00 12.30 ? 34  GLU A CB  1 
ATOM   264 C CG  . GLU A 1 38 ? 8.899   -1.740  0.424   1.00 14.05 ? 34  GLU A CG  1 
ATOM   265 C CD  . GLU A 1 38 ? 9.690   -3.046  0.469   1.00 13.44 ? 34  GLU A CD  1 
ATOM   266 O OE1 . GLU A 1 38 ? 10.890  -2.902  0.348   1.00 15.48 ? 34  GLU A OE1 1 
ATOM   267 O OE2 . GLU A 1 38 ? 9.153   -4.116  0.659   1.00 13.24 ? 34  GLU A OE2 1 
ATOM   268 N N   . GLN A 1 39 ? 8.349   2.250   2.221   1.00 10.99 ? 35  GLN A N   1 
ATOM   269 C CA  . GLN A 1 39 ? 8.869   3.577   1.895   1.00 11.90 ? 35  GLN A CA  1 
ATOM   270 C C   . GLN A 1 39 ? 8.189   4.153   0.658   1.00 11.53 ? 35  GLN A C   1 
ATOM   271 O O   . GLN A 1 39 ? 8.816   4.653   -0.213  1.00 12.58 ? 35  GLN A O   1 
ATOM   272 C CB  . GLN A 1 39 ? 10.388  3.652   1.838   1.00 12.71 ? 35  GLN A CB  1 
ATOM   273 C CG  . GLN A 1 39 ? 10.889  3.279   3.161   1.00 18.77 ? 35  GLN A CG  1 
ATOM   274 C CD  . GLN A 1 39 ? 12.366  3.453   3.416   1.00 19.33 ? 35  GLN A CD  1 
ATOM   275 O OE1 . GLN A 1 39 ? 13.044  4.239   2.774   1.00 20.43 ? 35  GLN A OE1 1 
ATOM   276 N NE2 . GLN A 1 39 ? 12.842  2.713   4.420   1.00 17.79 ? 35  GLN A NE2 1 
ATOM   277 N N   . CYS A 1 40 ? 6.881   4.037   0.644   1.00 11.03 ? 36  CYS A N   1 
ATOM   278 C CA  . CYS A 1 40 ? 6.027   4.629   -0.397  1.00 11.66 ? 36  CYS A CA  1 
ATOM   279 C C   . CYS A 1 40 ? 6.036   3.912   -1.732  1.00 10.52 ? 36  CYS A C   1 
ATOM   280 O O   . CYS A 1 40 ? 5.520   4.399   -2.677  1.00 12.69 ? 36  CYS A O   1 
ATOM   281 C CB  . CYS A 1 40 ? 6.316   6.129   -0.624  1.00 12.51 ? 36  CYS A CB  1 
ATOM   282 S SG  . CYS A 1 40 ? 6.439   7.117   0.910   1.00 11.93 ? 36  CYS A SG  1 
ATOM   283 N N   . LYS A 1 41 ? 6.620   2.732   -1.757  1.00 11.29 ? 37  LYS A N   1 
ATOM   284 C CA  . LYS A 1 41 ? 6.713   1.935   -2.983  1.00 10.96 ? 37  LYS A CA  1 
ATOM   285 C C   . LYS A 1 41 ? 6.115   0.565   -2.798  1.00 11.54 ? 37  LYS A C   1 
ATOM   286 O O   . LYS A 1 41 ? 6.143   0.031   -1.732  1.00 11.85 ? 37  LYS A O   1 
ATOM   287 C CB  . LYS A 1 41 ? 8.186   1.750   -3.397  1.00 13.71 ? 37  LYS A CB  1 
ATOM   288 C CG  . LYS A 1 41 ? 9.033   3.011   -3.537  1.00 18.98 ? 37  LYS A CG  1 
ATOM   289 C CD  . LYS A 1 41 ? 8.705   3.710   -4.754  1.00 22.65 ? 37  LYS A CD  1 
ATOM   290 C CE  . LYS A 1 41 ? 9.702   4.813   -5.013  1.00 28.81 ? 37  LYS A CE  1 
ATOM   291 N NZ  . LYS A 1 41 ? 9.518   5.274   -6.395  1.00 31.27 ? 37  LYS A NZ  1 
ATOM   292 N N   . PHE A 1 42 ? 5.631   -0.004  -3.877  1.00 12.32 ? 38  PHE A N   1 
ATOM   293 C CA  . PHE A 1 42 ? 5.179   -1.386  -3.856  1.00 11.57 ? 38  PHE A CA  1 
ATOM   294 C C   . PHE A 1 42 ? 6.351   -2.337  -3.579  1.00 11.45 ? 38  PHE A C   1 
ATOM   295 O O   . PHE A 1 42 ? 7.365   -2.261  -4.197  1.00 12.57 ? 38  PHE A O   1 
ATOM   296 C CB  . PHE A 1 42 ? 4.546   -1.804  -5.212  1.00 11.99 ? 38  PHE A CB  1 
ATOM   297 C CG  . PHE A 1 42 ? 3.298   -1.048  -5.600  1.00 13.28 ? 38  PHE A CG  1 
ATOM   298 C CD1 . PHE A 1 42 ? 2.354   -0.697  -4.696  1.00 14.13 ? 38  PHE A CD1 1 
ATOM   299 C CD2 . PHE A 1 42 ? 3.087   -0.722  -6.922  1.00 15.72 ? 38  PHE A CD2 1 
ATOM   300 C CE1 . PHE A 1 42 ? 1.201   -0.034  -5.093  1.00 15.08 ? 38  PHE A CE1 1 
ATOM   301 C CE2 . PHE A 1 42 ? 1.976   -0.079  -7.286  1.00 17.37 ? 38  PHE A CE2 1 
ATOM   302 C CZ  . PHE A 1 42 ? 1.041   0.263   -6.364  1.00 18.10 ? 38  PHE A CZ  1 
ATOM   303 N N   . SER A 1 43 ? 6.128   -3.287  -2.669  1.00 11.16 ? 39  SER A N   1 
ATOM   304 C CA  . SER A 1 43 ? 7.120   -4.300  -2.389  1.00 11.29 ? 39  SER A CA  1 
ATOM   305 C C   . SER A 1 43 ? 7.378   -5.142  -3.628  1.00 10.71 ? 39  SER A C   1 
ATOM   306 O O   . SER A 1 43 ? 6.586   -5.221  -4.468  1.00 12.24 ? 39  SER A O   1 
ATOM   307 C CB  . SER A 1 43 ? 6.624   -5.196  -1.257  1.00 10.83 ? 39  SER A CB  1 
ATOM   308 O OG  . SER A 1 43 ? 6.572   -4.510  -0.042  1.00 12.35 ? 39  SER A OG  1 
ATOM   309 N N   . ARG A 1 44 ? 8.545   -5.738  -3.669  1.00 11.79 ? 40  ARG A N   1 
ATOM   310 C CA  . ARG A 1 44 ? 8.964   -6.584  -4.762  1.00 12.71 ? 40  ARG A CA  1 
ATOM   311 C C   . ARG A 1 44 ? 8.029   -7.794  -4.903  1.00 12.01 ? 40  ARG A C   1 
ATOM   312 O O   . ARG A 1 44 ? 7.604   -8.383  -3.950  1.00 13.31 ? 40  ARG A O   1 
ATOM   313 C CB  . ARG A 1 44 ? 10.407  -7.012  -4.505  1.00 15.33 ? 40  ARG A CB  1 
ATOM   314 C CG  . ARG A 1 44 ? 11.133  -7.760  -5.597  1.00 18.17 ? 40  ARG A CG  1 
ATOM   315 C CD  . ARG A 1 44 ? 12.583  -7.923  -5.156  1.00 19.14 ? 40  ARG A CD  1 
ATOM   316 N NE  . ARG A 1 44 ? 13.419  -6.731  -5.249  1.00 18.90 ? 40  ARG A NE  1 
ATOM   317 C CZ  . ARG A 1 44 ? 14.528  -6.569  -4.578  1.00 14.73 ? 40  ARG A CZ  1 
ATOM   318 N NH1 . ARG A 1 44 ? 14.956  -7.481  -3.781  1.00 17.15 ? 40  ARG A NH1 1 
ATOM   319 N NH2 . ARG A 1 44 ? 15.251  -5.506  -4.741  1.00 18.18 ? 40  ARG A NH2 1 
ATOM   320 N N   . ALA A 1 45 ? 7.760   -8.156  -6.151  1.00 13.63 ? 41  ALA A N   1 
ATOM   321 C CA  . ALA A 1 45 ? 6.937   -9.310  -6.446  1.00 14.63 ? 41  ALA A CA  1 
ATOM   322 C C   . ALA A 1 45 ? 7.569   -10.521 -5.784  1.00 12.82 ? 41  ALA A C   1 
ATOM   323 O O   . ALA A 1 45 ? 8.706   -10.745 -5.848  1.00 14.33 ? 41  ALA A O   1 
ATOM   324 C CB  . ALA A 1 45 ? 6.882   -9.528  -7.944  1.00 16.35 ? 41  ALA A CB  1 
ATOM   325 N N   . GLY A 1 46 ? 6.752   -11.253 -5.084  1.00 12.62 ? 42  GLY A N   1 
ATOM   326 C CA  . GLY A 1 46 ? 7.157   -12.418 -4.367  1.00 12.20 ? 42  GLY A CA  1 
ATOM   327 C C   . GLY A 1 46 ? 7.535   -12.202 -2.920  1.00 11.89 ? 42  GLY A C   1 
ATOM   328 O O   . GLY A 1 46 ? 7.735   -13.124 -2.232  1.00 12.24 ? 42  GLY A O   1 
ATOM   329 N N   . LYS A 1 47 ? 7.570   -10.976 -2.448  1.00 11.39 ? 43  LYS A N   1 
ATOM   330 C CA  . LYS A 1 47 ? 7.874   -10.767 -1.034  1.00 10.41 ? 43  LYS A CA  1 
ATOM   331 C C   . LYS A 1 47 ? 6.775   -11.386 -0.182  1.00 10.31 ? 43  LYS A C   1 
ATOM   332 O O   . LYS A 1 47 ? 5.646   -11.138 -0.390  1.00 11.71 ? 43  LYS A O   1 
ATOM   333 C CB  . LYS A 1 47 ? 8.031   -9.249  -0.705  1.00 11.83 ? 43  LYS A CB  1 
ATOM   334 C CG  . LYS A 1 47 ? 8.707   -9.061  0.638   1.00 15.60 ? 43  LYS A CG  1 
ATOM   335 C CD  . LYS A 1 47 ? 8.527   -7.720  1.196   1.00 23.02 ? 43  LYS A CD  1 
ATOM   336 C CE  . LYS A 1 47 ? 7.181   -7.520  1.978   1.00 22.42 ? 43  LYS A CE  1 
ATOM   337 N NZ  . LYS A 1 47 ? 7.018   -8.163  3.333   1.00 20.81 ? 43  LYS A NZ  1 
ATOM   338 N N   . ILE A 1 48 ? 7.172   -12.193 0.768   1.00 10.21 ? 44  ILE A N   1 
ATOM   339 C CA  . ILE A 1 48 ? 6.178   -12.872 1.585   1.00 10.01 ? 44  ILE A CA  1 
ATOM   340 C C   . ILE A 1 48 ? 5.509   -11.846 2.491   1.00 11.07 ? 44  ILE A C   1 
ATOM   341 O O   . ILE A 1 48 ? 6.161   -11.081 3.121   1.00 12.78 ? 44  ILE A O   1 
ATOM   342 C CB  . ILE A 1 48 ? 6.870   -13.969 2.437   1.00 12.27 ? 44  ILE A CB  1 
ATOM   343 C CG1 . ILE A 1 48 ? 7.309   -15.122 1.526   1.00 11.45 ? 44  ILE A CG1 1 
ATOM   344 C CG2 . ILE A 1 48 ? 5.946   -14.460 3.555   1.00 18.13 ? 44  ILE A CG2 1 
ATOM   345 C CD1 . ILE A 1 48 ? 8.215   -16.068 2.178   1.00 16.32 ? 44  ILE A CD1 1 
ATOM   346 N N   . CYS A 1 49 ? 4.194   -11.862 2.495   1.00 10.50 ? 45  CYS A N   1 
ATOM   347 C CA  . CYS A 1 49 ? 3.462   -10.885 3.275   1.00 11.41 ? 45  CYS A CA  1 
ATOM   348 C C   . CYS A 1 49 ? 2.404   -11.457 4.223   1.00 11.42 ? 45  CYS A C   1 
ATOM   349 O O   . CYS A 1 49 ? 1.928   -10.777 5.041   1.00 12.53 ? 45  CYS A O   1 
ATOM   350 C CB  . CYS A 1 49 ? 2.858   -9.824  2.354   1.00 11.86 ? 45  CYS A CB  1 
ATOM   351 S SG  . CYS A 1 49 ? 1.800   -10.459 0.981   1.00 13.32 ? 45  CYS A SG  1 
ATOM   352 N N   . ARG A 1 50 ? 2.042   -12.714 4.070   1.00 12.16 ? 46  ARG A N   1 
ATOM   353 C CA  . ARG A 1 50 ? 1.186   -13.396 5.048   1.00 12.02 ? 46  ARG A CA  1 
ATOM   354 C C   . ARG A 1 50 ? 1.539   -14.884 5.102   1.00 11.41 ? 46  ARG A C   1 
ATOM   355 O O   . ARG A 1 50 ? 1.566   -15.527 4.094   1.00 12.47 ? 46  ARG A O   1 
ATOM   356 C CB  . ARG A 1 50 ? -0.287  -13.219 4.678   1.00 14.04 ? 46  ARG A CB  1 
ATOM   357 C CG  . ARG A 1 50 ? -1.323  -13.659 5.756   1.00 16.14 ? 46  ARG A CG  1 
ATOM   358 C CD  . ARG A 1 50 ? -2.736  -13.480 5.248   1.00 17.14 ? 46  ARG A CD  1 
ATOM   359 N NE  . ARG A 1 50 ? -3.080  -12.100 4.945   1.00 16.81 ? 46  ARG A NE  1 
ATOM   360 C CZ  . ARG A 1 50 ? -3.211  -11.626 3.735   1.00 15.21 ? 46  ARG A CZ  1 
ATOM   361 N NH1 . ARG A 1 50 ? -2.994  -12.360 2.703   1.00 18.87 ? 46  ARG A NH1 1 
ATOM   362 N NH2 . ARG A 1 50 ? -3.547  -10.380 3.577   1.00 19.85 ? 46  ARG A NH2 1 
ATOM   363 N N   . ILE A 1 51 ? 1.725   -15.388 6.306   1.00 11.69 ? 47  ILE A N   1 
ATOM   364 C CA  . ILE A 1 51 ? 2.087   -16.770 6.524   1.00 10.83 ? 47  ILE A CA  1 
ATOM   365 C C   . ILE A 1 51 ? 0.879   -17.724 6.377   1.00 10.82 ? 47  ILE A C   1 
ATOM   366 O O   . ILE A 1 51 ? -0.153  -17.494 6.886   1.00 11.79 ? 47  ILE A O   1 
ATOM   367 C CB  . ILE A 1 51 ? 2.778   -16.954 7.877   1.00 11.42 ? 47  ILE A CB  1 
ATOM   368 C CG1 . ILE A 1 51 ? 4.014   -16.043 7.966   1.00 12.89 ? 47  ILE A CG1 1 
ATOM   369 C CG2 . ILE A 1 51 ? 3.164   -18.397 8.053   1.00 12.87 ? 47  ILE A CG2 1 
ATOM   370 C CD1 . ILE A 1 51 ? 5.053   -16.203 6.830   1.00 14.78 ? 47  ILE A CD1 1 
ATOM   371 N N   . ALA A 1 52 ? 1.083   -18.739 5.568   1.00 10.89 ? 48  ALA A N   1 
ATOM   372 C CA  . ALA A 1 52 ? 0.061   -19.697 5.213   1.00 11.07 ? 48  ALA A CA  1 
ATOM   373 C C   . ALA A 1 52 ? 0.146   -21.044 5.966   1.00 10.12 ? 48  ALA A C   1 
ATOM   374 O O   . ALA A 1 52 ? 0.872   -21.197 6.843   1.00 11.07 ? 48  ALA A O   1 
ATOM   375 C CB  . ALA A 1 52 ? 0.095   -19.910 3.681   1.00 13.40 ? 48  ALA A CB  1 
ATOM   376 N N   . ARG A 1 53 ? -0.625  -21.997 5.508   1.00 12.24 ? 49  ARG A N   1 
ATOM   377 C CA  . ARG A 1 53 ? -0.592  -23.352 6.024   1.00 11.94 ? 49  ARG A CA  1 
ATOM   378 C C   . ARG A 1 53 ? 0.654   -24.096 5.553   1.00 13.15 ? 49  ARG A C   1 
ATOM   379 O O   . ARG A 1 53 ? 1.264   -23.722 4.595   1.00 13.26 ? 49  ARG A O   1 
ATOM   380 C CB  . ARG A 1 53 ? -1.862  -24.087 5.631   1.00 13.58 ? 49  ARG A CB  1 
ATOM   381 C CG  . ARG A 1 53 ? -3.120  -23.494 6.198   1.00 12.79 ? 49  ARG A CG  1 
ATOM   382 C CD  . ARG A 1 53 ? -3.171  -23.666 7.719   1.00 13.85 ? 49  ARG A CD  1 
ATOM   383 N NE  . ARG A 1 53 ? -4.464  -23.288 8.282   1.00 13.80 ? 49  ARG A NE  1 
ATOM   384 C CZ  . ARG A 1 53 ? -4.772  -23.377 9.553   1.00 14.01 ? 49  ARG A CZ  1 
ATOM   385 N NH1 . ARG A 1 53 ? -3.899  -23.784 10.415  1.00 14.65 ? 49  ARG A NH1 1 
ATOM   386 N NH2 . ARG A 1 53 ? -5.964  -23.049 9.948   1.00 16.01 ? 49  ARG A NH2 1 
ATOM   387 N N   . LEU A 1 54 ? 0.994   -25.171 6.237   1.00 13.21 ? 50  LEU A N   1 
ATOM   388 C CA  . LEU A 1 54 ? 2.261   -25.842 6.070   1.00 14.90 ? 50  LEU A CA  1 
ATOM   389 C C   . LEU A 1 54 ? 2.513   -26.382 4.688   1.00 16.11 ? 50  LEU A C   1 
ATOM   390 O O   . LEU A 1 54 ? 3.609   -26.400 4.275   1.00 16.93 ? 50  LEU A O   1 
ATOM   391 C CB  . LEU A 1 54 ? 2.447   -26.980 7.093   1.00 15.24 ? 50  LEU A CB  1 
ATOM   392 C CG  . LEU A 1 54 ? 2.749   -26.574 8.536   1.00 14.43 ? 50  LEU A CG  1 
ATOM   393 C CD1 . LEU A 1 54 ? 2.665   -27.777 9.352   1.00 17.70 ? 50  LEU A CD1 1 
ATOM   394 C CD2 . LEU A 1 54 ? 4.109   -25.979 8.663   1.00 17.81 ? 50  LEU A CD2 1 
ATOM   395 N N   . ASP A 1 55 ? 1.474   -26.837 4.023   1.00 14.07 ? 51  ASP A N   1 
ATOM   396 C CA  . ASP A 1 55 ? 1.657   -27.421 2.705   1.00 15.62 ? 51  ASP A CA  1 
ATOM   397 C C   . ASP A 1 55 ? 1.691   -26.382 1.578   1.00 13.54 ? 51  ASP A C   1 
ATOM   398 O O   . ASP A 1 55 ? 1.894   -26.709 0.483   1.00 15.88 ? 51  ASP A O   1 
ATOM   399 C CB  . ASP A 1 55 ? 0.562   -28.447 2.409   1.00 15.32 ? 51  ASP A CB  1 
ATOM   400 C CG  . ASP A 1 55 ? 0.548   -29.636 3.383   1.00 17.91 ? 51  ASP A CG  1 
ATOM   401 O OD1 . ASP A 1 55 ? 1.610   -30.090 3.701   1.00 21.90 ? 51  ASP A OD1 1 
ATOM   402 O OD2 . ASP A 1 55 ? -0.569  -30.028 3.767   1.00 20.84 ? 51  ASP A OD2 1 
ATOM   403 N N   . ASP A 1 56 ? 1.465   -25.130 1.912   1.00 13.14 ? 52  ASP A N   1 
ATOM   404 C CA  . ASP A 1 56 ? 1.325   -24.066 0.938   1.00 13.86 ? 52  ASP A CA  1 
ATOM   405 C C   . ASP A 1 56 ? 2.446   -23.069 0.912   1.00 14.26 ? 52  ASP A C   1 
ATOM   406 O O   . ASP A 1 56 ? 3.148   -22.877 1.838   1.00 15.48 ? 52  ASP A O   1 
ATOM   407 C CB  . ASP A 1 56 ? 0.044   -23.305 1.200   1.00 14.30 ? 52  ASP A CB  1 
ATOM   408 C CG  . ASP A 1 56 ? -1.142  -24.176 1.137   1.00 16.61 ? 52  ASP A CG  1 
ATOM   409 O OD1 . ASP A 1 56 ? -1.082  -25.146 0.425   1.00 27.75 ? 52  ASP A OD1 1 
ATOM   410 O OD2 . ASP A 1 56 ? -2.092  -23.893 1.756   1.00 22.23 ? 52  ASP A OD2 1 
ATOM   411 N N   . LEU A 1 57 ? 2.570   -22.419 -0.234  1.00 14.29 ? 53  LEU A N   1 
ATOM   412 C CA  . LEU A 1 57 ? 3.391   -21.235 -0.308  1.00 13.48 ? 53  LEU A CA  1 
ATOM   413 C C   . LEU A 1 57 ? 2.672   -20.165 0.520   1.00 13.55 ? 53  LEU A C   1 
ATOM   414 O O   . LEU A 1 57 ? 1.502   -20.169 0.611   1.00 14.06 ? 53  LEU A O   1 
ATOM   415 C CB  . LEU A 1 57 ? 3.589   -20.746 -1.743  1.00 17.25 ? 53  LEU A CB  1 
ATOM   416 C CG  . LEU A 1 57 ? 4.519   -21.526 -2.677  1.00 20.02 ? 53  LEU A CG  1 
ATOM   417 C CD1 . LEU A 1 57 ? 4.748   -20.642 -3.866  1.00 20.82 ? 53  LEU A CD1 1 
ATOM   418 C CD2 . LEU A 1 57 ? 5.793   -21.859 -2.053  1.00 24.16 ? 53  LEU A CD2 1 
ATOM   419 N N   . ASP A 1 58 ? 3.440   -19.278 1.104   1.00 12.71 ? 54  ASP A N   1 
ATOM   420 C CA  . ASP A 1 58 ? 2.892   -18.116 1.807   1.00 11.91 ? 54  ASP A CA  1 
ATOM   421 C C   . ASP A 1 58 ? 2.290   -17.124 0.808   1.00 13.13 ? 54  ASP A C   1 
ATOM   422 O O   . ASP A 1 58 ? 2.584   -17.205 -0.335  1.00 14.70 ? 54  ASP A O   1 
ATOM   423 C CB  . ASP A 1 58 ? 4.020   -17.456 2.597   1.00 12.51 ? 54  ASP A CB  1 
ATOM   424 C CG  . ASP A 1 58 ? 4.541   -18.339 3.715   1.00 13.25 ? 54  ASP A CG  1 
ATOM   425 O OD1 . ASP A 1 58 ? 3.766   -18.906 4.435   1.00 13.82 ? 54  ASP A OD1 1 
ATOM   426 O OD2 . ASP A 1 58 ? 5.737   -18.454 3.817   1.00 17.23 ? 54  ASP A OD2 1 
ATOM   427 N N   . ASP A 1 59 ? 1.402   -16.255 1.261   1.00 12.45 ? 55  ASP A N   1 
ATOM   428 C CA  . ASP A 1 59 ? 0.889   -15.190 0.436   1.00 13.04 ? 55  ASP A CA  1 
ATOM   429 C C   . ASP A 1 59 ? 2.040   -14.207 0.172   1.00 12.60 ? 55  ASP A C   1 
ATOM   430 O O   . ASP A 1 59 ? 2.824   -13.940 1.017   1.00 12.62 ? 55  ASP A O   1 
ATOM   431 C CB  . ASP A 1 59 ? -0.286  -14.460 1.071   1.00 15.10 ? 55  ASP A CB  1 
ATOM   432 C CG  . ASP A 1 59 ? -1.476  -15.356 1.358   1.00 17.66 ? 55  ASP A CG  1 
ATOM   433 O OD1 . ASP A 1 59 ? -1.725  -16.284 0.620   1.00 21.98 ? 55  ASP A OD1 1 
ATOM   434 O OD2 . ASP A 1 59 ? -2.089  -15.074 2.318   1.00 19.05 ? 55  ASP A OD2 1 
ATOM   435 N N   . ARG A 1 60 ? 2.082   -13.747 -1.056  1.00 13.01 ? 56  ARG A N   1 
ATOM   436 C CA  . ARG A 1 60 ? 3.174   -12.928 -1.546  1.00 12.69 ? 56  ARG A CA  1 
ATOM   437 C C   . ARG A 1 60 ? 2.696   -11.647 -2.256  1.00 12.80 ? 56  ARG A C   1 
ATOM   438 O O   . ARG A 1 60 ? 1.684   -11.624 -2.872  1.00 13.98 ? 56  ARG A O   1 
ATOM   439 C CB  . ARG A 1 60 ? 4.048   -13.738 -2.521  1.00 14.02 ? 56  ARG A CB  1 
ATOM   440 C CG  . ARG A 1 60 ? 4.779   -14.914 -1.913  1.00 16.13 ? 56  ARG A CG  1 
ATOM   441 C CD  . ARG A 1 60 ? 4.851   -16.121 -2.883  1.00 19.60 ? 56  ARG A CD  1 
ATOM   442 N NE  . ARG A 1 60 ? 3.490   -16.580 -3.127  1.00 24.47 ? 56  ARG A NE  1 
ATOM   443 C CZ  . ARG A 1 60 ? 3.022   -17.057 -4.271  1.00 25.45 ? 56  ARG A CZ  1 
ATOM   444 N NH1 . ARG A 1 60 ? 3.796   -17.263 -5.301  1.00 30.74 ? 56  ARG A NH1 1 
ATOM   445 N NH2 . ARG A 1 60 ? 1.762   -17.367 -4.348  1.00 30.06 ? 56  ARG A NH2 1 
ATOM   446 N N   . CYS A 1 61 ? 3.499   -10.601 -2.154  1.00 12.44 ? 57  CYS A N   1 
ATOM   447 C CA  . CYS A 1 61 ? 3.227   -9.360  -2.827  1.00 12.61 ? 57  CYS A CA  1 
ATOM   448 C C   . CYS A 1 61 ? 3.334   -9.557  -4.344  1.00 13.18 ? 57  CYS A C   1 
ATOM   449 O O   . CYS A 1 61 ? 4.094   -10.353 -4.806  1.00 13.66 ? 57  CYS A O   1 
ATOM   450 C CB  . CYS A 1 61 ? 4.205   -8.290  -2.351  1.00 12.16 ? 57  CYS A CB  1 
ATOM   451 S SG  . CYS A 1 61 ? 4.165   -7.938  -0.539  1.00 11.99 ? 57  CYS A SG  1 
ATOM   452 N N   . THR A 1 62 ? 2.509   -8.804  -5.057  1.00 14.10 ? 58  THR A N   1 
ATOM   453 C CA  . THR A 1 62 ? 2.473   -8.881  -6.502  1.00 15.20 ? 58  THR A CA  1 
ATOM   454 C C   . THR A 1 62 ? 3.453   -7.980  -7.230  1.00 17.31 ? 58  THR A C   1 
ATOM   455 O O   . THR A 1 62 ? 3.729   -8.197  -8.361  1.00 19.14 ? 58  THR A O   1 
ATOM   456 C CB  . THR A 1 62 ? 1.089   -8.551  -7.058  1.00 17.13 ? 58  THR A CB  1 
ATOM   457 O OG1 . THR A 1 62 ? 0.813   -7.174  -6.891  1.00 18.45 ? 58  THR A OG1 1 
ATOM   458 C CG2 . THR A 1 62 ? 0.015   -9.355  -6.401  1.00 19.80 ? 58  THR A CG2 1 
ATOM   459 N N   . GLY A 1 63 ? 3.933   -6.949  -6.560  1.00 15.85 ? 59  GLY A N   1 
ATOM   460 C CA  . GLY A 1 63 ? 4.769   -5.938  -7.147  1.00 16.50 ? 59  GLY A CA  1 
ATOM   461 C C   . GLY A 1 63 ? 3.992   -4.796  -7.756  1.00 16.59 ? 59  GLY A C   1 
ATOM   462 O O   . GLY A 1 63 ? 4.570   -3.845  -8.166  1.00 19.40 ? 59  GLY A O   1 
ATOM   463 N N   . GLN A 1 64 ? 2.687   -4.961  -7.831  1.00 17.64 ? 60  GLN A N   1 
ATOM   464 C CA  . GLN A 1 64 ? 1.768   -3.951  -8.356  1.00 19.78 ? 60  GLN A CA  1 
ATOM   465 C C   . GLN A 1 64 ? 0.681   -3.473  -7.478  1.00 19.66 ? 60  GLN A C   1 
ATOM   466 O O   . GLN A 1 64 ? -0.241  -2.869  -7.939  1.00 21.44 ? 60  GLN A O   1 
ATOM   467 C CB  . GLN A 1 64 ? 1.047   -4.432  -9.584  1.00 24.80 ? 60  GLN A CB  1 
ATOM   468 C CG  . GLN A 1 64 ? 1.315   -5.708  -10.025 1.00 31.27 ? 60  GLN A CG  1 
ATOM   469 C CD  . GLN A 1 64 ? 2.029   -5.618  -11.257 1.00 40.19 ? 60  GLN A CD  1 
ATOM   470 O OE1 . GLN A 1 64 ? 2.956   -4.846  -11.366 1.00 46.11 ? 60  GLN A OE1 1 
ATOM   471 N NE2 . GLN A 1 64 ? 1.583   -6.338  -12.243 1.00 43.88 ? 60  GLN A NE2 1 
ATOM   472 N N   . SER A 1 65 ? 0.726   -3.830  -6.225  1.00 16.84 ? 61  SER A N   1 
ATOM   473 C CA  . SER A 1 65 ? -0.305  -3.495  -5.297  1.00 16.72 ? 61  SER A CA  1 
ATOM   474 C C   . SER A 1 65 ? 0.324   -3.349  -3.920  1.00 14.71 ? 61  SER A C   1 
ATOM   475 O O   . SER A 1 65 ? 1.320   -3.938  -3.666  1.00 15.03 ? 61  SER A O   1 
ATOM   476 C CB  . SER A 1 65 ? -1.362  -4.611  -5.243  1.00 21.59 ? 61  SER A CB  1 
ATOM   477 O OG  . SER A 1 65 ? -2.219  -4.384  -4.161  1.00 27.79 ? 61  SER A OG  1 
ATOM   478 N N   . ALA A 1 66 ? -0.305  -2.589  -3.051  1.00 14.69 ? 62  ALA A N   1 
ATOM   479 C CA  . ALA A 1 66 ? 0.147   -2.375  -1.689  1.00 15.03 ? 62  ALA A CA  1 
ATOM   480 C C   . ALA A 1 66 ? -0.447  -3.332  -0.656  1.00 15.92 ? 62  ALA A C   1 
ATOM   481 O O   . ALA A 1 66 ? -0.056  -3.342  0.439   1.00 16.06 ? 62  ALA A O   1 
ATOM   482 C CB  . ALA A 1 66 ? -0.126  -0.944  -1.265  1.00 16.21 ? 62  ALA A CB  1 
ATOM   483 N N   . ASP A 1 67 ? -1.426  -4.080  -1.078  1.00 16.88 ? 63  ASP A N   1 
ATOM   484 C CA  . ASP A 1 67 ? -2.026  -5.065  -0.218  1.00 18.45 ? 63  ASP A CA  1 
ATOM   485 C C   . ASP A 1 67 ? -1.476  -6.452  -0.461  1.00 17.24 ? 63  ASP A C   1 
ATOM   486 O O   . ASP A 1 67 ? -0.958  -6.736  -1.464  1.00 18.40 ? 63  ASP A O   1 
ATOM   487 C CB  . ASP A 1 67 ? -3.513  -4.980  -0.343  1.00 22.76 ? 63  ASP A CB  1 
ATOM   488 C CG  . ASP A 1 67 ? -3.998  -3.596  0.029   1.00 31.39 ? 63  ASP A CG  1 
ATOM   489 O OD1 . ASP A 1 67 ? -3.619  -3.046  1.104   1.00 38.76 ? 63  ASP A OD1 1 
ATOM   490 O OD2 . ASP A 1 67 ? -4.664  -3.036  -0.818  1.00 42.34 ? 63  ASP A OD2 1 
ATOM   491 N N   . CYS A 1 68 ? -1.637  -7.295  0.526   1.00 16.79 ? 64  CYS A N   1 
ATOM   492 C CA  . CYS A 1 68 ? -1.182  -8.658  0.437   1.00 15.83 ? 64  CYS A CA  1 
ATOM   493 C C   . CYS A 1 68 ? -2.366  -9.497  -0.005  1.00 17.63 ? 64  CYS A C   1 
ATOM   494 O O   . CYS A 1 68 ? -3.298  -9.645  0.697   1.00 19.05 ? 64  CYS A O   1 
ATOM   495 C CB  . CYS A 1 68 ? -0.741  -9.070  1.831   1.00 15.77 ? 64  CYS A CB  1 
ATOM   496 S SG  . CYS A 1 68 ? -0.016  -10.747 1.878   1.00 15.02 ? 64  CYS A SG  1 
ATOM   497 N N   . PRO A 1 69 ? -2.306  -10.060 -1.169  1.00 19.46 ? 65  PRO A N   1 
ATOM   498 C CA  . PRO A 1 69 ? -3.450  -10.783 -1.702  1.00 21.32 ? 65  PRO A CA  1 
ATOM   499 C C   . PRO A 1 69 ? -3.799  -12.010 -0.909  1.00 23.96 ? 65  PRO A C   1 
ATOM   500 O O   . PRO A 1 69 ? -2.968  -12.654 -0.425  1.00 21.16 ? 65  PRO A O   1 
ATOM   501 C CB  . PRO A 1 69 ? -2.994  -11.184 -3.070  1.00 22.99 ? 65  PRO A CB  1 
ATOM   502 C CG  . PRO A 1 69 ? -1.542  -11.112 -3.025  1.00 25.00 ? 65  PRO A CG  1 
ATOM   503 C CD  . PRO A 1 69 ? -1.164  -10.107 -2.078  1.00 19.20 ? 65  PRO A CD  1 
ATOM   504 N N   . ARG A 1 70 ? -5.094  -12.281 -0.791  1.00 25.82 ? 66  ARG A N   1 
ATOM   505 C CA  . ARG A 1 70 ? -5.601  -13.461 -0.102  1.00 28.64 ? 66  ARG A CA  1 
ATOM   506 C C   . ARG A 1 70 ? -6.081  -14.385 -1.194  1.00 29.24 ? 66  ARG A C   1 
ATOM   507 O O   . ARG A 1 70 ? -6.651  -13.924 -2.157  1.00 32.47 ? 66  ARG A O   1 
ATOM   508 C CB  . ARG A 1 70 ? -6.769  -13.114 0.802   1.00 28.00 ? 66  ARG A CB  1 
ATOM   509 C CG  . ARG A 1 70 ? -6.485  -12.174 1.935   1.00 32.21 ? 66  ARG A CG  1 
ATOM   510 C CD  . ARG A 1 70 ? -7.414  -12.357 3.096   1.00 32.31 ? 66  ARG A CD  1 
ATOM   511 N NE  . ARG A 1 70 ? -7.124  -11.412 4.152   1.00 30.42 ? 66  ARG A NE  1 
ATOM   512 C CZ  . ARG A 1 70 ? -6.588  -11.737 5.301   1.00 28.63 ? 66  ARG A CZ  1 
ATOM   513 N NH1 . ARG A 1 70 ? -6.316  -12.975 5.531   1.00 31.88 ? 66  ARG A NH1 1 
ATOM   514 N NH2 . ARG A 1 70 ? -6.369  -10.815 6.215   1.00 31.38 ? 66  ARG A NH2 1 
ATOM   515 N N   . TYR A 1 71 ? -5.821  -15.669 -1.086  1.00 31.20 ? 67  TYR A N   1 
ATOM   516 C CA  . TYR A 1 71 ? -6.170  -16.547 -2.185  1.00 31.44 ? 67  TYR A CA  1 
ATOM   517 C C   . TYR A 1 71 ? -7.579  -16.899 -1.940  1.00 30.83 ? 67  TYR A C   1 
ATOM   518 O O   . TYR A 1 71 ? -7.944  -17.253 -0.844  1.00 32.31 ? 67  TYR A O   1 
ATOM   519 C CB  . TYR A 1 71 ? -5.363  -17.840 -2.343  1.00 33.19 ? 67  TYR A CB  1 
ATOM   520 C CG  . TYR A 1 71 ? -5.962  -18.690 -3.442  1.00 38.41 ? 67  TYR A CG  1 
ATOM   521 C CD1 . TYR A 1 71 ? -6.165  -18.175 -4.677  1.00 45.18 ? 67  TYR A CD1 1 
ATOM   522 C CD2 . TYR A 1 71 ? -6.381  -19.980 -3.226  1.00 41.55 ? 67  TYR A CD2 1 
ATOM   523 C CE1 . TYR A 1 71 ? -6.747  -18.904 -5.671  1.00 46.74 ? 67  TYR A CE1 1 
ATOM   524 C CE2 . TYR A 1 71 ? -6.937  -20.705 -4.205  1.00 47.59 ? 67  TYR A CE2 1 
ATOM   525 C CZ  . TYR A 1 71 ? -7.122  -20.152 -5.438  1.00 48.94 ? 67  TYR A CZ  1 
ATOM   526 O OH  . TYR A 1 71 ? -7.724  -20.822 -6.446  1.00 51.01 ? 67  TYR A OH  1 
ATOM   527 N N   . HIS A 1 72 ? -8.366  -16.755 -2.984  1.00 30.00 ? 68  HIS A N   1 
ATOM   528 C CA  . HIS A 1 72 ? -9.793  -17.022 -2.895  1.00 27.88 ? 68  HIS A CA  1 
ATOM   529 C C   . HIS A 1 72 ? -10.326 -18.266 -3.647  1.00 30.29 ? 68  HIS A C   1 
ATOM   530 O O   . HIS A 1 72 ? -9.869  -18.568 -4.667  1.00 32.86 ? 68  HIS A O   1 
ATOM   531 C CB  . HIS A 1 72 ? -10.591 -15.789 -3.293  1.00 26.88 ? 68  HIS A CB  1 
ATOM   532 C CG  . HIS A 1 72 ? -10.607 -14.702 -2.258  1.00 29.19 ? 68  HIS A CG  1 
ATOM   533 N ND1 . HIS A 1 72 ? -11.267 -14.828 -1.062  1.00 33.91 ? 68  HIS A ND1 1 
ATOM   534 C CD2 . HIS A 1 72 ? -10.061 -13.468 -2.253  1.00 32.64 ? 68  HIS A CD2 1 
ATOM   535 C CE1 . HIS A 1 72 ? -11.145 -13.715 -0.373  1.00 33.94 ? 68  HIS A CE1 1 
ATOM   536 N NE2 . HIS A 1 72 ? -10.415 -12.872 -1.074  1.00 30.29 ? 68  HIS A NE2 1 
HETATM 537 O O   . HOH B 2 .  ? 7.716   -3.658  -7.055  1.00 29.65 ? 69  HOH A O   1 
HETATM 538 O O   . HOH B 2 .  ? -6.411  -15.156 4.189   1.00 43.82 ? 70  HOH A O   1 
HETATM 539 O O   . HOH B 2 .  ? 3.610   10.455  11.036  1.00 40.05 ? 71  HOH A O   1 
HETATM 540 O O   . HOH B 2 .  ? -1.519  -6.662  -8.079  1.00 38.83 ? 72  HOH A O   1 
HETATM 541 O O   . HOH B 2 .  ? 1.128   14.610  -5.929  1.00 33.76 ? 73  HOH A O   1 
HETATM 542 O O   . HOH B 2 .  ? 4.887   -6.905  -10.717 1.00 36.66 ? 74  HOH A O   1 
HETATM 543 O O   . HOH B 2 .  ? 6.208   -25.320 -2.297  1.00 33.71 ? 75  HOH A O   1 
HETATM 544 O O   . HOH B 2 .  ? 13.076  -4.540  -7.180  1.00 36.27 ? 76  HOH A O   1 
HETATM 545 O O   . HOH B 2 .  ? -2.931  6.097   4.810   1.00 32.34 ? 77  HOH A O   1 
HETATM 546 O O   . HOH B 2 .  ? 3.437   18.781  10.851  1.00 42.72 ? 78  HOH A O   1 
HETATM 547 O O   . HOH B 2 .  ? 4.498   17.746  -0.581  1.00 40.09 ? 79  HOH A O   1 
HETATM 548 O O   . HOH B 2 .  ? -3.229  -17.326 5.956   1.00 39.36 ? 80  HOH A O   1 
HETATM 549 O O   . HOH B 2 .  ? -6.151  8.827   -5.839  1.00 29.38 ? 81  HOH A O   1 
HETATM 550 O O   . HOH B 2 .  ? -4.820  -11.357 8.609   1.00 34.56 ? 82  HOH A O   1 
HETATM 551 O O   . HOH B 2 .  ? -3.565  -15.140 -4.403  1.00 39.47 ? 83  HOH A O   1 
HETATM 552 O O   . HOH B 2 .  ? 9.770   2.841   -8.411  1.00 41.85 ? 84  HOH A O   1 
HETATM 553 O O   . HOH B 2 .  ? 0.946   -9.002  9.232   1.00 35.29 ? 85  HOH A O   1 
HETATM 554 O O   . HOH B 2 .  ? -5.517  -13.577 8.697   1.00 37.67 ? 86  HOH A O   1 
HETATM 555 O O   . HOH B 2 .  ? -5.065  8.980   9.747   1.00 36.13 ? 87  HOH A O   1 
HETATM 556 O O   . HOH B 2 .  ? 3.866   -13.298 -6.275  1.00 42.87 ? 88  HOH A O   1 
HETATM 557 O O   . HOH B 2 .  ? -8.381  -24.387 -6.555  1.00 46.36 ? 89  HOH A O   1 
HETATM 558 O O   . HOH B 2 .  ? -3.021  -7.684  -3.750  1.00 38.33 ? 90  HOH A O   1 
HETATM 559 O O   . HOH B 2 .  ? -5.285  5.199   -2.574  1.00 40.98 ? 91  HOH A O   1 
HETATM 560 O O   . HOH B 2 .  ? -8.163  -7.575  8.675   1.00 38.51 ? 92  HOH A O   1 
HETATM 561 O O   . HOH B 2 .  ? 3.242   -7.776  9.052   1.00 38.04 ? 93  HOH A O   1 
HETATM 562 O O   . HOH B 2 .  ? -0.270  -0.799  -9.947  1.00 38.80 ? 94  HOH A O   1 
HETATM 563 O O   . HOH B 2 .  ? -0.761  -31.889 5.797   1.00 30.72 ? 95  HOH A O   1 
HETATM 564 O O   . HOH B 2 .  ? 3.341   -10.602 -9.759  1.00 41.13 ? 96  HOH A O   1 
HETATM 565 O O   . HOH B 2 .  ? 3.979   -29.971 3.059   1.00 43.34 ? 97  HOH A O   1 
HETATM 566 O O   . HOH B 2 .  ? -9.063  -21.806 11.414  1.00 39.87 ? 98  HOH A O   1 
HETATM 567 O O   . HOH B 2 .  ? 5.229   -11.658 6.781   1.00 49.12 ? 99  HOH A O   1 
HETATM 568 O O   . HOH B 2 .  ? -3.478  -10.967 -6.864  1.00 44.51 ? 100 HOH A O   1 
HETATM 569 O O   . HOH B 2 .  ? 5.930   -5.846  2.265   1.00 31.34 ? 101 HOH A O   1 
HETATM 570 O O   . HOH B 2 .  ? 4.665   -30.309 7.165   1.00 30.00 ? 102 HOH A O   1 
HETATM 571 O O   . HOH B 2 .  ? -0.848  -15.605 8.852   1.00 12.11 ? 103 HOH A O   1 
HETATM 572 O O   . HOH B 2 .  ? 10.219  -5.856  -1.348  1.00 13.80 ? 104 HOH A O   1 
HETATM 573 O O   . HOH B 2 .  ? 3.746   -5.356  -4.194  1.00 14.75 ? 105 HOH A O   1 
HETATM 574 O O   . HOH B 2 .  ? -3.256  15.636  3.968   1.00 16.94 ? 106 HOH A O   1 
HETATM 575 O O   . HOH B 2 .  ? -1.865  13.433  3.240   1.00 17.06 ? 107 HOH A O   1 
HETATM 576 O O   . HOH B 2 .  ? 8.112   -0.609  -6.285  1.00 19.94 ? 108 HOH A O   1 
HETATM 577 O O   . HOH B 2 .  ? 0.228   -10.818 7.415   1.00 17.53 ? 109 HOH A O   1 
HETATM 578 O O   . HOH B 2 .  ? -1.969  8.124   6.238   1.00 20.60 ? 110 HOH A O   1 
HETATM 579 O O   . HOH B 2 .  ? -1.468  -27.400 4.642   1.00 17.50 ? 111 HOH A O   1 
HETATM 580 O O   . HOH B 2 .  ? -15.557 14.199  -2.693  1.00 16.05 ? 112 HOH A O   1 
HETATM 581 O O   . HOH B 2 .  ? 0.836   -6.963  -3.533  1.00 16.89 ? 113 HOH A O   1 
HETATM 582 O O   . HOH B 2 .  ? 0.819   14.122  3.588   1.00 17.96 ? 114 HOH A O   1 
HETATM 583 O O   . HOH B 2 .  ? 1.012   -13.475 8.450   1.00 16.07 ? 115 HOH A O   1 
HETATM 584 O O   . HOH B 2 .  ? -2.335  -4.303  3.562   1.00 22.36 ? 116 HOH A O   1 
HETATM 585 O O   . HOH B 2 .  ? 3.171   -29.004 -0.351  1.00 19.10 ? 117 HOH A O   1 
HETATM 586 O O   . HOH B 2 .  ? -2.643  -21.907 3.200   1.00 20.02 ? 118 HOH A O   1 
HETATM 587 O O   . HOH B 2 .  ? 0.315   -15.031 -3.015  1.00 21.25 ? 119 HOH A O   1 
HETATM 588 O O   . HOH B 2 .  ? 11.349  4.663   -1.439  1.00 20.43 ? 120 HOH A O   1 
HETATM 589 O O   . HOH B 2 .  ? -20.821 17.563  0.992   1.00 18.26 ? 121 HOH A O   1 
HETATM 590 O O   . HOH B 2 .  ? -3.570  -15.427 8.381   1.00 22.93 ? 122 HOH A O   1 
HETATM 591 O O   . HOH B 2 .  ? 6.012   -3.595  3.863   1.00 17.36 ? 123 HOH A O   1 
HETATM 592 O O   . HOH B 2 .  ? 4.294   15.099  3.142   1.00 21.69 ? 124 HOH A O   1 
HETATM 593 O O   . HOH B 2 .  ? -21.570 24.809  1.203   1.00 25.62 ? 125 HOH A O   1 
HETATM 594 O O   . HOH B 2 .  ? -2.334  -0.707  -4.026  1.00 24.64 ? 126 HOH A O   1 
HETATM 595 O O   . HOH B 2 .  ? -12.718 14.778  -7.592  1.00 22.31 ? 127 HOH A O   1 
HETATM 596 O O   . HOH B 2 .  ? -0.980  11.423  -6.996  1.00 24.19 ? 128 HOH A O   1 
HETATM 597 O O   . HOH B 2 .  ? -9.937  12.060  -6.486  1.00 24.64 ? 129 HOH A O   1 
HETATM 598 O O   . HOH B 2 .  ? 12.138  -0.555  0.987   1.00 22.82 ? 130 HOH A O   1 
HETATM 599 O O   . HOH B 2 .  ? -9.119  10.676  4.587   1.00 23.06 ? 131 HOH A O   1 
HETATM 600 O O   . HOH B 2 .  ? 3.408   17.503  2.118   1.00 22.37 ? 132 HOH A O   1 
HETATM 601 O O   . HOH B 2 .  ? 8.674   -6.572  -8.439  1.00 27.60 ? 133 HOH A O   1 
HETATM 602 O O   . HOH B 2 .  ? 8.515   -15.751 -2.547  1.00 24.52 ? 134 HOH A O   1 
HETATM 603 O O   . HOH B 2 .  ? -2.561  -10.422 7.233   1.00 24.50 ? 135 HOH A O   1 
HETATM 604 O O   . HOH B 2 .  ? 1.714   21.441  -1.584  1.00 26.40 ? 136 HOH A O   1 
HETATM 605 O O   . HOH B 2 .  ? 11.312  1.495   -0.690  1.00 19.97 ? 137 HOH A O   1 
HETATM 606 O O   . HOH B 2 .  ? 4.853   -7.328  4.776   1.00 23.37 ? 138 HOH A O   1 
HETATM 607 O O   . HOH B 2 .  ? -2.993  9.367   -6.600  1.00 26.76 ? 139 HOH A O   1 
HETATM 608 O O   . HOH B 2 .  ? 10.839  -10.707 -7.608  1.00 22.79 ? 140 HOH A O   1 
HETATM 609 O O   . HOH B 2 .  ? -1.762  3.631   -0.383  1.00 31.22 ? 141 HOH A O   1 
HETATM 610 O O   . HOH B 2 .  ? -3.294  -6.687  2.810   1.00 24.00 ? 142 HOH A O   1 
HETATM 611 O O   . HOH B 2 .  ? 6.166   -29.598 9.447   1.00 29.17 ? 143 HOH A O   1 
HETATM 612 O O   . HOH B 2 .  ? -13.609 15.634  4.327   1.00 28.70 ? 144 HOH A O   1 
HETATM 613 O O   . HOH B 2 .  ? 6.417   -19.248 0.976   1.00 24.43 ? 145 HOH A O   1 
HETATM 614 O O   . HOH B 2 .  ? 3.541   -8.909  6.420   1.00 28.24 ? 146 HOH A O   1 
HETATM 615 O O   . HOH B 2 .  ? -13.006 18.172  3.648   1.00 27.71 ? 147 HOH A O   1 
HETATM 616 O O   . HOH B 2 .  ? -6.611  -22.857 12.754  1.00 28.38 ? 148 HOH A O   1 
HETATM 617 O O   . HOH B 2 .  ? 0.592   4.142   6.652   1.00 31.75 ? 149 HOH A O   1 
HETATM 618 O O   . HOH B 2 .  ? 3.543   15.984  5.659   1.00 30.25 ? 150 HOH A O   1 
HETATM 619 O O   . HOH B 2 .  ? -19.731 11.528  1.023   1.00 28.19 ? 151 HOH A O   1 
HETATM 620 O O   . HOH B 2 .  ? 0.797   -13.087 -5.010  1.00 26.91 ? 152 HOH A O   1 
HETATM 621 O O   . HOH B 2 .  ? 5.788   14.058  7.343   1.00 37.64 ? 153 HOH A O   1 
HETATM 622 O O   . HOH B 2 .  ? 2.119   9.203   -7.315  1.00 31.77 ? 154 HOH A O   1 
HETATM 623 O O   . HOH B 2 .  ? -0.460  15.638  12.946  1.00 27.20 ? 155 HOH A O   1 
HETATM 624 O O   . HOH B 2 .  ? -4.136  -8.229  5.773   1.00 40.29 ? 156 HOH A O   1 
HETATM 625 O O   . HOH B 2 .  ? 7.614   -18.506 5.704   1.00 27.01 ? 157 HOH A O   1 
HETATM 626 O O   . HOH B 2 .  ? -19.403 19.432  3.869   1.00 27.22 ? 158 HOH A O   1 
HETATM 627 O O   . HOH B 2 .  ? -2.187  -15.187 -1.945  1.00 27.99 ? 159 HOH A O   1 
HETATM 628 O O   . HOH B 2 .  ? 7.851   -22.488 -5.097  1.00 32.17 ? 160 HOH A O   1 
HETATM 629 O O   . HOH B 2 .  ? 7.516   -18.094 -1.849  1.00 32.98 ? 161 HOH A O   1 
HETATM 630 O O   . HOH B 2 .  ? -14.808 20.385  3.447   1.00 34.08 ? 162 HOH A O   1 
HETATM 631 O O   . HOH B 2 .  ? -2.209  14.152  11.482  1.00 34.61 ? 163 HOH A O   1 
HETATM 632 O O   . HOH B 2 .  ? -0.929  16.206  -5.147  1.00 30.33 ? 164 HOH A O   1 
HETATM 633 O O   . HOH B 2 .  ? -1.562  2.041   -3.580  1.00 30.83 ? 165 HOH A O   1 
HETATM 634 O O   . HOH B 2 .  ? 3.678   -1.440  5.963   1.00 31.73 ? 166 HOH A O   1 
HETATM 635 O O   . HOH B 2 .  ? 3.494   20.169  3.212   1.00 27.53 ? 167 HOH A O   1 
HETATM 636 O O   . HOH B 2 .  ? -2.007  5.449   2.294   1.00 30.31 ? 168 HOH A O   1 
HETATM 637 O O   . HOH B 2 .  ? 2.221   -31.170 6.432   1.00 34.63 ? 169 HOH A O   1 
HETATM 638 O O   . HOH B 2 .  ? 8.510   -11.197 4.524   1.00 31.68 ? 170 HOH A O   1 
# 
loop_
_atom_site_anisotrop.id 
_atom_site_anisotrop.type_symbol 
_atom_site_anisotrop.pdbx_label_atom_id 
_atom_site_anisotrop.pdbx_label_alt_id 
_atom_site_anisotrop.pdbx_label_comp_id 
_atom_site_anisotrop.pdbx_label_asym_id 
_atom_site_anisotrop.pdbx_label_seq_id 
_atom_site_anisotrop.pdbx_PDB_ins_code 
_atom_site_anisotrop.U[1][1] 
_atom_site_anisotrop.U[2][2] 
_atom_site_anisotrop.U[3][3] 
_atom_site_anisotrop.U[1][2] 
_atom_site_anisotrop.U[1][3] 
_atom_site_anisotrop.U[2][3] 
_atom_site_anisotrop.pdbx_auth_seq_id 
_atom_site_anisotrop.pdbx_auth_comp_id 
_atom_site_anisotrop.pdbx_auth_asym_id 
_atom_site_anisotrop.pdbx_auth_atom_id 
1   N N   . GLU A 1  ? 0.1882 0.2269 0.4025 -0.0225 -0.0235 -0.0465 -4  GLU A N   
2   C CA  . GLU A 1  ? 0.1966 0.2236 0.2951 0.0051  -0.0028 -0.0198 -4  GLU A CA  
3   C C   . GLU A 1  ? 0.2014 0.1994 0.2686 0.0011  0.0083  -0.0148 -4  GLU A C   
4   O O   . GLU A 1  ? 0.2227 0.2044 0.2563 -0.0108 0.0265  -0.0046 -4  GLU A O   
5   C CB  . GLU A 1  ? 0.2033 0.2337 0.2933 -0.0128 0.0067  -0.0503 -4  GLU A CB  
6   C CG  . GLU A 1  ? 0.2180 0.3359 0.3891 -0.0244 0.0236  -0.0369 -4  GLU A CG  
7   C CD  . GLU A 1  ? 0.2004 0.3711 0.3464 -0.0271 0.0373  -0.0789 -4  GLU A CD  
8   O OE1 . GLU A 1  ? 0.3098 0.4096 0.3969 -0.1041 0.0065  -0.0440 -4  GLU A OE1 
9   O OE2 . GLU A 1  ? 0.3528 0.4599 0.5281 -0.0544 0.0473  -0.1439 -4  GLU A OE2 
10  N N   . ALA A 2  ? 0.1953 0.1898 0.2079 -0.0056 0.0082  -0.0128 -3  ALA A N   
11  C CA  . ALA A 2  ? 0.2110 0.1901 0.2092 0.0154  -0.0139 0.0112  -3  ALA A CA  
12  C C   . ALA A 2  ? 0.1756 0.1975 0.1951 -0.0129 -0.0326 0.0014  -3  ALA A C   
13  O O   . ALA A 2  ? 0.1913 0.2354 0.2374 -0.0373 -0.0260 -0.0063 -3  ALA A O   
14  C CB  . ALA A 2  ? 0.2327 0.2395 0.2495 0.0040  0.0175  -0.0116 -3  ALA A CB  
15  N N   . GLU A 3  ? 0.2065 0.2012 0.2192 0.0155  -0.0083 0.0167  -2  GLU A N   
16  C CA  . GLU A 3  ? 0.1876 0.2434 0.2515 0.0140  0.0047  0.0181  -2  GLU A CA  
17  C C   . GLU A 3  ? 0.2074 0.2205 0.2284 -0.0002 0.0066  0.0065  -2  GLU A C   
18  O O   . GLU A 3  ? 0.2891 0.2803 0.2610 -0.0187 0.0327  -0.0161 -2  GLU A O   
19  C CB  . GLU A 3  ? 0.2222 0.2651 0.2978 0.0005  0.0161  0.0290  -2  GLU A CB  
20  C CG  . GLU A 3  ? 0.2870 0.3799 0.2950 0.0477  0.0238  0.0382  -2  GLU A CG  
21  C CD  . GLU A 3  ? 0.3533 0.5061 0.3262 0.0962  0.0400  -0.0045 -2  GLU A CD  
22  O OE1 . GLU A 3  ? 0.3124 0.5776 0.3534 0.0261  0.0321  0.0462  -2  GLU A OE1 
23  O OE2 . GLU A 3  ? 0.4471 0.6055 0.3721 0.1431  0.1093  -0.0020 -2  GLU A OE2 
24  N N   . PHE A 4  ? 0.1826 0.2550 0.2069 0.0150  0.0241  0.0298  -1  PHE A N   
25  C CA  . PHE A 4  ? 0.2043 0.2670 0.1964 0.0388  0.0267  0.0067  -1  PHE A CA  
26  C C   . PHE A 4  ? 0.2325 0.2933 0.2273 0.0489  0.0174  0.0170  -1  PHE A C   
27  O O   . PHE A 4  ? 0.2195 0.2992 0.2565 0.0606  0.0332  0.0138  -1  PHE A O   
28  C CB  . PHE A 4  ? 0.1986 0.3128 0.2699 0.0267  0.0072  0.0122  -1  PHE A CB  
29  C CG  . PHE A 4  ? 0.1921 0.2681 0.2192 -0.0175 0.0297  0.0302  -1  PHE A CG  
30  C CD1 . PHE A 4  ? 0.1978 0.2732 0.2139 -0.0432 -0.0143 0.0183  -1  PHE A CD1 
31  C CD2 . PHE A 4  ? 0.2049 0.3142 0.2000 0.0095  0.0207  0.0039  -1  PHE A CD2 
32  C CE1 . PHE A 4  ? 0.2199 0.2563 0.2326 -0.0665 0.0228  0.0144  -1  PHE A CE1 
33  C CE2 . PHE A 4  ? 0.2363 0.2506 0.2338 -0.0065 0.0354  0.0217  -1  PHE A CE2 
34  C CZ  . PHE A 4  ? 0.2127 0.2361 0.2002 -0.0378 -0.0034 0.0042  -1  PHE A CZ  
35  N N   . GLY A 5  ? 0.2143 0.3247 0.2380 0.0581  -0.0048 0.0384  1   GLY A N   
36  C CA  . GLY A 5  ? 0.2104 0.3323 0.2448 0.0272  -0.0106 0.0356  1   GLY A CA  
37  C C   . GLY A 5  ? 0.2090 0.3694 0.2256 -0.0037 0.0161  0.0287  1   GLY A C   
38  O O   . GLY A 5  ? 0.2212 0.3086 0.2514 -0.0243 -0.0185 0.0581  1   GLY A O   
39  N N   . LYS A 6  ? 0.1710 0.3824 0.2179 -0.0213 -0.0079 0.0218  2   LYS A N   
40  C CA  . LYS A 6  ? 0.1725 0.3724 0.2849 -0.0333 -0.0114 0.0385  2   LYS A CA  
41  C C   . LYS A 6  ? 0.2118 0.3225 0.2769 -0.0295 -0.0154 0.0209  2   LYS A C   
42  O O   . LYS A 6  ? 0.2756 0.3102 0.3291 -0.0824 -0.0210 0.0509  2   LYS A O   
43  C CB  . LYS A 6  ? 0.2211 0.4158 0.2853 -0.0384 -0.0362 0.0411  2   LYS A CB  
44  C CG  . LYS A 6  ? 0.1806 0.3626 0.3500 -0.0513 -0.0154 0.1066  2   LYS A CG  
45  C CD  . LYS A 6  ? 0.2098 0.3089 0.2935 -0.0132 -0.0443 0.0060  2   LYS A CD  
46  C CE  . LYS A 6  ? 0.2193 0.2664 0.3647 -0.0396 -0.0412 0.0776  2   LYS A CE  
47  N NZ  . LYS A 6  ? 0.1838 0.2430 0.2550 0.0072  -0.0382 -0.0394 2   LYS A NZ  
48  N N   . GLU A 7  ? 0.1477 0.2912 0.2487 -0.0007 0.0016  0.0364  3   GLU A N   
49  C CA  . GLU A 7  ? 0.1590 0.2486 0.2115 0.0175  -0.0257 0.0072  3   GLU A CA  
50  C C   . GLU A 7  ? 0.1672 0.2298 0.2302 0.0138  -0.0162 -0.0058 3   GLU A C   
51  O O   . GLU A 7  ? 0.1831 0.2452 0.2413 0.0109  -0.0113 -0.0365 3   GLU A O   
52  C CB  . GLU A 7  ? 0.1402 0.2151 0.2444 -0.0004 -0.0076 -0.0017 3   GLU A CB  
53  C CG  . GLU A 7  ? 0.1943 0.2027 0.3148 -0.0173 -0.0109 0.0625  3   GLU A CG  
54  C CD  . GLU A 7  ? 0.1995 0.1546 0.2727 0.0045  0.0186  0.0187  3   GLU A CD  
55  O OE1 . GLU A 7  ? 0.2277 0.2317 0.2425 -0.0251 -0.0016 0.0123  3   GLU A OE1 
56  O OE2 . GLU A 7  ? 0.1919 0.1834 0.2392 -0.0254 0.0164  0.0229  3   GLU A OE2 
57  N N   . CYS A 8  ? 0.1454 0.2077 0.2029 -0.0018 -0.0106 -0.0034 4   CYS A N   
58  C CA  . CYS A 8  ? 0.1359 0.2136 0.2303 0.0209  -0.0012 0.0019  4   CYS A CA  
59  C C   . CYS A 8  ? 0.1546 0.2049 0.2150 -0.0118 0.0043  -0.0105 4   CYS A C   
60  O O   . CYS A 8  ? 0.1855 0.2128 0.2651 -0.0294 0.0274  0.0006  4   CYS A O   
61  C CB  . CYS A 8  ? 0.1604 0.2242 0.2096 0.0170  0.0080  -0.0091 4   CYS A CB  
62  S SG  . CYS A 8  ? 0.1536 0.2378 0.2484 0.0025  0.0146  -0.0280 4   CYS A SG  
63  N N   . ASP A 9  ? 0.1637 0.1896 0.1906 -0.0082 -0.0021 -0.0182 5   ASP A N   
64  C CA  . ASP A 9  ? 0.1770 0.1836 0.1801 0.0066  -0.0008 -0.0151 5   ASP A CA  
65  C C   . ASP A 9  ? 0.1894 0.1874 0.2150 -0.0196 -0.0070 0.0012  5   ASP A C   
66  O O   . ASP A 9  ? 0.2298 0.2298 0.2431 0.0121  0.0046  -0.0071 5   ASP A O   
67  C CB  . ASP A 9  ? 0.1996 0.1794 0.1800 -0.0260 0.0218  -0.0001 5   ASP A CB  
68  C CG  . ASP A 9  ? 0.1760 0.2212 0.1995 -0.0102 0.0243  -0.0354 5   ASP A CG  
69  O OD1 . ASP A 9  ? 0.2034 0.3377 0.2484 -0.0583 -0.0003 -0.0408 5   ASP A OD1 
70  O OD2 . ASP A 9  ? 0.1633 0.1748 0.2053 0.0035  -0.0195 -0.0071 5   ASP A OD2 
71  N N   . CYS A 10 ? 0.1497 0.1966 0.1911 -0.0072 -0.0009 -0.0292 6   CYS A N   
72  C CA  . CYS A 10 ? 0.1776 0.2097 0.1840 -0.0185 0.0018  -0.0168 6   CYS A CA  
73  C C   . CYS A 10 ? 0.2110 0.2276 0.2119 -0.0292 -0.0074 -0.0211 6   CYS A C   
74  O O   . CYS A 10 ? 0.2646 0.2603 0.2257 0.0313  0.0009  -0.0191 6   CYS A O   
75  C CB  . CYS A 10 ? 0.1523 0.2224 0.1895 -0.0154 0.0076  -0.0170 6   CYS A CB  
76  S SG  . CYS A 10 ? 0.1583 0.1906 0.1898 0.0110  0.0100  0.0060  6   CYS A SG  
77  N N   . SER A 11 ? 0.2338 0.2769 0.2264 -0.0535 0.0285  -0.0543 7   SER A N   
78  C CA  . SER A 11 ? 0.2641 0.3045 0.2215 -0.0373 0.0237  -0.0267 7   SER A CA  
79  C C   . SER A 11 ? 0.2543 0.2553 0.2444 -0.0084 0.0187  -0.0195 7   SER A C   
80  O O   . SER A 11 ? 0.2494 0.2407 0.2417 0.0052  0.0506  0.0186  7   SER A O   
81  C CB  . SER A 11 ? 0.2792 0.3094 0.3036 -0.0412 0.0333  -0.0016 7   SER A CB  
82  O OG  . SER A 11 ? 0.4090 0.3475 0.3177 -0.0250 0.0156  -0.0102 7   SER A OG  
83  N N   . SER A 12 ? 0.2081 0.2778 0.2042 -0.0341 0.0366  -0.0175 8   SER A N   
84  C CA  . SER A 12 ? 0.2402 0.2312 0.2049 -0.0058 0.0206  -0.0271 8   SER A CA  
85  C C   . SER A 12 ? 0.1979 0.2266 0.2019 -0.0113 0.0171  -0.0374 8   SER A C   
86  O O   . SER A 12 ? 0.1885 0.2046 0.1760 0.0030  0.0190  -0.0272 8   SER A O   
87  C CB  . SER A 12 ? 0.2294 0.2736 0.2280 -0.0270 -0.0025 -0.0027 8   SER A CB  
88  O OG  . SER A 12 ? 0.2558 0.3092 0.2216 -0.0332 -0.0272 0.0304  8   SER A OG  
89  N N   . PRO A 13 ? 0.1870 0.2031 0.2175 0.0113  0.0158  -0.0374 9   PRO A N   
90  C CA  . PRO A 13 ? 0.1818 0.1963 0.2252 0.0027  0.0030  -0.0283 9   PRO A CA  
91  C C   . PRO A 13 ? 0.1924 0.1887 0.1930 0.0160  0.0082  -0.0194 9   PRO A C   
92  O O   . PRO A 13 ? 0.2121 0.1900 0.1938 -0.0191 -0.0058 -0.0117 9   PRO A O   
93  C CB  . PRO A 13 ? 0.2319 0.2232 0.2186 0.0227  0.0100  -0.0352 9   PRO A CB  
94  C CG  . PRO A 13 ? 0.3079 0.2511 0.3469 -0.0040 0.0351  -0.0821 9   PRO A CG  
95  C CD  . PRO A 13 ? 0.2348 0.2385 0.2514 0.0153  0.0476  -0.0662 9   PRO A CD  
96  N N   . GLU A 14 ? 0.1834 0.2027 0.1823 0.0154  -0.0129 -0.0110 10  GLU A N   
97  C CA  . GLU A 14 ? 0.1868 0.2046 0.1697 0.0161  -0.0039 -0.0225 10  GLU A CA  
98  C C   . GLU A 14 ? 0.1768 0.1895 0.1585 -0.0100 0.0244  -0.0140 10  GLU A C   
99  O O   . GLU A 14 ? 0.1856 0.2245 0.2055 -0.0009 -0.0089 -0.0350 10  GLU A O   
100 C CB  . GLU A 14 ? 0.2259 0.2016 0.1409 0.0293  -0.0030 -0.0262 10  GLU A CB  
101 C CG  . GLU A 14 ? 0.2884 0.1927 0.2120 0.0286  -0.0048 -0.0286 10  GLU A CG  
102 C CD  . GLU A 14 ? 0.2984 0.2324 0.1789 -0.0074 -0.0126 -0.0539 10  GLU A CD  
103 O OE1 . GLU A 14 ? 0.2823 0.2678 0.2623 -0.0066 0.0044  -0.0395 10  GLU A OE1 
104 O OE2 . GLU A 14 ? 0.3525 0.2342 0.2854 0.0654  0.0032  -0.0309 10  GLU A OE2 
105 N N   . ASN A 15 ? 0.1781 0.1650 0.1406 0.0002  0.0126  -0.0040 11  ASN A N   
106 C CA  . ASN A 15 ? 0.1586 0.1610 0.1578 0.0092  0.0260  0.0182  11  ASN A CA  
107 C C   . ASN A 15 ? 0.1478 0.1778 0.1369 0.0005  0.0004  0.0055  11  ASN A C   
108 O O   . ASN A 15 ? 0.1513 0.1699 0.1428 0.0247  -0.0035 0.0067  11  ASN A O   
109 C CB  . ASN A 15 ? 0.1404 0.1607 0.1730 0.0005  0.0172  -0.0156 11  ASN A CB  
110 C CG  . ASN A 15 ? 0.1402 0.1550 0.1480 0.0084  0.0174  0.0100  11  ASN A CG  
111 O OD1 . ASN A 15 ? 0.1423 0.1599 0.1631 -0.0035 0.0253  0.0239  11  ASN A OD1 
112 N ND2 . ASN A 15 ? 0.1577 0.1586 0.1486 -0.0039 0.0173  0.0112  11  ASN A ND2 
113 N N   . PRO A 16 ? 0.1594 0.1447 0.1458 0.0006  0.0078  0.0172  12  PRO A N   
114 C CA  . PRO A 16 ? 0.1432 0.1544 0.1522 -0.0148 0.0093  0.0073  12  PRO A CA  
115 C C   . PRO A 16 ? 0.1527 0.1097 0.1383 -0.0120 0.0081  0.0119  12  PRO A C   
116 O O   . PRO A 16 ? 0.1631 0.1717 0.1555 -0.0157 0.0068  0.0343  12  PRO A O   
117 C CB  . PRO A 16 ? 0.1532 0.1693 0.1837 -0.0048 0.0071  0.0240  12  PRO A CB  
118 C CG  . PRO A 16 ? 0.1823 0.1885 0.1840 0.0037  0.0296  0.0447  12  PRO A CG  
119 C CD  . PRO A 16 ? 0.1538 0.1753 0.1605 0.0275  0.0062  0.0284  12  PRO A CD  
120 N N   . CYS A 17 ? 0.1335 0.1228 0.1211 0.0000  -0.0117 -0.0064 13  CYS A N   
121 C CA  . CYS A 17 ? 0.1359 0.1402 0.1219 0.0050  -0.0154 -0.0002 13  CYS A CA  
122 C C   . CYS A 17 ? 0.1350 0.1532 0.1227 0.0069  0.0169  0.0123  13  CYS A C   
123 O O   . CYS A 17 ? 0.1515 0.1496 0.1342 0.0226  0.0114  0.0098  13  CYS A O   
124 C CB  . CYS A 17 ? 0.1430 0.1225 0.1677 0.0165  0.0064  0.0137  13  CYS A CB  
125 S SG  . CYS A 17 ? 0.1495 0.1420 0.1465 0.0176  0.0119  0.0185  13  CYS A SG  
126 N N   . CYS A 18 ? 0.1385 0.1315 0.1578 0.0141  -0.0011 0.0077  14  CYS A N   
127 C CA  . CYS A 18 ? 0.1399 0.1416 0.1626 0.0083  0.0015  -0.0018 14  CYS A CA  
128 C C   . CYS A 18 ? 0.1390 0.1488 0.1313 0.0004  -0.0083 0.0054  14  CYS A C   
129 O O   . CYS A 18 ? 0.1577 0.1546 0.1435 0.0018  -0.0108 0.0091  14  CYS A O   
130 C CB  . CYS A 18 ? 0.1331 0.1205 0.2174 -0.0049 0.0159  0.0033  14  CYS A CB  
131 S SG  . CYS A 18 ? 0.1617 0.1681 0.1865 0.0077  -0.0006 0.0047  14  CYS A SG  
132 N N   . ASP A 19 ? 0.1398 0.1597 0.1848 0.0209  0.0097  0.0243  15  ASP A N   
133 C CA  . ASP A 19 ? 0.1574 0.1524 0.1683 0.0169  0.0113  0.0139  15  ASP A CA  
134 C C   . ASP A 19 ? 0.1355 0.1228 0.1671 0.0100  0.0079  0.0110  15  ASP A C   
135 O O   . ASP A 19 ? 0.1319 0.1375 0.1759 -0.0102 -0.0080 -0.0066 15  ASP A O   
136 C CB  . ASP A 19 ? 0.2072 0.1769 0.2183 0.0189  0.0328  0.0496  15  ASP A CB  
137 C CG  . ASP A 19 ? 0.2405 0.2778 0.3527 0.0057  0.0131  0.1146  15  ASP A CG  
138 O OD1 . ASP A 19 ? 0.4531 0.4653 0.5679 0.0745  -0.0337 0.1127  15  ASP A OD1 
139 O OD2 . ASP A 19 ? 0.5095 0.3464 0.5491 -0.0502 -0.0367 0.0703  15  ASP A OD2 
140 N N   . ALA A 20 ? 0.1477 0.1398 0.1633 0.0167  0.0040  0.0133  16  ALA A N   
141 C CA  . ALA A 20 ? 0.1592 0.1770 0.1462 0.0252  -0.0123 0.0007  16  ALA A CA  
142 C C   . ALA A 20 ? 0.1443 0.1418 0.1342 0.0120  -0.0097 -0.0114 16  ALA A C   
143 O O   . ALA A 20 ? 0.1451 0.1658 0.1422 0.0203  0.0057  0.0044  16  ALA A O   
144 C CB  . ALA A 20 ? 0.2180 0.1832 0.1487 0.0165  -0.0192 0.0093  16  ALA A CB  
145 N N   . ALA A 21 ? 0.1401 0.1590 0.1311 0.0077  -0.0146 0.0098  17  ALA A N   
146 C CA  . ALA A 21 ? 0.1496 0.1548 0.1527 0.0064  -0.0036 0.0196  17  ALA A CA  
147 C C   . ALA A 21 ? 0.1413 0.1621 0.1307 0.0222  0.0016  -0.0009 17  ALA A C   
148 O O   . ALA A 21 ? 0.1385 0.1776 0.1456 0.0278  0.0063  0.0017  17  ALA A O   
149 C CB  . ALA A 21 ? 0.1616 0.1477 0.1555 0.0075  0.0116  0.0173  17  ALA A CB  
150 N N   . THR A 22 ? 0.1594 0.1485 0.1636 0.0175  -0.0164 -0.0318 18  THR A N   
151 C CA  . THR A 22 ? 0.1570 0.1736 0.1634 0.0097  -0.0131 -0.0257 18  THR A CA  
152 C C   . THR A 22 ? 0.1300 0.1445 0.2127 0.0287  -0.0159 -0.0362 18  THR A C   
153 O O   . THR A 22 ? 0.1528 0.1670 0.2099 0.0043  -0.0344 -0.0065 18  THR A O   
154 C CB  . THR A 22 ? 0.1779 0.1965 0.1768 0.0122  -0.0188 -0.0105 18  THR A CB  
155 O OG1 . THR A 22 ? 0.1826 0.1700 0.1819 0.0294  -0.0187 -0.0148 18  THR A OG1 
156 C CG2 . THR A 22 ? 0.2494 0.2192 0.2032 0.0253  -0.0048 0.0041  18  THR A CG2 
157 N N   . CYS A 23 ? 0.1336 0.1577 0.1779 0.0330  -0.0124 -0.0119 19  CYS A N   
158 C CA  . CYS A 23 ? 0.1498 0.1701 0.1917 0.0188  0.0038  -0.0159 19  CYS A CA  
159 C C   . CYS A 23 ? 0.1131 0.1678 0.1938 0.0163  0.0051  -0.0029 19  CYS A C   
160 O O   . CYS A 23 ? 0.1610 0.1822 0.2212 0.0062  -0.0006 -0.0247 19  CYS A O   
161 C CB  . CYS A 23 ? 0.1451 0.1992 0.2390 0.0055  -0.0274 -0.0179 19  CYS A CB  
162 S SG  . CYS A 23 ? 0.1649 0.2277 0.2502 0.0275  -0.0149 -0.0152 19  CYS A SG  
163 N N   . LYS A 24 ? 0.1301 0.1766 0.1794 0.0343  -0.0048 -0.0105 20  LYS A N   
164 C CA  . LYS A 24 ? 0.1421 0.1667 0.1632 0.0309  -0.0213 -0.0235 20  LYS A CA  
165 C C   . LYS A 24 ? 0.1585 0.1311 0.1625 -0.0082 -0.0192 -0.0127 20  LYS A C   
166 O O   . LYS A 24 ? 0.1637 0.1374 0.1870 0.0241  -0.0157 -0.0236 20  LYS A O   
167 C CB  . LYS A 24 ? 0.1683 0.2083 0.1694 0.0540  -0.0064 -0.0157 20  LYS A CB  
168 C CG  . LYS A 24 ? 0.1547 0.2091 0.2383 0.0390  -0.0142 -0.0102 20  LYS A CG  
169 C CD  . LYS A 24 ? 0.1758 0.2693 0.2549 0.0394  -0.0456 0.0148  20  LYS A CD  
170 C CE  . LYS A 24 ? 0.1930 0.2751 0.2696 -0.0324 -0.0362 -0.0311 20  LYS A CE  
171 N NZ  . LYS A 24 ? 0.2566 0.2742 0.3089 -0.0514 -0.0235 -0.0334 20  LYS A NZ  
172 N N   . LEU A 25 ? 0.1661 0.1568 0.1563 0.0315  -0.0112 -0.0129 21  LEU A N   
173 C CA  . LEU A 25 ? 0.1333 0.1467 0.1598 0.0107  0.0265  -0.0028 21  LEU A CA  
174 C C   . LEU A 25 ? 0.1579 0.1384 0.1457 0.0014  -0.0155 -0.0020 21  LEU A C   
175 O O   . LEU A 25 ? 0.1762 0.1866 0.1705 0.0174  -0.0208 0.0250  21  LEU A O   
176 C CB  . LEU A 25 ? 0.1822 0.1312 0.1505 0.0121  0.0025  -0.0123 21  LEU A CB  
177 C CG  . LEU A 25 ? 0.1943 0.1449 0.2193 0.0086  0.0048  0.0080  21  LEU A CG  
178 C CD1 . LEU A 25 ? 0.2165 0.1777 0.2274 -0.0069 -0.0351 -0.0286 21  LEU A CD1 
179 C CD2 . LEU A 25 ? 0.2138 0.1734 0.1823 0.0012  -0.0051 0.0317  21  LEU A CD2 
180 N N   . ARG A 26 ? 0.1316 0.1571 0.1762 -0.0022 0.0029  0.0131  22  ARG A N   
181 C CA  . ARG A 26 ? 0.1492 0.1517 0.1704 -0.0144 0.0017  0.0184  22  ARG A CA  
182 C C   . ARG A 26 ? 0.1953 0.1552 0.1488 -0.0189 -0.0043 0.0337  22  ARG A C   
183 O O   . ARG A 26 ? 0.1692 0.1641 0.1703 -0.0140 -0.0034 0.0113  22  ARG A O   
184 C CB  . ARG A 26 ? 0.1420 0.1822 0.1737 0.0063  -0.0035 0.0177  22  ARG A CB  
185 C CG  . ARG A 26 ? 0.1405 0.2201 0.1574 0.0138  0.0176  0.0068  22  ARG A CG  
186 C CD  . ARG A 26 ? 0.1516 0.2375 0.1734 -0.0250 0.0090  0.0150  22  ARG A CD  
187 N NE  . ARG A 26 ? 0.1391 0.2115 0.1797 -0.0280 0.0044  -0.0141 22  ARG A NE  
188 C CZ  . ARG A 26 ? 0.1506 0.1964 0.1801 -0.0249 0.0025  0.0150  22  ARG A CZ  
189 N NH1 . ARG A 26 ? 0.1628 0.2031 0.1677 -0.0252 0.0137  -0.0119 22  ARG A NH1 
190 N NH2 . ARG A 26 ? 0.2150 0.2071 0.1580 -0.0186 0.0238  0.0172  22  ARG A NH2 
191 N N   . PRO A 27 ? 0.2080 0.1596 0.1911 -0.0284 0.0205  0.0394  23  PRO A N   
192 C CA  . PRO A 27 ? 0.2309 0.2032 0.1682 -0.0125 0.0280  0.0422  23  PRO A CA  
193 C C   . PRO A 27 ? 0.2108 0.1855 0.1712 -0.0148 0.0191  0.0252  23  PRO A C   
194 O O   . PRO A 27 ? 0.2047 0.2429 0.2327 -0.0254 -0.0064 0.0282  23  PRO A O   
195 C CB  . PRO A 27 ? 0.2523 0.2065 0.2113 -0.0098 0.0570  0.0665  23  PRO A CB  
196 C CG  . PRO A 27 ? 0.3014 0.2222 0.2141 -0.0336 0.0213  0.0410  23  PRO A CG  
197 C CD  . PRO A 27 ? 0.2361 0.1902 0.1845 -0.0239 -0.0007 0.0442  23  PRO A CD  
198 N N   . GLY A 28 ? 0.2017 0.2154 0.2193 -0.0058 0.0655  0.0186  24  GLY A N   
199 C CA  . GLY A 28 ? 0.2158 0.2094 0.2730 -0.0051 0.0642  0.0359  24  GLY A CA  
200 C C   . GLY A 28 ? 0.2167 0.1970 0.2588 0.0159  0.0716  0.0370  24  GLY A C   
201 O O   . GLY A 28 ? 0.2367 0.1977 0.3420 0.0359  0.0900  0.0459  24  GLY A O   
202 N N   . ALA A 29 ? 0.1696 0.1836 0.2049 -0.0002 0.0423  0.0311  25  ALA A N   
203 C CA  . ALA A 29 ? 0.1773 0.1430 0.2201 -0.0078 0.0055  0.0366  25  ALA A CA  
204 C C   . ALA A 29 ? 0.1685 0.1691 0.1640 0.0088  -0.0105 0.0139  25  ALA A C   
205 O O   . ALA A 29 ? 0.1787 0.2206 0.2722 -0.0165 -0.0295 0.0558  25  ALA A O   
206 C CB  . ALA A 29 ? 0.1709 0.1395 0.1967 0.0053  0.0130  0.0136  25  ALA A CB  
207 N N   . GLN A 30 ? 0.1878 0.1452 0.1673 0.0137  0.0074  0.0089  26  GLN A N   
208 C CA  . GLN A 30 ? 0.1869 0.1561 0.1580 0.0203  0.0124  0.0021  26  GLN A CA  
209 C C   . GLN A 30 ? 0.1518 0.1563 0.1494 0.0050  0.0053  0.0141  26  GLN A C   
210 O O   . GLN A 30 ? 0.1852 0.1959 0.1744 0.0087  -0.0125 0.0142  26  GLN A O   
211 C CB  . GLN A 30 ? 0.2139 0.1859 0.1542 0.0296  0.0148  0.0050  26  GLN A CB  
212 C CG  . GLN A 30 ? 0.2112 0.1800 0.1446 0.0304  0.0216  0.0332  26  GLN A CG  
213 C CD  . GLN A 30 ? 0.2545 0.1952 0.1565 0.0498  0.0128  0.0203  26  GLN A CD  
214 O OE1 . GLN A 30 ? 0.2629 0.1756 0.1385 0.0314  0.0087  0.0297  26  GLN A OE1 
215 N NE2 . GLN A 30 ? 0.3945 0.2415 0.1691 0.0960  0.0132  0.0036  26  GLN A NE2 
216 N N   . CYS A 31 ? 0.1578 0.1526 0.1487 0.0025  0.0103  0.0153  27  CYS A N   
217 C CA  . CYS A 31 ? 0.1615 0.1224 0.1577 0.0155  0.0233  0.0309  27  CYS A CA  
218 C C   . CYS A 31 ? 0.1388 0.1302 0.1773 0.0170  0.0097  0.0115  27  CYS A C   
219 O O   . CYS A 31 ? 0.1472 0.1517 0.1673 0.0161  0.0096  0.0155  27  CYS A O   
220 C CB  . CYS A 31 ? 0.1402 0.1496 0.1835 0.0300  0.0100  0.0154  27  CYS A CB  
221 S SG  . CYS A 31 ? 0.1698 0.1490 0.1706 0.0150  0.0173  0.0191  27  CYS A SG  
222 N N   . GLY A 32 ? 0.1708 0.1443 0.1522 0.0252  0.0270  0.0207  28  GLY A N   
223 C CA  . GLY A 32 ? 0.2195 0.1757 0.1382 -0.0163 0.0287  0.0181  28  GLY A CA  
224 C C   . GLY A 32 ? 0.1627 0.1469 0.1369 0.0056  0.0185  -0.0079 28  GLY A C   
225 O O   . GLY A 32 ? 0.2125 0.1696 0.1529 0.0033  0.0199  -0.0010 28  GLY A O   
226 N N   . GLU A 33 ? 0.1345 0.1244 0.1846 0.0169  0.0207  0.0037  29  GLU A N   
227 C CA  . GLU A 33 ? 0.1451 0.1489 0.1865 0.0086  0.0318  0.0006  29  GLU A CA  
228 C C   . GLU A 33 ? 0.1381 0.1549 0.1743 -0.0062 0.0214  0.0202  29  GLU A C   
229 O O   . GLU A 33 ? 0.1947 0.1564 0.1873 -0.0048 0.0090  0.0168  29  GLU A O   
230 C CB  . GLU A 33 ? 0.1949 0.1944 0.2099 0.0113  0.0129  0.0234  29  GLU A CB  
231 C CG  . GLU A 33 ? 0.2515 0.2988 0.3521 0.0136  0.0462  0.0145  29  GLU A CG  
232 C CD  . GLU A 33 ? 0.2839 0.3806 0.6082 0.0583  0.1218  -0.1153 29  GLU A CD  
233 O OE1 . GLU A 33 ? 0.4262 0.4338 0.6773 0.0537  0.1162  -0.1422 29  GLU A OE1 
234 O OE2 . GLU A 33 ? 0.4068 0.5410 0.7519 0.0025  0.0877  -0.0644 29  GLU A OE2 
235 N N   . GLY A 34 ? 0.1776 0.1617 0.2051 -0.0104 0.0281  0.0305  30  GLY A N   
236 C CA  . GLY A 34 ? 0.1697 0.1524 0.2374 0.0196  0.0326  0.0198  30  GLY A CA  
237 C C   . GLY A 34 ? 0.1651 0.1460 0.1654 0.0021  0.0432  0.0010  30  GLY A C   
238 O O   . GLY A 34 ? 0.1758 0.1790 0.1599 -0.0071 0.0347  0.0153  30  GLY A O   
239 N N   . LEU A 35 ? 0.2072 0.1382 0.1934 0.0081  0.0473  0.0259  31  LEU A N   
240 C CA  . LEU A 35 ? 0.1766 0.1465 0.1742 0.0045  0.0526  0.0241  31  LEU A CA  
241 C C   . LEU A 35 ? 0.1900 0.1636 0.1713 0.0214  0.0364  0.0252  31  LEU A C   
242 O O   . LEU A 35 ? 0.1986 0.1776 0.1589 0.0250  0.0076  0.0174  31  LEU A O   
243 C CB  . LEU A 35 ? 0.2287 0.2021 0.1975 -0.0016 0.0653  0.0538  31  LEU A CB  
244 C CG  . LEU A 35 ? 0.2336 0.2267 0.2391 -0.0212 0.0742  0.0561  31  LEU A CG  
245 C CD1 . LEU A 35 ? 0.2956 0.2022 0.2904 -0.0163 0.1128  0.0639  31  LEU A CD1 
246 C CD2 . LEU A 35 ? 0.3866 0.4155 0.2718 -0.0533 0.0153  0.1049  31  LEU A CD2 
247 N N   . CYS A 36 ? 0.1883 0.1346 0.1631 0.0129  0.0331  0.0153  32  CYS A N   
248 C CA  . CYS A 36 ? 0.1616 0.1290 0.1647 0.0036  0.0186  0.0153  32  CYS A CA  
249 C C   . CYS A 36 ? 0.1400 0.1173 0.1364 0.0058  0.0137  0.0148  32  CYS A C   
250 O O   . CYS A 36 ? 0.1382 0.1569 0.1331 0.0046  0.0082  0.0018  32  CYS A O   
251 C CB  . CYS A 36 ? 0.1725 0.1195 0.1626 -0.0193 0.0127  0.0080  32  CYS A CB  
252 S SG  . CYS A 36 ? 0.1619 0.1426 0.1784 -0.0042 0.0135  0.0137  32  CYS A SG  
253 N N   . CYS A 37 ? 0.1544 0.1244 0.1586 -0.0009 0.0182  0.0083  33  CYS A N   
254 C CA  . CYS A 37 ? 0.1540 0.1132 0.1567 0.0089  0.0228  0.0025  33  CYS A CA  
255 C C   . CYS A 37 ? 0.1618 0.1354 0.1207 0.0206  0.0085  0.0084  33  CYS A C   
256 O O   . CYS A 37 ? 0.1588 0.1520 0.1343 0.0160  0.0096  0.0126  33  CYS A O   
257 C CB  . CYS A 37 ? 0.1603 0.1330 0.1318 0.0061  0.0321  0.0261  33  CYS A CB  
258 S SG  . CYS A 37 ? 0.1499 0.1434 0.1668 0.0111  0.0156  0.0163  33  CYS A SG  
259 N N   . GLU A 38 ? 0.1394 0.1219 0.1445 0.0155  0.0046  0.0021  34  GLU A N   
260 C CA  . GLU A 38 ? 0.1321 0.1367 0.1514 0.0034  0.0294  -0.0004 34  GLU A CA  
261 C C   . GLU A 38 ? 0.1343 0.1424 0.1349 0.0162  0.0104  0.0016  34  GLU A C   
262 O O   . GLU A 38 ? 0.1542 0.1562 0.1431 0.0301  0.0137  0.0175  34  GLU A O   
263 C CB  . GLU A 38 ? 0.1593 0.1625 0.1455 0.0477  0.0082  -0.0285 34  GLU A CB  
264 C CG  . GLU A 38 ? 0.1583 0.1826 0.1928 0.0380  0.0371  -0.0020 34  GLU A CG  
265 C CD  . GLU A 38 ? 0.1600 0.1817 0.1687 0.0103  -0.0293 -0.0258 34  GLU A CD  
266 O OE1 . GLU A 38 ? 0.1426 0.2085 0.2369 0.0036  -0.0098 -0.0050 34  GLU A OE1 
267 O OE2 . GLU A 38 ? 0.1488 0.1665 0.1877 0.0026  0.0140  -0.0330 34  GLU A OE2 
268 N N   . GLN A 39 ? 0.1433 0.1270 0.1471 0.0164  0.0059  0.0010  35  GLN A N   
269 C CA  . GLN A 39 ? 0.1454 0.1329 0.1737 0.0100  -0.0058 0.0284  35  GLN A CA  
270 C C   . GLN A 39 ? 0.1516 0.1380 0.1483 0.0227  0.0091  0.0114  35  GLN A C   
271 O O   . GLN A 39 ? 0.1546 0.1514 0.1718 0.0114  0.0283  0.0238  35  GLN A O   
272 C CB  . GLN A 39 ? 0.1312 0.1960 0.1554 -0.0058 -0.0112 0.0211  35  GLN A CB  
273 C CG  . GLN A 39 ? 0.1976 0.2738 0.2416 -0.0017 0.0054  0.0325  35  GLN A CG  
274 C CD  . GLN A 39 ? 0.2047 0.2898 0.2398 0.0108  -0.0004 -0.0005 35  GLN A CD  
275 O OE1 . GLN A 39 ? 0.1932 0.3234 0.2595 -0.0598 0.0123  -0.0152 35  GLN A OE1 
276 N NE2 . GLN A 39 ? 0.2165 0.2404 0.2189 0.0147  -0.0346 -0.0096 35  GLN A NE2 
277 N N   . CYS A 40 ? 0.1232 0.1306 0.1652 0.0169  0.0012  0.0132  36  CYS A N   
278 C CA  . CYS A 40 ? 0.1539 0.1473 0.1419 0.0059  0.0139  0.0120  36  CYS A CA  
279 C C   . CYS A 40 ? 0.1480 0.1042 0.1475 0.0077  0.0113  -0.0025 36  CYS A C   
280 O O   . CYS A 40 ? 0.1831 0.1391 0.1597 0.0201  -0.0019 0.0093  36  CYS A O   
281 C CB  . CYS A 40 ? 0.1716 0.1412 0.1625 -0.0092 0.0242  0.0045  36  CYS A CB  
282 S SG  . CYS A 40 ? 0.1559 0.1393 0.1581 0.0118  0.0025  0.0094  36  CYS A SG  
283 N N   . LYS A 41 ? 0.1787 0.1117 0.1383 0.0078  0.0182  0.0030  37  LYS A N   
284 C CA  . LYS A 41 ? 0.1556 0.1156 0.1450 -0.0002 0.0240  -0.0155 37  LYS A CA  
285 C C   . LYS A 41 ? 0.1691 0.1297 0.1396 0.0170  0.0148  0.0121  37  LYS A C   
286 O O   . LYS A 41 ? 0.1562 0.1536 0.1404 0.0074  0.0110  0.0186  37  LYS A O   
287 C CB  . LYS A 41 ? 0.1822 0.1517 0.1868 -0.0082 0.0380  -0.0095 37  LYS A CB  
288 C CG  . LYS A 41 ? 0.2531 0.2140 0.2537 -0.0397 0.0643  0.0306  37  LYS A CG  
289 C CD  . LYS A 41 ? 0.3004 0.1819 0.3781 -0.0194 0.0531  0.0627  37  LYS A CD  
290 C CE  . LYS A 41 ? 0.4051 0.2082 0.4815 -0.0273 0.0950  0.1320  37  LYS A CE  
291 N NZ  . LYS A 41 ? 0.3347 0.3156 0.5376 0.0832  0.1811  0.1536  37  LYS A NZ  
292 N N   . PHE A 42 ? 0.1775 0.1445 0.1460 0.0056  0.0014  0.0124  38  PHE A N   
293 C CA  . PHE A 42 ? 0.1757 0.1329 0.1308 -0.0053 -0.0018 0.0135  38  PHE A CA  
294 C C   . PHE A 42 ? 0.1314 0.1540 0.1492 -0.0003 0.0116  0.0235  38  PHE A C   
295 O O   . PHE A 42 ? 0.1589 0.1506 0.1682 0.0064  0.0295  0.0266  38  PHE A O   
296 C CB  . PHE A 42 ? 0.1573 0.1534 0.1447 -0.0002 -0.0187 -0.0096 38  PHE A CB  
297 C CG  . PHE A 42 ? 0.2025 0.1495 0.1524 0.0199  -0.0105 -0.0026 38  PHE A CG  
298 C CD1 . PHE A 42 ? 0.1678 0.1747 0.1941 0.0014  -0.0250 -0.0189 38  PHE A CD1 
299 C CD2 . PHE A 42 ? 0.2148 0.2326 0.1498 0.0080  -0.0215 0.0286  38  PHE A CD2 
300 C CE1 . PHE A 42 ? 0.1876 0.2003 0.1851 0.0078  -0.0118 0.0166  38  PHE A CE1 
301 C CE2 . PHE A 42 ? 0.2375 0.2123 0.2101 0.0259  -0.0315 0.0200  38  PHE A CE2 
302 C CZ  . PHE A 42 ? 0.2336 0.2291 0.2247 0.0411  -0.0569 0.0249  38  PHE A CZ  
303 N N   . SER A 43 ? 0.1475 0.1203 0.1560 -0.0081 0.0090  0.0229  39  SER A N   
304 C CA  . SER A 43 ? 0.1558 0.1322 0.1409 0.0085  0.0140  0.0203  39  SER A CA  
305 C C   . SER A 43 ? 0.1340 0.1528 0.1200 -0.0117 -0.0125 0.0069  39  SER A C   
306 O O   . SER A 43 ? 0.1606 0.1729 0.1314 0.0048  -0.0013 0.0045  39  SER A O   
307 C CB  . SER A 43 ? 0.1508 0.1262 0.1344 -0.0080 0.0206  0.0181  39  SER A CB  
308 O OG  . SER A 43 ? 0.1795 0.1557 0.1339 -0.0042 0.0147  0.0040  39  SER A OG  
309 N N   . ARG A 44 ? 0.1595 0.1448 0.1435 0.0046  0.0199  -0.0129 40  ARG A N   
310 C CA  . ARG A 44 ? 0.1573 0.1814 0.1440 -0.0071 0.0136  -0.0093 40  ARG A CA  
311 C C   . ARG A 44 ? 0.1675 0.1458 0.1430 -0.0175 0.0307  -0.0131 40  ARG A C   
312 O O   . ARG A 44 ? 0.2164 0.1558 0.1335 0.0049  0.0319  0.0065  40  ARG A O   
313 C CB  . ARG A 44 ? 0.2001 0.1978 0.1844 0.0811  -0.0004 -0.0345 40  ARG A CB  
314 C CG  . ARG A 44 ? 0.2206 0.2526 0.2171 0.0001  -0.0049 -0.0314 40  ARG A CG  
315 C CD  . ARG A 44 ? 0.1583 0.2472 0.3216 -0.0251 -0.0134 0.0021  40  ARG A CD  
316 N NE  . ARG A 44 ? 0.1643 0.2865 0.2671 -0.0284 0.0247  0.0414  40  ARG A NE  
317 C CZ  . ARG A 44 ? 0.1788 0.1822 0.1984 -0.0067 0.0223  -0.0124 40  ARG A CZ  
318 N NH1 . ARG A 44 ? 0.2243 0.2243 0.2029 -0.0278 0.0045  0.0305  40  ARG A NH1 
319 N NH2 . ARG A 44 ? 0.2728 0.1866 0.2311 -0.0146 0.0378  -0.0107 40  ARG A NH2 
320 N N   . ALA A 45 ? 0.1999 0.1795 0.1384 -0.0198 0.0070  -0.0118 41  ALA A N   
321 C CA  . ALA A 45 ? 0.2162 0.1863 0.1533 -0.0168 0.0098  -0.0100 41  ALA A CA  
322 C C   . ALA A 45 ? 0.1789 0.1666 0.1415 0.0124  0.0212  -0.0188 41  ALA A C   
323 O O   . ALA A 45 ? 0.2023 0.1814 0.1606 -0.0077 0.0084  -0.0124 41  ALA A O   
324 C CB  . ALA A 45 ? 0.2555 0.2417 0.1237 0.0128  -0.0019 -0.0232 41  ALA A CB  
325 N N   . GLY A 46 ? 0.1737 0.1679 0.1380 -0.0087 0.0135  -0.0111 42  GLY A N   
326 C CA  . GLY A 46 ? 0.1912 0.1450 0.1273 -0.0110 0.0142  -0.0092 42  GLY A CA  
327 C C   . GLY A 46 ? 0.1609 0.1536 0.1372 -0.0080 0.0082  -0.0174 42  GLY A C   
328 O O   . GLY A 46 ? 0.1694 0.1420 0.1534 -0.0150 0.0076  -0.0129 42  GLY A O   
329 N N   . LYS A 47 ? 0.1248 0.1579 0.1498 -0.0079 0.0270  -0.0238 43  LYS A N   
330 C CA  . LYS A 47 ? 0.1506 0.1161 0.1286 -0.0277 0.0253  -0.0080 43  LYS A CA  
331 C C   . LYS A 47 ? 0.1250 0.1271 0.1397 -0.0013 0.0161  -0.0017 43  LYS A C   
332 O O   . LYS A 47 ? 0.1407 0.1534 0.1507 0.0068  0.0023  -0.0074 43  LYS A O   
333 C CB  . LYS A 47 ? 0.1623 0.1293 0.1576 -0.0162 0.0246  -0.0002 43  LYS A CB  
334 C CG  . LYS A 47 ? 0.3013 0.1415 0.1500 -0.0433 0.0551  -0.0217 43  LYS A CG  
335 C CD  . LYS A 47 ? 0.2959 0.2717 0.3068 0.0557  0.0370  0.0283  43  LYS A CD  
336 C CE  . LYS A 47 ? 0.2928 0.2740 0.2849 0.0499  0.0439  0.0113  43  LYS A CE  
337 N NZ  . LYS A 47 ? 0.3032 0.2579 0.2296 -0.0114 0.0125  0.0257  43  LYS A NZ  
338 N N   . ILE A 48 ? 0.1393 0.1224 0.1261 -0.0262 0.0116  0.0057  44  ILE A N   
339 C CA  . ILE A 48 ? 0.1379 0.1004 0.1417 -0.0065 0.0241  0.0145  44  ILE A CA  
340 C C   . ILE A 48 ? 0.1461 0.1245 0.1498 -0.0080 0.0175  -0.0054 44  ILE A C   
341 O O   . ILE A 48 ? 0.1532 0.1707 0.1615 -0.0074 0.0265  -0.0308 44  ILE A O   
342 C CB  . ILE A 48 ? 0.1835 0.1020 0.1807 -0.0050 0.0453  0.0195  44  ILE A CB  
343 C CG1 . ILE A 48 ? 0.1609 0.1154 0.1583 -0.0093 0.0240  -0.0132 44  ILE A CG1 
344 C CG2 . ILE A 48 ? 0.2066 0.2317 0.2506 -0.0220 0.0836  0.0158  44  ILE A CG2 
345 C CD1 . ILE A 48 ? 0.1557 0.2078 0.2564 0.0105  0.0382  0.0052  44  ILE A CD1 
346 N N   . CYS A 49 ? 0.1290 0.1243 0.1454 -0.0081 0.0339  -0.0030 45  CYS A N   
347 C CA  . CYS A 49 ? 0.1288 0.1413 0.1633 -0.0014 0.0507  0.0035  45  CYS A CA  
348 C C   . CYS A 49 ? 0.1551 0.1298 0.1486 -0.0151 0.0259  -0.0013 45  CYS A C   
349 O O   . CYS A 49 ? 0.1714 0.1452 0.1593 0.0030  0.0373  -0.0034 45  CYS A O   
350 C CB  . CYS A 49 ? 0.1514 0.1217 0.1772 -0.0110 0.0127  0.0146  45  CYS A CB  
351 S SG  . CYS A 49 ? 0.1647 0.1523 0.1890 -0.0059 0.0066  0.0074  45  CYS A SG  
352 N N   . ARG A 50 ? 0.1437 0.1301 0.1880 -0.0171 0.0280  0.0076  46  ARG A N   
353 C CA  . ARG A 50 ? 0.1557 0.1159 0.1852 0.0030  0.0457  0.0123  46  ARG A CA  
354 C C   . ARG A 50 ? 0.1438 0.1365 0.1531 -0.0003 0.0195  0.0007  46  ARG A C   
355 O O   . ARG A 50 ? 0.1958 0.1350 0.1428 -0.0075 0.0222  -0.0021 46  ARG A O   
356 C CB  . ARG A 50 ? 0.1682 0.1938 0.1716 -0.0079 0.0419  0.0430  46  ARG A CB  
357 C CG  . ARG A 50 ? 0.1750 0.2060 0.2323 0.0245  0.0479  0.0614  46  ARG A CG  
358 C CD  . ARG A 50 ? 0.1364 0.1891 0.3256 0.0058  0.0414  0.0728  46  ARG A CD  
359 N NE  . ARG A 50 ? 0.1578 0.1954 0.2854 -0.0057 0.0423  0.0577  46  ARG A NE  
360 C CZ  . ARG A 50 ? 0.1191 0.2011 0.2577 -0.0312 0.0328  0.0226  46  ARG A CZ  
361 N NH1 . ARG A 50 ? 0.1707 0.2729 0.2731 -0.0267 0.0473  0.0261  46  ARG A NH1 
362 N NH2 . ARG A 50 ? 0.1638 0.2209 0.3693 0.0155  0.0280  0.0605  46  ARG A NH2 
363 N N   . ILE A 51 ? 0.1554 0.1304 0.1584 -0.0144 0.0261  0.0201  47  ILE A N   
364 C CA  . ILE A 51 ? 0.1345 0.1283 0.1487 -0.0081 0.0067  0.0020  47  ILE A CA  
365 C C   . ILE A 51 ? 0.1282 0.1535 0.1291 -0.0164 0.0163  -0.0095 47  ILE A C   
366 O O   . ILE A 51 ? 0.1585 0.1559 0.1333 -0.0068 0.0047  -0.0140 47  ILE A O   
367 C CB  . ILE A 51 ? 0.1341 0.1534 0.1463 -0.0136 0.0025  0.0022  47  ILE A CB  
368 C CG1 . ILE A 51 ? 0.1624 0.1816 0.1457 -0.0320 0.0297  0.0103  47  ILE A CG1 
369 C CG2 . ILE A 51 ? 0.1557 0.1668 0.1663 0.0118  -0.0011 0.0151  47  ILE A CG2 
370 C CD1 . ILE A 51 ? 0.1616 0.2302 0.1697 -0.0401 0.0267  -0.0264 47  ILE A CD1 
371 N N   . ALA A 52 ? 0.1680 0.1138 0.1319 -0.0102 0.0065  -0.0017 48  ALA A N   
372 C CA  . ALA A 52 ? 0.1688 0.1242 0.1276 -0.0123 0.0085  -0.0061 48  ALA A CA  
373 C C   . ALA A 52 ? 0.1302 0.1285 0.1256 -0.0054 -0.0122 -0.0022 48  ALA A C   
374 O O   . ALA A 52 ? 0.1455 0.1442 0.1309 -0.0173 -0.0024 0.0108  48  ALA A O   
375 C CB  . ALA A 52 ? 0.2220 0.1825 0.1046 -0.0264 0.0037  0.0019  48  ALA A CB  
376 N N   . ARG A 53 ? 0.1790 0.1626 0.1234 -0.0283 -0.0085 -0.0073 49  ARG A N   
377 C CA  . ARG A 53 ? 0.1749 0.1359 0.1429 -0.0163 0.0035  0.0151  49  ARG A CA  
378 C C   . ARG A 53 ? 0.2227 0.1627 0.1140 -0.0204 -0.0021 0.0009  49  ARG A C   
379 O O   . ARG A 53 ? 0.2074 0.1662 0.1300 -0.0191 0.0161  -0.0049 49  ARG A O   
380 C CB  . ARG A 53 ? 0.2000 0.1637 0.1520 -0.0400 0.0135  0.0004  49  ARG A CB  
381 C CG  . ARG A 53 ? 0.1793 0.2095 0.0970 -0.0423 -0.0191 0.0157  49  ARG A CG  
382 C CD  . ARG A 53 ? 0.1642 0.2173 0.1444 -0.0188 0.0144  0.0069  49  ARG A CD  
383 N NE  . ARG A 53 ? 0.1701 0.1857 0.1685 -0.0215 0.0088  -0.0115 49  ARG A NE  
384 C CZ  . ARG A 53 ? 0.1674 0.2081 0.1564 -0.0069 0.0031  -0.0224 49  ARG A CZ  
385 N NH1 . ARG A 53 ? 0.2026 0.1877 0.1661 0.0001  -0.0092 -0.0116 49  ARG A NH1 
386 N NH2 . ARG A 53 ? 0.1689 0.2147 0.2244 -0.0012 0.0258  -0.0095 49  ARG A NH2 
387 N N   . LEU A 54 ? 0.2327 0.1477 0.1216 0.0010  0.0059  0.0035  50  LEU A N   
388 C CA  . LEU A 54 ? 0.2474 0.1667 0.1517 -0.0055 -0.0030 0.0031  50  LEU A CA  
389 C C   . LEU A 54 ? 0.2448 0.1854 0.1817 -0.0089 0.0230  0.0143  50  LEU A C   
390 O O   . LEU A 54 ? 0.2378 0.2060 0.1995 -0.0034 0.0459  0.0028  50  LEU A O   
391 C CB  . LEU A 54 ? 0.2584 0.1842 0.1365 0.0007  0.0202  0.0009  50  LEU A CB  
392 C CG  . LEU A 54 ? 0.2021 0.1829 0.1631 0.0006  0.0089  0.0074  50  LEU A CG  
393 C CD1 . LEU A 54 ? 0.3351 0.1981 0.1394 0.0232  0.0155  0.0126  50  LEU A CD1 
394 C CD2 . LEU A 54 ? 0.2337 0.2205 0.2224 -0.0248 0.0032  0.0001  50  LEU A CD2 
395 N N   . ASP A 55 ? 0.2629 0.1336 0.1380 -0.0042 0.0043  -0.0045 51  ASP A N   
396 C CA  . ASP A 55 ? 0.2799 0.1635 0.1500 -0.0069 0.0202  -0.0170 51  ASP A CA  
397 C C   . ASP A 55 ? 0.2529 0.1545 0.1071 -0.0086 0.0176  -0.0174 51  ASP A C   
398 O O   . ASP A 55 ? 0.3003 0.1701 0.1328 0.0226  0.0276  0.0010  51  ASP A O   
399 C CB  . ASP A 55 ? 0.2826 0.1855 0.1138 -0.0391 -0.0003 -0.0031 51  ASP A CB  
400 C CG  . ASP A 55 ? 0.2755 0.2416 0.1634 -0.0083 -0.0113 -0.0083 51  ASP A CG  
401 O OD1 . ASP A 55 ? 0.3334 0.2558 0.2429 0.0762  0.0020  -0.0025 51  ASP A OD1 
402 O OD2 . ASP A 55 ? 0.2942 0.2327 0.2649 -0.0349 0.0171  -0.0001 51  ASP A OD2 
403 N N   . ASP A 56 ? 0.2360 0.1338 0.1294 -0.0065 -0.0062 0.0043  52  ASP A N   
404 C CA  . ASP A 56 ? 0.2389 0.1592 0.1284 -0.0063 0.0201  0.0132  52  ASP A CA  
405 C C   . ASP A 56 ? 0.2477 0.1466 0.1474 0.0022  0.0053  -0.0020 52  ASP A C   
406 O O   . ASP A 56 ? 0.2705 0.1705 0.1471 -0.0086 0.0085  -0.0194 52  ASP A O   
407 C CB  . ASP A 56 ? 0.2382 0.1388 0.1662 -0.0253 -0.0004 0.0054  52  ASP A CB  
408 C CG  . ASP A 56 ? 0.2630 0.2365 0.1314 0.0083  -0.0207 -0.0533 52  ASP A CG  
409 O OD1 . ASP A 56 ? 0.2817 0.3390 0.4334 0.0212  -0.0920 -0.1751 52  ASP A OD1 
410 O OD2 . ASP A 56 ? 0.2475 0.3446 0.2524 -0.0534 0.0176  0.0101  52  ASP A OD2 
411 N N   . LEU A 57 ? 0.2606 0.1415 0.1409 -0.0073 0.0420  -0.0086 53  LEU A N   
412 C CA  . LEU A 57 ? 0.2196 0.1597 0.1328 -0.0100 0.0439  -0.0270 53  LEU A CA  
413 C C   . LEU A 57 ? 0.1914 0.1558 0.1677 -0.0106 0.0282  -0.0269 53  LEU A C   
414 O O   . LEU A 57 ? 0.1777 0.1882 0.1681 -0.0121 0.0132  -0.0275 53  LEU A O   
415 C CB  . LEU A 57 ? 0.2551 0.2076 0.1926 0.0127  0.0312  -0.0169 53  LEU A CB  
416 C CG  . LEU A 57 ? 0.2810 0.2832 0.1961 0.0208  0.0310  -0.0173 53  LEU A CG  
417 C CD1 . LEU A 57 ? 0.2605 0.3513 0.1789 -0.0725 0.0131  0.0273  53  LEU A CD1 
418 C CD2 . LEU A 57 ? 0.3189 0.3692 0.2300 0.0462  0.0290  0.0148  53  LEU A CD2 
419 N N   . ASP A 58 ? 0.1931 0.1257 0.1640 -0.0057 0.0194  -0.0012 54  ASP A N   
420 C CA  . ASP A 58 ? 0.1488 0.1317 0.1719 0.0006  0.0139  -0.0026 54  ASP A CA  
421 C C   . ASP A 58 ? 0.1828 0.1392 0.1766 -0.0191 0.0164  -0.0084 54  ASP A C   
422 O O   . ASP A 58 ? 0.2426 0.1428 0.1729 -0.0085 0.0342  0.0004  54  ASP A O   
423 C CB  . ASP A 58 ? 0.1481 0.1521 0.1751 -0.0017 0.0041  0.0031  54  ASP A CB  
424 C CG  . ASP A 58 ? 0.1527 0.1673 0.1832 -0.0052 0.0347  -0.0002 54  ASP A CG  
425 O OD1 . ASP A 58 ? 0.1877 0.1682 0.1690 -0.0006 0.0474  -0.0052 54  ASP A OD1 
426 O OD2 . ASP A 58 ? 0.1708 0.2452 0.2386 0.0137  -0.0045 -0.0044 54  ASP A OD2 
427 N N   . ASP A 59 ? 0.1740 0.1080 0.1909 -0.0211 -0.0038 -0.0114 55  ASP A N   
428 C CA  . ASP A 59 ? 0.1696 0.1252 0.2005 -0.0222 0.0102  -0.0028 55  ASP A CA  
429 C C   . ASP A 59 ? 0.1586 0.1314 0.1884 -0.0278 -0.0036 0.0022  55  ASP A C   
430 O O   . ASP A 59 ? 0.1859 0.1189 0.1744 -0.0221 -0.0081 -0.0170 55  ASP A O   
431 C CB  . ASP A 59 ? 0.1480 0.1755 0.2502 -0.0240 0.0169  -0.0073 55  ASP A CB  
432 C CG  . ASP A 59 ? 0.1860 0.2458 0.2389 -0.0259 0.0123  -0.0440 55  ASP A CG  
433 O OD1 . ASP A 59 ? 0.2074 0.2406 0.3868 -0.0655 0.0484  -0.0424 55  ASP A OD1 
434 O OD2 . ASP A 59 ? 0.2279 0.2153 0.2805 -0.0249 0.0395  -0.0097 55  ASP A OD2 
435 N N   . ARG A 60 ? 0.1782 0.1517 0.1642 -0.0116 0.0064  0.0001  56  ARG A N   
436 C CA  . ARG A 60 ? 0.1648 0.1416 0.1754 -0.0217 0.0182  0.0201  56  ARG A CA  
437 C C   . ARG A 60 ? 0.1502 0.1742 0.1616 -0.0044 -0.0068 0.0068  56  ARG A C   
438 O O   . ARG A 60 ? 0.1638 0.1879 0.1792 -0.0296 -0.0241 0.0091  56  ARG A O   
439 C CB  . ARG A 60 ? 0.1912 0.1406 0.2006 -0.0055 0.0263  0.0022  56  ARG A CB  
440 C CG  . ARG A 60 ? 0.2065 0.1653 0.2408 -0.0162 0.0224  -0.0136 56  ARG A CG  
441 C CD  . ARG A 60 ? 0.2448 0.1746 0.3251 -0.0147 -0.0074 -0.0586 56  ARG A CD  
442 N NE  . ARG A 60 ? 0.3493 0.2651 0.3150 -0.0392 -0.0001 -0.0305 56  ARG A NE  
443 C CZ  . ARG A 60 ? 0.3095 0.3451 0.3122 -0.0709 0.0203  -0.0180 56  ARG A CZ  
444 N NH1 . ARG A 60 ? 0.4902 0.3763 0.3014 -0.0506 0.1273  -0.0074 56  ARG A NH1 
445 N NH2 . ARG A 60 ? 0.3143 0.3031 0.5244 -0.1023 -0.0527 0.0414  56  ARG A NH2 
446 N N   . CYS A 61 ? 0.1704 0.1358 0.1662 -0.0246 0.0037  0.0241  57  CYS A N   
447 C CA  . CYS A 61 ? 0.1561 0.1582 0.1647 -0.0216 -0.0046 -0.0023 57  CYS A CA  
448 C C   . CYS A 61 ? 0.1591 0.1670 0.1744 -0.0059 -0.0029 0.0028  57  CYS A C   
449 O O   . CYS A 61 ? 0.1701 0.1786 0.1703 -0.0117 -0.0111 0.0023  57  CYS A O   
450 C CB  . CYS A 61 ? 0.1594 0.1431 0.1593 -0.0426 0.0026  -0.0113 57  CYS A CB  
451 S SG  . CYS A 61 ? 0.1588 0.1327 0.1639 -0.0095 0.0036  0.0106  57  CYS A SG  
452 N N   . THR A 62 ? 0.1766 0.1948 0.1642 -0.0042 -0.0145 0.0093  58  THR A N   
453 C CA  . THR A 62 ? 0.1807 0.2399 0.1567 -0.0160 -0.0252 -0.0087 58  THR A CA  
454 C C   . THR A 62 ? 0.2375 0.2490 0.1711 -0.0061 -0.0174 -0.0017 58  THR A C   
455 O O   . THR A 62 ? 0.2888 0.2737 0.1647 -0.0079 -0.0090 -0.0201 58  THR A O   
456 C CB  . THR A 62 ? 0.2009 0.2484 0.2016 -0.0315 -0.0521 -0.0020 58  THR A CB  
457 O OG1 . THR A 62 ? 0.2581 0.2441 0.1987 -0.0004 -0.0446 0.0349  58  THR A OG1 
458 C CG2 . THR A 62 ? 0.2007 0.3227 0.2288 -0.0239 -0.0367 0.0146  58  THR A CG2 
459 N N   . GLY A 63 ? 0.2205 0.2155 0.1661 -0.0190 -0.0063 0.0147  59  GLY A N   
460 C CA  . GLY A 63 ? 0.2276 0.2335 0.1655 -0.0229 0.0008  0.0059  59  GLY A CA  
461 C C   . GLY A 63 ? 0.2529 0.2474 0.1300 -0.0105 0.0068  -0.0212 59  GLY A C   
462 O O   . GLY A 63 ? 0.2824 0.2629 0.1920 -0.0254 0.0274  0.0013  59  GLY A O   
463 N N   . GLN A 64 ? 0.2527 0.2593 0.1580 0.0248  -0.0202 0.0070  60  GLN A N   
464 C CA  . GLN A 64 ? 0.2940 0.2800 0.1774 0.0384  -0.0542 0.0245  60  GLN A CA  
465 C C   . GLN A 64 ? 0.2643 0.2737 0.2089 0.0202  -0.0474 0.0212  60  GLN A C   
466 O O   . GLN A 64 ? 0.3001 0.2865 0.2278 0.0276  -0.0678 0.0417  60  GLN A O   
467 C CB  . GLN A 64 ? 0.3543 0.3349 0.2528 0.0321  -0.0432 0.0049  60  GLN A CB  
468 C CG  . GLN A 64 ? 0.4326 0.4233 0.3321 -0.0019 -0.0986 0.0025  60  GLN A CG  
469 C CD  . GLN A 64 ? 0.5348 0.5516 0.4405 -0.0462 -0.0295 0.0234  60  GLN A CD  
470 O OE1 . GLN A 64 ? 0.5621 0.6068 0.5827 -0.0751 -0.0571 0.0116  60  GLN A OE1 
471 N NE2 . GLN A 64 ? 0.6298 0.6047 0.4327 -0.0717 -0.1048 0.0262  60  GLN A NE2 
472 N N   . SER A 65 ? 0.2461 0.2259 0.1677 0.0077  -0.0309 -0.0041 61  SER A N   
473 C CA  . SER A 65 ? 0.2209 0.2101 0.2040 -0.0046 -0.0098 0.0060  61  SER A CA  
474 C C   . SER A 65 ? 0.1949 0.1903 0.1737 0.0268  -0.0069 0.0213  61  SER A C   
475 O O   . SER A 65 ? 0.1618 0.1945 0.2148 0.0153  -0.0137 0.0206  61  SER A O   
476 C CB  . SER A 65 ? 0.2700 0.2763 0.2738 -0.0111 -0.0504 -0.0203 61  SER A CB  
477 O OG  . SER A 65 ? 0.3657 0.3695 0.3205 -0.0692 -0.0443 0.0219  61  SER A OG  
478 N N   . ALA A 66 ? 0.1900 0.1828 0.1851 0.0025  -0.0056 0.0114  62  ALA A N   
479 C CA  . ALA A 66 ? 0.1956 0.1983 0.1769 0.0111  0.0052  0.0283  62  ALA A CA  
480 C C   . ALA A 66 ? 0.1817 0.2044 0.2185 0.0185  0.0008  0.0228  62  ALA A C   
481 O O   . ALA A 66 ? 0.2132 0.2209 0.1759 0.0335  0.0040  0.0365  62  ALA A O   
482 C CB  . ALA A 66 ? 0.2225 0.2072 0.1862 0.0071  0.0227  0.0049  62  ALA A CB  
483 N N   . ASP A 67 ? 0.1912 0.1762 0.2737 0.0281  0.0265  0.0476  63  ASP A N   
484 C CA  . ASP A 67 ? 0.2007 0.2151 0.2852 0.0121  0.0420  0.0580  63  ASP A CA  
485 C C   . ASP A 67 ? 0.2000 0.1935 0.2614 0.0246  0.0391  0.0360  63  ASP A C   
486 O O   . ASP A 67 ? 0.2084 0.2220 0.2685 0.0381  0.0414  0.0355  63  ASP A O   
487 C CB  . ASP A 67 ? 0.2405 0.2722 0.3520 -0.0001 0.0452  0.0745  63  ASP A CB  
488 C CG  . ASP A 67 ? 0.3546 0.3803 0.4575 -0.0161 -0.0120 0.0637  63  ASP A CG  
489 O OD1 . ASP A 67 ? 0.4717 0.5263 0.4744 -0.0119 -0.0351 0.0705  63  ASP A OD1 
490 O OD2 . ASP A 67 ? 0.5557 0.4305 0.6223 -0.1057 -0.0405 0.0784  63  ASP A OD2 
491 N N   . CYS A 68 ? 0.2046 0.1798 0.2536 0.0225  0.0380  0.0425  64  CYS A N   
492 C CA  . CYS A 68 ? 0.1767 0.1811 0.2436 0.0259  0.0053  0.0263  64  CYS A CA  
493 C C   . CYS A 68 ? 0.1853 0.2394 0.2451 0.0074  0.0047  0.0449  64  CYS A C   
494 O O   . CYS A 68 ? 0.1607 0.2763 0.2866 0.0158  0.0215  0.0419  64  CYS A O   
495 C CB  . CYS A 68 ? 0.2005 0.1810 0.2174 0.0248  -0.0077 0.0185  64  CYS A CB  
496 S SG  . CYS A 68 ? 0.1839 0.1594 0.2271 -0.0198 0.0123  0.0277  64  CYS A SG  
497 N N   . PRO A 69 ? 0.1982 0.2740 0.2670 -0.0117 0.0037  0.0307  65  PRO A N   
498 C CA  . PRO A 69 ? 0.2210 0.3035 0.2852 -0.0198 -0.0201 0.0210  65  PRO A CA  
499 C C   . PRO A 69 ? 0.2425 0.3173 0.3502 -0.0347 -0.0342 0.0132  65  PRO A C   
500 O O   . PRO A 69 ? 0.1912 0.2832 0.3294 -0.0516 -0.0391 -0.0039 65  PRO A O   
501 C CB  . PRO A 69 ? 0.2323 0.3396 0.3013 -0.0139 -0.0260 0.0117  65  PRO A CB  
502 C CG  . PRO A 69 ? 0.2562 0.3633 0.3302 -0.0339 -0.0269 -0.0342 65  PRO A CG  
503 C CD  . PRO A 69 ? 0.2137 0.2760 0.2397 -0.0307 0.0116  -0.0154 65  PRO A CD  
504 N N   . ARG A 70 ? 0.2327 0.3695 0.3786 -0.0255 -0.0439 0.0222  66  ARG A N   
505 C CA  . ARG A 70 ? 0.2722 0.4139 0.4019 -0.0386 -0.0260 0.0039  66  ARG A CA  
506 C C   . ARG A 70 ? 0.2896 0.4121 0.4092 -0.0148 -0.0261 -0.0084 66  ARG A C   
507 O O   . ARG A 70 ? 0.3509 0.4415 0.4412 -0.0103 -0.0509 -0.0236 66  ARG A O   
508 C CB  . ARG A 70 ? 0.3047 0.4068 0.3524 -0.0416 -0.0262 -0.0063 66  ARG A CB  
509 C CG  . ARG A 70 ? 0.3627 0.4919 0.3692 -0.0903 0.0080  -0.0198 66  ARG A CG  
510 C CD  . ARG A 70 ? 0.3679 0.4936 0.3661 -0.0696 0.0371  -0.0385 66  ARG A CD  
511 N NE  . ARG A 70 ? 0.3522 0.4778 0.3257 -0.0371 0.0230  0.0058  66  ARG A NE  
512 C CZ  . ARG A 70 ? 0.2863 0.4658 0.3354 -0.0236 0.0292  -0.0177 66  ARG A CZ  
513 N NH1 . ARG A 70 ? 0.2696 0.4791 0.4623 0.0107  0.0421  0.0247  66  ARG A NH1 
514 N NH2 . ARG A 70 ? 0.3088 0.4686 0.4149 -0.0357 0.0195  -0.0412 66  ARG A NH2 
515 N N   . TYR A 71 ? 0.2806 0.4469 0.4579 -0.0090 -0.0190 0.0095  67  TYR A N   
516 C CA  . TYR A 71 ? 0.2849 0.4546 0.4550 0.0096  -0.0108 0.0033  67  TYR A CA  
517 C C   . TYR A 71 ? 0.2864 0.4420 0.4426 -0.0190 -0.0316 -0.0015 67  TYR A C   
518 O O   . TYR A 71 ? 0.2951 0.4894 0.4428 -0.0271 -0.0398 0.0058  67  TYR A O   
519 C CB  . TYR A 71 ? 0.2765 0.4801 0.5043 0.0244  -0.0011 0.0062  67  TYR A CB  
520 C CG  . TYR A 71 ? 0.3799 0.5734 0.5061 0.0239  0.0295  -0.0144 67  TYR A CG  
521 C CD1 . TYR A 71 ? 0.5045 0.6587 0.5533 0.0178  0.0505  -0.0204 67  TYR A CD1 
522 C CD2 . TYR A 71 ? 0.4224 0.5978 0.5582 0.0113  0.0287  -0.0169 67  TYR A CD2 
523 C CE1 . TYR A 71 ? 0.5559 0.6892 0.5306 0.0076  0.1010  -0.0637 67  TYR A CE1 
524 C CE2 . TYR A 71 ? 0.5615 0.6996 0.5470 0.0005  0.0467  -0.0302 67  TYR A CE2 
525 C CZ  . TYR A 71 ? 0.5935 0.7221 0.5436 -0.0043 0.0948  -0.0576 67  TYR A CZ  
526 O OH  . TYR A 71 ? 0.5591 0.8376 0.5413 -0.0164 0.1211  -0.0646 67  TYR A OH  
527 N N   . HIS A 72 ? 0.3264 0.4178 0.3955 -0.0016 -0.0268 -0.0123 68  HIS A N   
528 C CA  . HIS A 72 ? 0.3094 0.3746 0.3750 0.0014  -0.0092 -0.0272 68  HIS A CA  
529 C C   . HIS A 72 ? 0.3648 0.4243 0.3616 0.0156  -0.0015 -0.0575 68  HIS A C   
530 O O   . HIS A 72 ? 0.4094 0.4807 0.3581 0.0498  0.0002  -0.0854 68  HIS A O   
531 C CB  . HIS A 72 ? 0.2910 0.3562 0.3739 0.0039  -0.0339 -0.0085 68  HIS A CB  
532 C CG  . HIS A 72 ? 0.3749 0.3749 0.3590 0.0307  -0.0092 -0.0107 68  HIS A CG  
533 N ND1 . HIS A 72 ? 0.4256 0.4502 0.4124 0.0199  0.0130  -0.0408 68  HIS A ND1 
534 C CD2 . HIS A 72 ? 0.3921 0.4391 0.4087 0.0021  -0.0439 -0.0410 68  HIS A CD2 
535 C CE1 . HIS A 72 ? 0.4232 0.4588 0.4075 -0.0261 -0.0223 -0.0407 68  HIS A CE1 
536 N NE2 . HIS A 72 ? 0.3124 0.4451 0.3934 0.0370  -0.0407 -0.0055 68  HIS A NE2 
537 O O   . HOH B .  ? 0.4982 0.3387 0.2896 -0.0328 0.0775  -0.0282 69  HOH A O   
538 O O   . HOH B .  ? 0.3325 0.7510 0.5812 -0.1031 -0.0068 0.1167  70  HOH A O   
539 O O   . HOH B .  ? 0.3873 0.4485 0.6857 0.0135  -0.2329 0.1555  71  HOH A O   
540 O O   . HOH B .  ? 0.4290 0.4764 0.5699 0.1247  -0.2433 -0.0775 72  HOH A O   
541 O O   . HOH B .  ? 0.3507 0.3645 0.5673 -0.0028 -0.0584 0.2091  73  HOH A O   
542 O O   . HOH B .  ? 0.5848 0.5678 0.2401 -0.0449 0.0246  0.0599  74  HOH A O   
543 O O   . HOH B .  ? 0.4496 0.4171 0.4138 0.0376  -0.0094 0.0678  75  HOH A O   
544 O O   . HOH B .  ? 0.6503 0.3661 0.3615 0.0414  0.0490  0.0925  76  HOH A O   
545 O O   . HOH B .  ? 0.4378 0.3901 0.4008 -0.0595 0.0556  0.0673  77  HOH A O   
546 O O   . HOH B .  ? 0.7251 0.3393 0.5586 0.0540  -0.1239 0.0415  78  HOH A O   
547 O O   . HOH B .  ? 0.3562 0.5606 0.6060 -0.1029 0.0458  0.1814  79  HOH A O   
548 O O   . HOH B .  ? 0.5429 0.4732 0.4792 -0.0898 -0.0259 -0.1481 80  HOH A O   
549 O O   . HOH B .  ? 0.3416 0.3405 0.4340 0.0006  -0.1223 -0.0759 81  HOH A O   
550 O O   . HOH B .  ? 0.3865 0.5648 0.3618 -0.0640 -0.1011 -0.0227 82  HOH A O   
551 O O   . HOH B .  ? 0.3751 0.5731 0.5514 -0.1031 -0.0252 0.0693  83  HOH A O   
552 O O   . HOH B .  ? 0.5557 0.5041 0.5302 -0.0521 0.2293  0.1234  84  HOH A O   
553 O O   . HOH B .  ? 0.7220 0.2913 0.3273 0.0652  0.0542  0.0148  85  HOH A O   
554 O O   . HOH B .  ? 0.3085 0.5653 0.5573 -0.0757 -0.0764 0.1062  86  HOH A O   
555 O O   . HOH B .  ? 0.5523 0.3960 0.4243 -0.0181 0.1100  -0.0660 87  HOH A O   
556 O O   . HOH B .  ? 0.6743 0.4452 0.5090 -0.0984 -0.1190 0.0737  88  HOH A O   
557 O O   . HOH B .  ? 0.7036 0.7998 0.2580 0.4792  0.0950  -0.0877 89  HOH A O   
558 O O   . HOH B .  ? 0.4774 0.4566 0.5222 -0.0196 -0.2017 0.0326  90  HOH A O   
559 O O   . HOH B .  ? 0.7056 0.4711 0.3803 -0.0916 -0.1008 -0.0666 91  HOH A O   
560 O O   . HOH B .  ? 0.4996 0.5961 0.3673 0.0965  0.1125  0.1363  92  HOH A O   
561 O O   . HOH B .  ? 0.3854 0.6942 0.3657 0.1243  -0.0293 0.0864  93  HOH A O   
562 O O   . HOH B .  ? 0.4844 0.5324 0.4573 0.0200  -0.1160 0.1413  94  HOH A O   
563 O O   . HOH B .  ? 0.3430 0.3386 0.4853 -0.0382 0.0842  -0.0508 95  HOH A O   
564 O O   . HOH B .  ? 0.6474 0.4702 0.4451 0.0132  0.0375  -0.2114 96  HOH A O   
565 O O   . HOH B .  ? 0.5964 0.4951 0.5550 -0.0503 -0.0757 0.1039  97  HOH A O   
566 O O   . HOH B .  ? 0.4520 0.5771 0.4858 0.1029  -0.0273 -0.0201 98  HOH A O   
567 O O   . HOH B .  ? 0.3889 0.8557 0.6216 0.0901  -0.0560 -0.3020 99  HOH A O   
568 O O   . HOH B .  ? 0.5413 0.7791 0.3709 -0.1738 -0.1327 0.1431  100 HOH A O   
569 O O   . HOH B .  ? 0.4627 0.4634 0.2643 0.0244  0.0257  0.0988  101 HOH A O   
571 O O   . HOH B .  ? 0.1681 0.1521 0.1400 -0.0022 0.0154  -0.0011 103 HOH A O   
572 O O   . HOH B .  ? 0.1619 0.1760 0.1862 0.0125  -0.0165 -0.0058 104 HOH A O   
573 O O   . HOH B .  ? 0.1814 0.1978 0.1809 0.0009  -0.0066 -0.0021 105 HOH A O   
574 O O   . HOH B .  ? 0.1867 0.2288 0.2278 -0.0173 -0.0154 0.0306  106 HOH A O   
575 O O   . HOH B .  ? 0.2686 0.1951 0.1843 0.0100  -0.0018 -0.0018 107 HOH A O   
576 O O   . HOH B .  ? 0.3291 0.2495 0.1789 0.0049  0.0644  0.0345  108 HOH A O   
577 O O   . HOH B .  ? 0.2632 0.1938 0.2088 0.0006  0.0562  0.0013  109 HOH A O   
578 O O   . HOH B .  ? 0.2431 0.2374 0.3020 0.0094  0.0877  0.0041  110 HOH A O   
579 O O   . HOH B .  ? 0.2804 0.2224 0.1620 -0.0094 0.0127  -0.0399 111 HOH A O   
580 O O   . HOH B .  ? 0.1782 0.1989 0.2326 -0.0092 -0.0039 0.0080  112 HOH A O   
581 O O   . HOH B .  ? 0.2183 0.2151 0.2081 0.0329  0.0068  0.0245  113 HOH A O   
582 O O   . HOH B .  ? 0.2677 0.2128 0.2016 0.0368  0.0093  0.0038  114 HOH A O   
583 O O   . HOH B .  ? 0.1918 0.2001 0.2186 -0.0125 0.0453  -0.0584 115 HOH A O   
584 O O   . HOH B .  ? 0.2003 0.2545 0.3948 -0.0280 0.0592  0.0336  116 HOH A O   
585 O O   . HOH B .  ? 0.3415 0.2240 0.1599 0.0679  0.0418  -0.0019 117 HOH A O   
586 O O   . HOH B .  ? 0.2809 0.2718 0.2077 -0.0357 -0.0786 0.0150  118 HOH A O   
587 O O   . HOH B .  ? 0.2534 0.2836 0.2702 -0.0613 -0.0268 -0.0622 119 HOH A O   
588 O O   . HOH B .  ? 0.1853 0.3491 0.2419 0.0156  0.0555  0.0135  120 HOH A O   
589 O O   . HOH B .  ? 0.2352 0.2234 0.2348 -0.0103 -0.0175 -0.0469 121 HOH A O   
590 O O   . HOH B .  ? 0.2603 0.4146 0.1962 -0.0560 -0.0138 -0.0317 122 HOH A O   
591 O O   . HOH B .  ? 0.2138 0.2331 0.2126 0.0147  0.0139  0.0068  123 HOH A O   
592 O O   . HOH B .  ? 0.2752 0.2492 0.2996 -0.0198 -0.0558 -0.0159 124 HOH A O   
593 O O   . HOH B .  ? 0.2061 0.3077 0.4596 0.0162  -0.0665 -0.0424 125 HOH A O   
594 O O   . HOH B .  ? 0.2526 0.3183 0.3651 0.0700  -0.0869 0.0114  126 HOH A O   
595 O O   . HOH B .  ? 0.3583 0.2603 0.2288 0.0074  0.0411  -0.0047 127 HOH A O   
596 O O   . HOH B .  ? 0.2885 0.4042 0.2263 -0.0351 -0.0730 -0.0396 128 HOH A O   
597 O O   . HOH B .  ? 0.2521 0.3957 0.2883 0.0336  0.0072  -0.0440 129 HOH A O   
598 O O   . HOH B .  ? 0.2331 0.2713 0.3625 0.0016  0.0613  -0.0443 130 HOH A O   
599 O O   . HOH B .  ? 0.2907 0.3172 0.2680 0.0278  -0.0590 0.0147  131 HOH A O   
600 O O   . HOH B .  ? 0.1944 0.2575 0.3979 -0.0086 -0.0164 0.0080  132 HOH A O   
601 O O   . HOH B .  ? 0.4609 0.3928 0.1950 -0.1197 0.0128  0.0577  133 HOH A O   
602 O O   . HOH B .  ? 0.3498 0.2323 0.3496 0.0013  -0.1136 -0.0697 134 HOH A O   
603 O O   . HOH B .  ? 0.2597 0.3204 0.3505 0.0249  0.0582  0.0745  135 HOH A O   
604 O O   . HOH B .  ? 0.2613 0.3517 0.3899 0.0756  0.0583  0.0062  136 HOH A O   
605 O O   . HOH B .  ? 0.2114 0.2497 0.2975 0.0000  0.0181  -0.0654 137 HOH A O   
606 O O   . HOH B .  ? 0.2937 0.2829 0.3114 0.0489  -0.0084 0.0688  138 HOH A O   
607 O O   . HOH B .  ? 0.3878 0.4031 0.2255 0.0779  -0.0380 -0.0387 139 HOH A O   
608 O O   . HOH B .  ? 0.2449 0.3903 0.2306 0.0211  0.0230  0.0161  140 HOH A O   
609 O O   . HOH B .  ? 0.1621 0.6470 0.3768 -0.0824 -0.0317 0.1029  141 HOH A O   
610 O O   . HOH B .  ? 0.3028 0.2587 0.3503 0.0494  0.1161  0.0322  142 HOH A O   
611 O O   . HOH B .  ? 0.4119 0.3653 0.3308 0.0700  0.0914  0.0145  143 HOH A O   
612 O O   . HOH B .  ? 0.3504 0.5018 0.2381 0.0506  0.0595  0.0021  144 HOH A O   
613 O O   . HOH B .  ? 0.2691 0.2841 0.3748 -0.0205 0.0854  -0.0827 145 HOH A O   
614 O O   . HOH B .  ? 0.3831 0.3659 0.3237 -0.0143 0.0071  -0.0941 146 HOH A O   
615 O O   . HOH B .  ? 0.2616 0.5151 0.2757 -0.0422 0.0222  0.0549  147 HOH A O   
616 O O   . HOH B .  ? 0.3717 0.4622 0.2441 -0.1114 0.0528  -0.0877 148 HOH A O   
617 O O   . HOH B .  ? 0.5706 0.4229 0.2126 -0.1974 0.0617  -0.0236 149 HOH A O   
618 O O   . HOH B .  ? 0.2243 0.5306 0.3942 -0.0915 -0.0480 0.0806  150 HOH A O   
619 O O   . HOH B .  ? 0.4593 0.3654 0.2463 0.1096  0.0221  -0.0317 151 HOH A O   
620 O O   . HOH B .  ? 0.4165 0.3249 0.2810 -0.0208 -0.0684 -0.0472 152 HOH A O   
621 O O   . HOH B .  ? 0.3786 0.3733 0.6782 -0.0955 0.0221  -0.0005 153 HOH A O   
622 O O   . HOH B .  ? 0.4249 0.5074 0.2749 0.0629  0.0377  -0.1220 154 HOH A O   
623 O O   . HOH B .  ? 0.4058 0.3041 0.3234 0.0663  0.0233  0.0343  155 HOH A O   
624 O O   . HOH B .  ? 0.4042 0.4165 0.7100 0.0229  0.0899  0.1197  156 HOH A O   
625 O O   . HOH B .  ? 0.2198 0.4579 0.3483 0.0555  0.0082  -0.0280 157 HOH A O   
626 O O   . HOH B .  ? 0.3907 0.3980 0.2453 -0.0646 0.1015  -0.0799 158 HOH A O   
627 O O   . HOH B .  ? 0.2561 0.4252 0.3820 -0.1056 -0.0848 0.0987  159 HOH A O   
628 O O   . HOH B .  ? 0.2230 0.4969 0.5021 -0.0176 0.0251  -0.0281 160 HOH A O   
629 O O   . HOH B .  ? 0.3469 0.3370 0.5692 -0.0674 -0.0276 0.0523  161 HOH A O   
630 O O   . HOH B .  ? 0.3316 0.5593 0.4039 -0.1236 -0.0097 -0.1963 162 HOH A O   
631 O O   . HOH B .  ? 0.3258 0.7437 0.2454 0.0311  -0.0106 -0.0206 163 HOH A O   
632 O O   . HOH B .  ? 0.4519 0.3613 0.3391 0.1113  0.0842  0.0566  164 HOH A O   
633 O O   . HOH B .  ? 0.3536 0.3282 0.4893 0.0143  -0.0142 0.0095  165 HOH A O   
634 O O   . HOH B .  ? 0.3084 0.4887 0.4084 -0.0139 -0.0847 0.1904  166 HOH A O   
635 O O   . HOH B .  ? 0.3575 0.3370 0.3515 -0.0291 -0.0540 0.0213  167 HOH A O   
636 O O   . HOH B .  ? 0.3819 0.2981 0.4714 0.0191  -0.0151 0.0922  168 HOH A O   
637 O O   . HOH B .  ? 0.3748 0.4703 0.4708 0.1527  -0.0321 0.0008  169 HOH A O   
638 O O   . HOH B .  ? 0.3298 0.3406 0.5332 0.0288  -0.0764 -0.1841 170 HOH A O   
# 
